data_5ZG0
#
_entry.id   5ZG0
#
_cell.length_a   113.682
_cell.length_b   162.582
_cell.length_c   47.383
_cell.angle_alpha   90.00
_cell.angle_beta   90.00
_cell.angle_gamma   90.00
#
_symmetry.space_group_name_H-M   'P 1 21 1'
#
loop_
_entity.id
_entity.type
_entity.pdbx_description
1 polymer 'Glutamate receptor 2'
2 non-polymer 'GLUTAMIC ACID'
3 non-polymer 'ZINC ION'
4 non-polymer 9-{4-[(propan-2-yl)oxy]phenyl}-3,4-dihydro-2H-2lambda~6~-pyrido[2,1-c][1,2,4]thiadiazine-2,2-dione
5 non-polymer 'ACETATE ION'
6 water water
#
_entity_poly.entity_id   1
_entity_poly.type   'polypeptide(L)'
_entity_poly.pdbx_seq_one_letter_code
;GSNKTVVVTTILESPYVMMKKNHEMLEGNERYEGYCVDLAAEIAKHCGFKYKLTIVGDGKYGARDADTKIWNGMVGELVY
GKADIAIAPLTITLVREEVIDFSKPFMSLGISIMIKKGTPIESAEDLSKQTEIAYGTLDSGSTKEFFRRSKIAVFDKMWT
YMRSAEPSVFVRTTAEGVARVRKSKGKYAYLLESTMNEYIEQRKPCDTMKVGGNLDSKGYGIATPKGSSLRNAVNLAVLK
LNEQGLLDKLKNKWWYDKGECGS
;
_entity_poly.pdbx_strand_id   A,B,C,D,E,F
#
loop_
_chem_comp.id
_chem_comp.type
_chem_comp.name
_chem_comp.formula
9C3 non-polymer 9-{4-[(propan-2-yl)oxy]phenyl}-3,4-dihydro-2H-2lambda~6~-pyrido[2,1-c][1,2,4]thiadiazine-2,2-dione 'C16 H18 N2 O3 S'
ACT non-polymer 'ACETATE ION' 'C2 H3 O2 -1'
ZN non-polymer 'ZINC ION' 'Zn 2'
#
# COMPACT_ATOMS: atom_id res chain seq x y z
N ASN A 3 35.83 -19.79 15.65
CA ASN A 3 35.48 -20.88 14.69
C ASN A 3 36.25 -20.80 13.38
N LYS A 4 36.61 -21.97 12.86
CA LYS A 4 37.41 -22.07 11.64
C LYS A 4 36.60 -22.74 10.54
N THR A 5 36.88 -22.33 9.30
CA THR A 5 36.24 -22.94 8.13
CA THR A 5 36.26 -22.94 8.12
C THR A 5 36.76 -24.38 7.94
N VAL A 6 35.81 -25.30 7.81
CA VAL A 6 36.09 -26.75 7.69
C VAL A 6 36.50 -27.07 6.25
N VAL A 7 37.67 -27.71 6.09
CA VAL A 7 38.16 -28.06 4.77
C VAL A 7 37.61 -29.44 4.43
N VAL A 8 36.84 -29.50 3.35
CA VAL A 8 36.19 -30.73 2.92
C VAL A 8 36.96 -31.28 1.73
N THR A 9 37.42 -32.52 1.84
CA THR A 9 38.04 -33.18 0.70
C THR A 9 36.97 -34.02 0.00
N THR A 10 36.97 -33.99 -1.33
CA THR A 10 36.02 -34.72 -2.13
C THR A 10 36.65 -35.08 -3.47
N ILE A 11 35.89 -35.73 -4.35
CA ILE A 11 36.45 -36.28 -5.58
C ILE A 11 35.53 -36.01 -6.77
N LEU A 12 36.10 -35.66 -7.93
CA LEU A 12 35.30 -35.44 -9.12
C LEU A 12 34.86 -36.81 -9.65
N GLU A 13 33.67 -37.20 -9.24
CA GLU A 13 33.07 -38.48 -9.59
C GLU A 13 31.60 -38.23 -9.79
N SER A 14 31.10 -38.46 -11.01
CA SER A 14 29.67 -38.22 -11.34
C SER A 14 28.77 -39.31 -10.72
N PRO A 15 27.57 -38.97 -10.19
CA PRO A 15 27.04 -37.61 -10.07
C PRO A 15 27.25 -36.97 -8.67
N TYR A 16 28.29 -37.42 -7.95
CA TYR A 16 28.56 -36.95 -6.59
C TYR A 16 29.10 -35.52 -6.57
N VAL A 17 30.13 -35.27 -7.37
CA VAL A 17 30.71 -33.93 -7.51
C VAL A 17 31.11 -33.76 -8.96
N MET A 18 30.61 -32.68 -9.56
CA MET A 18 30.83 -32.35 -10.97
C MET A 18 31.08 -30.85 -11.10
N MET A 19 31.84 -30.47 -12.11
CA MET A 19 32.03 -29.06 -12.40
C MET A 19 30.75 -28.54 -13.05
N LYS A 20 30.22 -27.43 -12.53
CA LYS A 20 29.10 -26.73 -13.18
C LYS A 20 29.56 -26.20 -14.53
N LYS A 21 28.64 -26.15 -15.49
CA LYS A 21 28.96 -25.70 -16.85
C LYS A 21 29.56 -24.30 -16.91
N ASN A 22 29.14 -23.42 -15.99
CA ASN A 22 29.65 -22.05 -15.93
C ASN A 22 30.63 -21.79 -14.78
N HIS A 23 31.36 -22.84 -14.36
CA HIS A 23 32.20 -22.79 -13.15
C HIS A 23 33.26 -21.68 -13.12
N GLU A 24 33.85 -21.38 -14.29
CA GLU A 24 34.89 -20.34 -14.44
C GLU A 24 34.42 -18.95 -13.99
N MET A 25 33.11 -18.74 -14.06
CA MET A 25 32.47 -17.48 -13.67
C MET A 25 31.91 -17.50 -12.24
N LEU A 26 32.13 -18.60 -11.53
CA LEU A 26 31.66 -18.76 -10.15
C LEU A 26 32.83 -18.90 -9.16
N GLU A 27 32.53 -18.75 -7.87
CA GLU A 27 33.55 -18.70 -6.82
C GLU A 27 33.33 -19.81 -5.79
N GLY A 28 34.43 -20.38 -5.29
CA GLY A 28 34.41 -21.29 -4.14
C GLY A 28 33.50 -22.49 -4.32
N ASN A 29 32.65 -22.74 -3.32
CA ASN A 29 31.73 -23.88 -3.34
C ASN A 29 30.73 -23.87 -4.49
N GLU A 30 30.48 -22.68 -5.04
CA GLU A 30 29.50 -22.53 -6.10
C GLU A 30 29.93 -23.12 -7.44
N ARG A 31 31.23 -23.43 -7.56
CA ARG A 31 31.78 -24.05 -8.77
C ARG A 31 31.27 -25.47 -9.04
N TYR A 32 30.76 -26.12 -8.00
CA TYR A 32 30.49 -27.56 -8.01
C TYR A 32 29.01 -27.86 -7.84
N GLU A 33 28.59 -29.01 -8.38
CA GLU A 33 27.23 -29.53 -8.18
C GLU A 33 27.25 -31.05 -8.07
N GLY A 34 26.17 -31.60 -7.50
CA GLY A 34 26.04 -33.04 -7.39
C GLY A 34 25.50 -33.48 -6.05
N TYR A 35 25.30 -34.79 -5.93
CA TYR A 35 24.78 -35.38 -4.70
C TYR A 35 25.61 -34.99 -3.47
N CYS A 36 26.93 -35.10 -3.56
CA CYS A 36 27.78 -34.80 -2.40
C CYS A 36 27.93 -33.31 -2.10
N VAL A 37 27.71 -32.47 -3.11
CA VAL A 37 27.69 -31.02 -2.94
C VAL A 37 26.44 -30.65 -2.14
N ASP A 38 25.31 -31.24 -2.52
CA ASP A 38 24.07 -31.05 -1.75
C ASP A 38 24.18 -31.60 -0.35
N LEU A 39 24.79 -32.78 -0.21
CA LEU A 39 24.93 -33.40 1.11
C LEU A 39 25.84 -32.58 2.01
N ALA A 40 26.95 -32.08 1.47
CA ALA A 40 27.88 -31.25 2.24
C ALA A 40 27.19 -30.02 2.82
N ALA A 41 26.37 -29.36 2.00
CA ALA A 41 25.68 -28.17 2.43
C ALA A 41 24.75 -28.48 3.62
N GLU A 42 24.08 -29.63 3.55
CA GLU A 42 23.18 -30.05 4.62
C GLU A 42 23.92 -30.47 5.87
N ILE A 43 24.98 -31.26 5.71
CA ILE A 43 25.79 -31.64 6.88
C ILE A 43 26.30 -30.39 7.61
N ALA A 44 26.82 -29.44 6.84
CA ALA A 44 27.35 -28.21 7.40
C ALA A 44 26.28 -27.40 8.16
N LYS A 45 25.08 -27.31 7.58
CA LYS A 45 23.93 -26.58 8.14
C LYS A 45 23.52 -27.17 9.48
N HIS A 46 23.39 -28.50 9.53
CA HIS A 46 22.91 -29.21 10.73
C HIS A 46 23.93 -29.28 11.85
N CYS A 47 25.21 -29.26 11.48
CA CYS A 47 26.33 -29.26 12.44
C CYS A 47 26.81 -27.86 12.80
N GLY A 48 26.34 -26.85 12.06
CA GLY A 48 26.67 -25.45 12.33
C GLY A 48 28.09 -25.03 12.04
N PHE A 49 28.62 -25.45 10.88
CA PHE A 49 29.94 -24.99 10.43
C PHE A 49 29.97 -24.42 9.01
N LYS A 50 30.91 -23.48 8.79
CA LYS A 50 31.27 -22.98 7.47
C LYS A 50 32.29 -23.96 6.89
N TYR A 51 32.32 -24.09 5.56
CA TYR A 51 33.17 -25.09 4.92
C TYR A 51 33.65 -24.65 3.56
N LYS A 52 34.73 -25.30 3.10
CA LYS A 52 35.32 -25.09 1.79
C LYS A 52 35.52 -26.44 1.12
N LEU A 53 34.83 -26.67 -0.01
CA LEU A 53 35.04 -27.86 -0.82
C LEU A 53 36.39 -27.81 -1.53
N THR A 54 37.14 -28.91 -1.44
CA THR A 54 38.42 -29.03 -2.15
C THR A 54 38.45 -30.36 -2.87
N ILE A 55 38.99 -30.39 -4.09
CA ILE A 55 39.09 -31.67 -4.81
C ILE A 55 40.43 -32.30 -4.51
N VAL A 56 40.40 -33.57 -4.08
CA VAL A 56 41.59 -34.32 -3.69
C VAL A 56 42.68 -34.22 -4.77
N GLY A 57 43.85 -33.76 -4.35
CA GLY A 57 44.97 -33.48 -5.27
C GLY A 57 45.36 -34.62 -6.21
N ASP A 58 45.39 -35.85 -5.70
CA ASP A 58 45.85 -36.97 -6.53
C ASP A 58 44.72 -37.72 -7.26
N GLY A 59 43.48 -37.27 -7.04
CA GLY A 59 42.29 -37.84 -7.68
C GLY A 59 41.94 -39.25 -7.24
N LYS A 60 42.46 -39.66 -6.09
CA LYS A 60 42.26 -41.02 -5.59
C LYS A 60 41.39 -41.10 -4.35
N TYR A 61 40.83 -42.30 -4.13
CA TYR A 61 39.98 -42.55 -2.96
C TYR A 61 40.79 -42.77 -1.68
N GLY A 62 41.71 -43.74 -1.71
CA GLY A 62 42.60 -43.92 -0.59
C GLY A 62 43.06 -45.35 -0.41
N ALA A 63 44.37 -45.52 -0.50
CA ALA A 63 45.05 -46.79 -0.29
C ALA A 63 46.38 -46.53 0.40
N ARG A 64 46.84 -47.50 1.18
CA ARG A 64 48.14 -47.43 1.83
C ARG A 64 49.16 -48.18 0.96
N ASP A 65 50.19 -47.45 0.51
CA ASP A 65 51.29 -48.05 -0.26
C ASP A 65 51.96 -49.16 0.55
N ALA A 66 52.14 -50.32 -0.08
CA ALA A 66 52.73 -51.51 0.55
C ALA A 66 54.09 -51.26 1.20
N ASP A 67 54.94 -50.53 0.48
CA ASP A 67 56.34 -50.28 0.87
C ASP A 67 56.53 -49.04 1.77
N THR A 68 56.02 -47.89 1.32
CA THR A 68 56.21 -46.60 2.02
C THR A 68 55.27 -46.43 3.23
N LYS A 69 54.22 -47.25 3.29
CA LYS A 69 53.15 -47.15 4.29
C LYS A 69 52.35 -45.82 4.23
N ILE A 70 52.59 -45.04 3.17
CA ILE A 70 51.91 -43.75 3.01
C ILE A 70 50.50 -43.94 2.42
N TRP A 71 49.52 -43.32 3.08
CA TRP A 71 48.16 -43.26 2.56
C TRP A 71 48.04 -42.18 1.48
N ASN A 72 47.42 -42.53 0.35
CA ASN A 72 47.11 -41.55 -0.67
C ASN A 72 45.62 -41.17 -0.65
N GLY A 73 45.21 -40.35 -1.62
CA GLY A 73 43.78 -40.06 -1.83
C GLY A 73 43.15 -39.25 -0.72
N MET A 74 41.83 -39.34 -0.63
CA MET A 74 41.08 -38.60 0.39
C MET A 74 41.43 -39.07 1.80
N VAL A 75 41.65 -40.38 1.97
CA VAL A 75 42.05 -40.94 3.26
C VAL A 75 43.36 -40.29 3.71
N GLY A 76 44.34 -40.23 2.80
CA GLY A 76 45.59 -39.53 3.06
C GLY A 76 45.40 -38.09 3.51
N GLU A 77 44.56 -37.33 2.80
CA GLU A 77 44.28 -35.94 3.18
C GLU A 77 43.79 -35.81 4.63
N LEU A 78 42.94 -36.75 5.06
CA LEU A 78 42.52 -36.80 6.46
C LEU A 78 43.63 -37.24 7.42
N VAL A 79 44.32 -38.34 7.08
CA VAL A 79 45.36 -38.91 7.95
C VAL A 79 46.46 -37.87 8.21
N TYR A 80 46.86 -37.15 7.15
CA TYR A 80 47.99 -36.22 7.25
C TYR A 80 47.61 -34.78 7.64
N GLY A 81 46.32 -34.55 7.87
CA GLY A 81 45.87 -33.23 8.37
C GLY A 81 45.62 -32.16 7.32
N LYS A 82 45.56 -32.57 6.06
CA LYS A 82 45.34 -31.65 4.95
C LYS A 82 43.87 -31.23 4.81
N ALA A 83 42.97 -32.10 5.26
CA ALA A 83 41.52 -31.84 5.26
C ALA A 83 40.88 -32.22 6.59
N ASP A 84 39.76 -31.60 6.92
CA ASP A 84 39.06 -31.85 8.18
C ASP A 84 37.97 -32.91 8.09
N ILE A 85 37.47 -33.14 6.88
CA ILE A 85 36.34 -34.05 6.65
C ILE A 85 36.33 -34.47 5.17
N ALA A 86 35.92 -35.71 4.91
CA ALA A 86 35.71 -36.18 3.53
C ALA A 86 34.23 -36.45 3.33
N ILE A 87 33.66 -35.80 2.33
CA ILE A 87 32.25 -35.98 1.96
C ILE A 87 32.22 -36.39 0.49
N ALA A 88 32.12 -37.70 0.28
CA ALA A 88 32.41 -38.32 -1.02
C ALA A 88 31.87 -39.74 -1.03
N PRO A 89 31.83 -40.39 -2.21
CA PRO A 89 31.45 -41.79 -2.25
C PRO A 89 32.61 -42.68 -1.77
N LEU A 90 32.95 -42.52 -0.49
CA LEU A 90 34.10 -43.18 0.13
C LEU A 90 33.62 -44.40 0.93
N THR A 91 34.07 -45.57 0.53
CA THR A 91 33.57 -46.82 1.08
C THR A 91 34.14 -47.07 2.48
N ILE A 92 33.24 -47.43 3.40
CA ILE A 92 33.63 -47.86 4.74
C ILE A 92 34.31 -49.24 4.64
N THR A 93 35.57 -49.30 5.07
CA THR A 93 36.32 -50.57 5.10
C THR A 93 37.08 -50.67 6.42
N LEU A 94 37.42 -51.90 6.81
CA LEU A 94 38.14 -52.13 8.05
C LEU A 94 39.49 -51.40 8.08
N VAL A 95 40.29 -51.54 7.00
CA VAL A 95 41.61 -50.91 6.99
CA VAL A 95 41.62 -50.92 6.94
C VAL A 95 41.52 -49.40 7.11
N ARG A 96 40.47 -48.80 6.54
CA ARG A 96 40.26 -47.35 6.68
C ARG A 96 39.75 -46.97 8.07
N GLU A 97 38.80 -47.74 8.60
CA GLU A 97 38.24 -47.48 9.93
C GLU A 97 39.29 -47.56 11.05
N GLU A 98 40.39 -48.27 10.79
CA GLU A 98 41.51 -48.33 11.69
C GLU A 98 42.29 -47.02 11.81
N VAL A 99 42.24 -46.18 10.77
CA VAL A 99 43.02 -44.93 10.74
C VAL A 99 42.20 -43.64 10.73
N ILE A 100 40.94 -43.72 10.32
CA ILE A 100 40.01 -42.58 10.32
CA ILE A 100 40.04 -42.57 10.37
C ILE A 100 38.68 -43.03 10.91
N ASP A 101 37.79 -42.08 11.22
CA ASP A 101 36.43 -42.42 11.65
C ASP A 101 35.45 -42.21 10.51
N PHE A 102 34.46 -43.10 10.43
CA PHE A 102 33.36 -42.95 9.51
C PHE A 102 32.06 -42.74 10.27
N SER A 103 31.21 -41.89 9.74
CA SER A 103 29.82 -41.83 10.16
C SER A 103 29.10 -43.13 9.80
N LYS A 104 27.91 -43.32 10.36
CA LYS A 104 27.01 -44.31 9.83
C LYS A 104 26.81 -44.09 8.33
N PRO A 105 26.55 -45.16 7.57
CA PRO A 105 26.52 -44.94 6.12
C PRO A 105 25.38 -44.05 5.63
N PHE A 106 25.65 -43.27 4.59
CA PHE A 106 24.62 -42.43 3.99
C PHE A 106 24.06 -43.04 2.70
N MET A 107 24.70 -44.10 2.20
CA MET A 107 24.23 -44.75 0.98
C MET A 107 24.69 -46.20 1.01
N SER A 108 23.87 -47.10 0.49
CA SER A 108 24.24 -48.52 0.39
C SER A 108 24.76 -48.81 -1.02
N LEU A 109 25.63 -49.81 -1.11
CA LEU A 109 26.16 -50.25 -2.41
C LEU A 109 26.77 -51.62 -2.28
N GLY A 110 27.05 -52.21 -3.43
CA GLY A 110 27.83 -53.44 -3.52
C GLY A 110 28.55 -53.43 -4.84
N ILE A 111 29.63 -54.22 -4.93
CA ILE A 111 30.37 -54.40 -6.18
C ILE A 111 29.45 -55.08 -7.19
N SER A 112 29.52 -54.64 -8.44
CA SER A 112 28.59 -55.08 -9.48
C SER A 112 29.31 -55.15 -10.82
N ILE A 113 28.63 -55.71 -11.82
CA ILE A 113 29.19 -55.87 -13.15
C ILE A 113 28.51 -54.95 -14.15
N MET A 114 29.32 -54.13 -14.82
CA MET A 114 28.86 -53.32 -15.94
C MET A 114 29.27 -54.00 -17.24
N ILE A 115 28.28 -54.24 -18.10
CA ILE A 115 28.54 -54.73 -19.45
C ILE A 115 28.05 -53.75 -20.52
N LYS A 116 28.67 -53.82 -21.69
CA LYS A 116 28.09 -53.27 -22.89
C LYS A 116 26.87 -54.15 -23.21
N LYS A 117 25.75 -53.51 -23.54
CA LYS A 117 24.51 -54.23 -23.83
C LYS A 117 24.73 -55.34 -24.88
N GLY A 118 24.25 -56.53 -24.53
CA GLY A 118 24.37 -57.72 -25.39
C GLY A 118 25.55 -58.62 -25.09
N THR A 119 26.37 -58.24 -24.11
CA THR A 119 27.51 -59.07 -23.67
C THR A 119 26.96 -60.34 -22.99
N PRO A 120 27.38 -61.52 -23.45
CA PRO A 120 26.85 -62.77 -22.89
C PRO A 120 27.44 -63.12 -21.51
N ILE A 121 27.17 -62.25 -20.53
CA ILE A 121 27.63 -62.37 -19.14
C ILE A 121 26.47 -62.01 -18.22
N GLU A 122 26.16 -62.92 -17.29
CA GLU A 122 25.08 -62.71 -16.30
C GLU A 122 25.58 -62.55 -14.86
N SER A 123 26.80 -63.00 -14.58
CA SER A 123 27.30 -63.17 -13.20
C SER A 123 28.81 -63.09 -13.11
N ALA A 124 29.32 -62.99 -11.87
CA ALA A 124 30.76 -63.09 -11.59
C ALA A 124 31.28 -64.49 -11.91
N GLU A 125 30.45 -65.51 -11.68
CA GLU A 125 30.77 -66.90 -12.05
C GLU A 125 31.04 -67.01 -13.55
N ASP A 126 30.15 -66.42 -14.36
CA ASP A 126 30.29 -66.37 -15.82
C ASP A 126 31.64 -65.76 -16.25
N LEU A 127 31.98 -64.62 -15.66
CA LEU A 127 33.26 -63.94 -15.95
C LEU A 127 34.47 -64.81 -15.61
N SER A 128 34.43 -65.48 -14.46
CA SER A 128 35.51 -66.36 -13.99
C SER A 128 35.67 -67.64 -14.83
N LYS A 129 34.59 -68.07 -15.49
CA LYS A 129 34.54 -69.31 -16.27
C LYS A 129 35.07 -69.19 -17.72
N GLN A 130 35.17 -67.96 -18.21
CA GLN A 130 35.54 -67.69 -19.61
C GLN A 130 36.78 -66.79 -19.73
N THR A 131 37.21 -66.56 -20.97
CA THR A 131 38.44 -65.79 -21.24
C THR A 131 38.37 -64.72 -22.35
N GLU A 132 37.40 -64.85 -23.27
CA GLU A 132 37.24 -63.89 -24.38
C GLU A 132 36.93 -62.45 -23.93
N ILE A 133 36.17 -62.32 -22.84
CA ILE A 133 35.79 -61.02 -22.30
C ILE A 133 36.71 -60.68 -21.12
N ALA A 134 37.51 -59.64 -21.29
CA ALA A 134 38.38 -59.14 -20.24
C ALA A 134 37.55 -58.40 -19.20
N TYR A 135 38.11 -58.24 -18.00
CA TYR A 135 37.42 -57.49 -16.93
C TYR A 135 38.40 -56.97 -15.88
N GLY A 136 38.06 -55.84 -15.26
CA GLY A 136 38.94 -55.19 -14.31
C GLY A 136 38.22 -54.26 -13.37
N THR A 137 39.00 -53.49 -12.60
CA THR A 137 38.45 -52.59 -11.56
C THR A 137 39.17 -51.22 -11.62
N LEU A 138 38.68 -50.27 -10.83
CA LEU A 138 39.43 -49.05 -10.52
C LEU A 138 40.77 -49.41 -9.87
N ASP A 139 41.86 -48.82 -10.36
CA ASP A 139 43.27 -49.24 -10.05
C ASP A 139 43.71 -48.97 -8.62
N SER A 140 42.91 -48.19 -7.91
CA SER A 140 43.13 -47.89 -6.52
C SER A 140 41.73 -47.70 -5.98
N GLY A 141 41.40 -48.43 -4.92
CA GLY A 141 40.09 -48.29 -4.28
C GLY A 141 39.65 -49.57 -3.62
N SER A 142 38.44 -49.51 -3.07
CA SER A 142 37.93 -50.60 -2.26
C SER A 142 37.56 -51.83 -3.10
N THR A 143 37.15 -51.62 -4.35
CA THR A 143 36.81 -52.76 -5.23
C THR A 143 38.05 -53.61 -5.52
N LYS A 144 39.16 -52.97 -5.89
CA LYS A 144 40.42 -53.70 -6.12
C LYS A 144 40.82 -54.48 -4.88
N GLU A 145 40.76 -53.81 -3.72
CA GLU A 145 41.12 -54.46 -2.44
C GLU A 145 40.23 -55.64 -2.05
N PHE A 146 38.94 -55.56 -2.41
CA PHE A 146 38.00 -56.66 -2.22
C PHE A 146 38.52 -57.92 -2.90
N PHE A 147 38.94 -57.78 -4.15
CA PHE A 147 39.44 -58.92 -4.92
C PHE A 147 40.79 -59.41 -4.43
N ARG A 148 41.70 -58.47 -4.15
CA ARG A 148 43.05 -58.80 -3.64
C ARG A 148 43.03 -59.58 -2.32
N ARG A 149 42.06 -59.26 -1.46
CA ARG A 149 41.98 -59.84 -0.12
C ARG A 149 40.99 -61.01 0.00
N SER A 150 40.24 -61.29 -1.07
CA SER A 150 39.15 -62.28 -1.04
C SER A 150 39.58 -63.74 -0.94
N LYS A 151 38.71 -64.54 -0.31
CA LYS A 151 38.94 -65.97 -0.07
C LYS A 151 37.89 -66.87 -0.75
N ILE A 152 36.79 -66.25 -1.18
CA ILE A 152 35.75 -66.91 -1.99
C ILE A 152 36.36 -67.28 -3.36
N ALA A 153 36.09 -68.52 -3.80
CA ALA A 153 36.76 -69.14 -4.95
C ALA A 153 36.61 -68.39 -6.29
N VAL A 154 35.38 -67.94 -6.58
CA VAL A 154 35.08 -67.20 -7.81
C VAL A 154 35.91 -65.90 -7.84
N PHE A 155 35.94 -65.18 -6.71
CA PHE A 155 36.66 -63.89 -6.63
C PHE A 155 38.18 -64.03 -6.56
N ASP A 156 38.64 -65.11 -5.92
CA ASP A 156 40.05 -65.48 -5.86
C ASP A 156 40.56 -65.75 -7.27
N LYS A 157 39.79 -66.55 -8.03
CA LYS A 157 40.07 -66.89 -9.44
C LYS A 157 40.04 -65.64 -10.33
N MET A 158 39.12 -64.73 -10.02
CA MET A 158 39.03 -63.45 -10.71
C MET A 158 40.24 -62.56 -10.44
N TRP A 159 40.70 -62.50 -9.19
CA TRP A 159 41.88 -61.72 -8.83
C TRP A 159 43.14 -62.28 -9.47
N THR A 160 43.26 -63.60 -9.44
CA THR A 160 44.39 -64.29 -10.06
C THR A 160 44.48 -63.95 -11.55
N TYR A 161 43.32 -63.87 -12.23
CA TYR A 161 43.30 -63.42 -13.62
C TYR A 161 43.69 -61.94 -13.73
N MET A 162 43.03 -61.08 -12.94
CA MET A 162 43.16 -59.62 -13.08
C MET A 162 44.56 -59.09 -12.81
N ARG A 163 45.20 -59.60 -11.75
CA ARG A 163 46.53 -59.13 -11.37
C ARG A 163 47.60 -59.40 -12.42
N SER A 164 47.37 -60.42 -13.25
CA SER A 164 48.35 -60.86 -14.25
C SER A 164 47.93 -60.56 -15.70
N ALA A 165 46.75 -59.96 -15.88
CA ALA A 165 46.22 -59.68 -17.21
C ALA A 165 47.05 -58.62 -17.95
N GLU A 166 47.30 -58.89 -19.23
CA GLU A 166 48.06 -57.97 -20.09
C GLU A 166 47.33 -57.73 -21.43
N PRO A 167 47.14 -56.48 -21.85
CA PRO A 167 47.52 -55.28 -21.07
C PRO A 167 46.66 -55.10 -19.82
N SER A 168 47.05 -54.18 -18.94
CA SER A 168 46.38 -53.99 -17.64
C SER A 168 44.88 -53.82 -17.76
N VAL A 169 44.16 -54.52 -16.89
CA VAL A 169 42.69 -54.41 -16.88
C VAL A 169 42.22 -53.36 -15.88
N PHE A 170 43.18 -52.73 -15.18
CA PHE A 170 42.85 -51.70 -14.19
C PHE A 170 42.83 -50.32 -14.81
N VAL A 171 41.96 -49.46 -14.27
CA VAL A 171 41.76 -48.08 -14.78
C VAL A 171 41.98 -47.00 -13.72
N ARG A 172 42.32 -45.80 -14.19
CA ARG A 172 42.66 -44.68 -13.30
C ARG A 172 41.43 -44.02 -12.68
N THR A 173 40.34 -43.98 -13.46
CA THR A 173 39.10 -43.33 -13.05
C THR A 173 37.90 -44.16 -13.52
N THR A 174 36.76 -43.98 -12.86
CA THR A 174 35.50 -44.59 -13.29
C THR A 174 35.18 -44.28 -14.76
N ALA A 175 35.29 -43.01 -15.15
CA ALA A 175 35.11 -42.60 -16.55
C ALA A 175 35.93 -43.42 -17.55
N GLU A 176 37.19 -43.72 -17.20
CA GLU A 176 38.04 -44.55 -18.04
C GLU A 176 37.51 -45.99 -18.17
N GLY A 177 37.01 -46.54 -17.07
CA GLY A 177 36.40 -47.87 -17.06
C GLY A 177 35.16 -47.91 -17.96
N VAL A 178 34.33 -46.88 -17.82
CA VAL A 178 33.10 -46.77 -18.61
C VAL A 178 33.40 -46.66 -20.09
N ALA A 179 34.34 -45.76 -20.44
CA ALA A 179 34.77 -45.61 -21.83
C ALA A 179 35.32 -46.92 -22.42
N ARG A 180 36.10 -47.65 -21.62
CA ARG A 180 36.65 -48.94 -22.05
C ARG A 180 35.54 -49.94 -22.36
N VAL A 181 34.55 -50.05 -21.49
CA VAL A 181 33.37 -50.88 -21.78
C VAL A 181 32.72 -50.45 -23.11
N ARG A 182 32.47 -49.14 -23.25
CA ARG A 182 31.73 -48.63 -24.41
C ARG A 182 32.45 -48.83 -25.74
N LYS A 183 33.79 -48.78 -25.73
CA LYS A 183 34.57 -48.93 -26.95
C LYS A 183 35.09 -50.35 -27.26
N SER A 184 34.80 -51.32 -26.39
CA SER A 184 35.40 -52.65 -26.55
CA SER A 184 35.34 -52.69 -26.42
C SER A 184 34.53 -53.71 -27.22
N LYS A 185 33.36 -53.31 -27.71
CA LYS A 185 32.47 -54.17 -28.53
C LYS A 185 32.06 -55.45 -27.78
N GLY A 186 31.90 -55.33 -26.46
CA GLY A 186 31.51 -56.44 -25.60
C GLY A 186 32.65 -57.25 -25.03
N LYS A 187 33.89 -56.85 -25.33
CA LYS A 187 35.09 -57.62 -24.91
C LYS A 187 35.76 -57.16 -23.60
N TYR A 188 35.16 -56.16 -22.95
CA TYR A 188 35.58 -55.72 -21.62
C TYR A 188 34.35 -55.47 -20.78
N ALA A 189 34.36 -56.03 -19.58
CA ALA A 189 33.35 -55.74 -18.54
C ALA A 189 34.05 -55.08 -17.37
N TYR A 190 33.34 -54.19 -16.69
CA TYR A 190 33.92 -53.40 -15.61
C TYR A 190 33.27 -53.72 -14.25
N LEU A 191 34.09 -53.96 -13.24
CA LEU A 191 33.65 -54.20 -11.88
C LEU A 191 33.69 -52.90 -11.10
N LEU A 192 32.52 -52.45 -10.67
CA LEU A 192 32.39 -51.16 -10.00
C LEU A 192 31.19 -51.18 -9.09
N GLU A 193 31.10 -50.16 -8.25
CA GLU A 193 30.05 -50.09 -7.23
C GLU A 193 28.71 -49.87 -7.92
N SER A 194 27.69 -50.54 -7.39
CA SER A 194 26.35 -50.53 -7.96
C SER A 194 25.77 -49.14 -8.16
N THR A 195 26.09 -48.24 -7.25
CA THR A 195 25.70 -46.82 -7.30
C THR A 195 26.18 -46.15 -8.58
N MET A 196 27.45 -46.32 -8.91
CA MET A 196 27.99 -45.73 -10.12
CA MET A 196 28.03 -45.76 -10.13
C MET A 196 27.46 -46.45 -11.35
N ASN A 197 27.32 -47.78 -11.25
CA ASN A 197 26.82 -48.62 -12.34
C ASN A 197 25.39 -48.15 -12.72
N GLU A 198 24.55 -48.01 -11.70
CA GLU A 198 23.14 -47.56 -11.84
C GLU A 198 23.02 -46.17 -12.44
N TYR A 199 23.95 -45.29 -12.08
CA TYR A 199 23.96 -43.93 -12.61
C TYR A 199 24.26 -43.94 -14.12
N ILE A 200 25.33 -44.66 -14.50
CA ILE A 200 25.79 -44.72 -15.90
C ILE A 200 24.74 -45.37 -16.81
N GLU A 201 24.03 -46.36 -16.25
CA GLU A 201 22.94 -47.06 -16.94
C GLU A 201 21.84 -46.08 -17.40
N GLN A 202 21.71 -44.96 -16.67
CA GLN A 202 20.71 -43.93 -16.99
C GLN A 202 21.29 -42.76 -17.78
N ARG A 203 22.49 -42.94 -18.32
CA ARG A 203 23.14 -41.89 -19.11
C ARG A 203 23.29 -42.27 -20.59
N LYS A 204 23.06 -41.29 -21.47
CA LYS A 204 23.36 -41.42 -22.90
C LYS A 204 24.84 -41.83 -23.05
N PRO A 205 25.16 -42.72 -24.00
CA PRO A 205 24.24 -43.22 -25.04
C PRO A 205 23.44 -44.48 -24.70
N CYS A 206 23.21 -44.73 -23.41
CA CYS A 206 22.32 -45.81 -22.94
C CYS A 206 22.74 -47.18 -23.47
N ASP A 207 24.06 -47.40 -23.54
CA ASP A 207 24.65 -48.59 -24.15
C ASP A 207 25.25 -49.59 -23.14
N THR A 208 25.15 -49.27 -21.85
CA THR A 208 25.61 -50.13 -20.76
C THR A 208 24.47 -50.60 -19.85
N MET A 209 24.73 -51.67 -19.10
CA MET A 209 23.84 -52.07 -18.02
C MET A 209 24.51 -52.87 -16.92
N LYS A 210 23.89 -52.79 -15.74
CA LYS A 210 24.22 -53.64 -14.60
C LYS A 210 23.61 -55.03 -14.82
N VAL A 211 24.45 -56.06 -14.67
CA VAL A 211 23.99 -57.46 -14.72
C VAL A 211 24.35 -58.24 -13.47
N GLY A 212 23.42 -59.09 -13.04
CA GLY A 212 23.62 -59.97 -11.89
C GLY A 212 23.43 -59.29 -10.56
N GLY A 213 23.68 -60.06 -9.49
CA GLY A 213 23.56 -59.57 -8.12
C GLY A 213 24.81 -58.84 -7.70
N ASN A 214 24.71 -58.04 -6.63
CA ASN A 214 25.91 -57.42 -6.06
C ASN A 214 26.77 -58.48 -5.36
N LEU A 215 28.08 -58.26 -5.40
CA LEU A 215 29.04 -59.22 -4.87
C LEU A 215 29.22 -59.12 -3.36
N ASP A 216 28.87 -57.96 -2.80
CA ASP A 216 28.97 -57.69 -1.36
C ASP A 216 27.96 -56.60 -1.02
N SER A 217 27.92 -56.21 0.25
CA SER A 217 26.99 -55.22 0.77
C SER A 217 27.72 -54.32 1.75
N LYS A 218 27.78 -53.03 1.43
CA LYS A 218 28.48 -52.09 2.31
C LYS A 218 27.91 -50.69 2.14
N GLY A 219 28.64 -49.70 2.63
CA GLY A 219 28.14 -48.32 2.63
C GLY A 219 29.22 -47.30 2.36
N TYR A 220 28.79 -46.11 1.94
CA TYR A 220 29.65 -44.92 1.98
C TYR A 220 29.41 -44.21 3.30
N GLY A 221 30.48 -43.69 3.89
CA GLY A 221 30.36 -42.90 5.11
C GLY A 221 31.12 -41.59 4.98
N ILE A 222 30.75 -40.62 5.82
CA ILE A 222 31.45 -39.34 5.90
C ILE A 222 32.61 -39.57 6.85
N ALA A 223 33.82 -39.22 6.42
CA ALA A 223 34.99 -39.56 7.19
C ALA A 223 35.65 -38.35 7.84
N THR A 224 36.12 -38.56 9.07
CA THR A 224 36.85 -37.52 9.82
C THR A 224 38.14 -38.12 10.36
N PRO A 225 39.19 -37.30 10.55
CA PRO A 225 40.38 -37.84 11.22
C PRO A 225 40.08 -38.20 12.67
N LYS A 226 40.78 -39.18 13.23
CA LYS A 226 40.64 -39.52 14.65
C LYS A 226 40.83 -38.29 15.54
N GLY A 227 39.98 -38.20 16.55
CA GLY A 227 40.00 -37.09 17.52
C GLY A 227 39.31 -35.82 17.05
N SER A 228 38.70 -35.86 15.86
CA SER A 228 37.93 -34.71 15.35
C SER A 228 36.77 -34.34 16.29
N SER A 229 36.62 -33.04 16.55
CA SER A 229 35.47 -32.53 17.32
C SER A 229 34.14 -32.65 16.56
N LEU A 230 34.22 -32.92 15.25
CA LEU A 230 33.03 -33.04 14.36
C LEU A 230 32.36 -34.42 14.36
N ARG A 231 33.06 -35.43 14.85
CA ARG A 231 32.63 -36.83 14.71
C ARG A 231 31.17 -37.10 15.12
N ASN A 232 30.82 -36.79 16.37
CA ASN A 232 29.46 -37.06 16.90
C ASN A 232 28.38 -36.33 16.09
N ALA A 233 28.57 -35.03 15.87
CA ALA A 233 27.56 -34.19 15.21
C ALA A 233 27.32 -34.66 13.78
N VAL A 234 28.39 -35.01 13.09
CA VAL A 234 28.31 -35.48 11.70
C VAL A 234 27.55 -36.81 11.64
N ASN A 235 27.84 -37.72 12.57
CA ASN A 235 27.16 -39.01 12.63
C ASN A 235 25.66 -38.84 12.86
N LEU A 236 25.31 -38.00 13.83
CA LEU A 236 23.90 -37.72 14.12
C LEU A 236 23.20 -37.01 12.96
N ALA A 237 23.90 -36.11 12.29
CA ALA A 237 23.34 -35.47 11.10
C ALA A 237 22.99 -36.44 9.98
N VAL A 238 23.86 -37.42 9.71
CA VAL A 238 23.57 -38.42 8.68
C VAL A 238 22.28 -39.18 9.05
N LEU A 239 22.15 -39.55 10.32
CA LEU A 239 20.97 -40.30 10.79
C LEU A 239 19.70 -39.47 10.63
N LYS A 240 19.79 -38.21 11.02
CA LYS A 240 18.66 -37.27 10.89
C LYS A 240 18.25 -37.10 9.44
N LEU A 241 19.23 -36.88 8.56
CA LEU A 241 18.93 -36.70 7.15
C LEU A 241 18.37 -37.94 6.49
N ASN A 242 18.81 -39.14 6.94
CA ASN A 242 18.22 -40.36 6.41
C ASN A 242 16.76 -40.50 6.86
N GLU A 243 16.55 -40.24 8.14
CA GLU A 243 15.22 -40.42 8.75
C GLU A 243 14.17 -39.47 8.21
N GLN A 244 14.60 -38.28 7.81
CA GLN A 244 13.72 -37.24 7.28
C GLN A 244 13.49 -37.36 5.76
N GLY A 245 14.10 -38.38 5.15
CA GLY A 245 13.88 -38.67 3.74
C GLY A 245 14.79 -37.95 2.75
N LEU A 246 15.68 -37.08 3.25
CA LEU A 246 16.61 -36.31 2.37
C LEU A 246 17.53 -37.16 1.50
N LEU A 247 18.14 -38.19 2.10
CA LEU A 247 19.08 -39.01 1.36
C LEU A 247 18.42 -39.71 0.15
N ASP A 248 17.19 -40.21 0.33
CA ASP A 248 16.46 -40.86 -0.76
C ASP A 248 16.07 -39.86 -1.85
N LYS A 249 15.67 -38.67 -1.41
CA LYS A 249 15.39 -37.54 -2.29
C LYS A 249 16.60 -37.16 -3.15
N LEU A 250 17.78 -37.08 -2.52
CA LEU A 250 19.00 -36.72 -3.25
C LEU A 250 19.41 -37.80 -4.22
N LYS A 251 19.22 -39.06 -3.85
CA LYS A 251 19.53 -40.13 -4.81
C LYS A 251 18.62 -40.03 -6.03
N ASN A 252 17.32 -39.80 -5.79
CA ASN A 252 16.38 -39.67 -6.90
C ASN A 252 16.71 -38.51 -7.82
N LYS A 253 17.04 -37.37 -7.20
CA LYS A 253 17.42 -36.14 -7.92
C LYS A 253 18.56 -36.36 -8.91
N TRP A 254 19.61 -37.05 -8.45
CA TRP A 254 20.86 -37.14 -9.20
C TRP A 254 21.00 -38.39 -10.07
N TRP A 255 20.20 -39.41 -9.79
CA TRP A 255 20.22 -40.67 -10.56
C TRP A 255 19.11 -40.75 -11.58
N TYR A 256 17.88 -40.48 -11.13
CA TYR A 256 16.69 -40.91 -11.86
C TYR A 256 15.84 -39.76 -12.40
N ASP A 257 15.64 -38.73 -11.58
CA ASP A 257 14.79 -37.58 -11.97
C ASP A 257 15.18 -36.98 -13.33
N LYS A 258 16.49 -36.79 -13.54
CA LYS A 258 17.03 -36.34 -14.83
C LYS A 258 17.87 -37.44 -15.52
N GLY A 259 17.43 -38.70 -15.37
CA GLY A 259 17.95 -39.81 -16.16
C GLY A 259 17.65 -39.59 -17.64
N GLU A 260 18.56 -40.02 -18.51
CA GLU A 260 18.51 -39.73 -19.94
C GLU A 260 18.08 -40.91 -20.82
N CYS A 261 17.71 -42.03 -20.17
CA CYS A 261 17.40 -43.27 -20.88
C CYS A 261 15.94 -43.69 -20.69
N GLY A 262 15.06 -42.68 -20.55
CA GLY A 262 13.63 -42.90 -20.40
C GLY A 262 13.23 -43.41 -19.03
N ASN B 3 38.33 -61.70 31.64
CA ASN B 3 38.02 -60.78 32.78
C ASN B 3 36.63 -61.08 33.39
N LYS B 4 35.58 -60.49 32.81
CA LYS B 4 34.20 -60.70 33.26
C LYS B 4 33.32 -61.21 32.12
N THR B 5 32.39 -62.09 32.44
CA THR B 5 31.41 -62.60 31.46
C THR B 5 30.48 -61.46 31.00
N VAL B 6 30.46 -61.26 29.69
CA VAL B 6 29.68 -60.21 29.04
C VAL B 6 28.22 -60.65 28.98
N VAL B 7 27.32 -59.81 29.49
CA VAL B 7 25.87 -60.08 29.43
C VAL B 7 25.33 -59.52 28.12
N VAL B 8 24.87 -60.42 27.26
CA VAL B 8 24.31 -60.06 25.97
C VAL B 8 22.79 -60.04 26.07
N THR B 9 22.18 -58.88 25.80
CA THR B 9 20.72 -58.83 25.68
C THR B 9 20.35 -59.09 24.22
N THR B 10 19.31 -59.87 24.02
CA THR B 10 18.81 -60.19 22.68
C THR B 10 17.31 -60.43 22.77
N ILE B 11 16.70 -60.75 21.64
CA ILE B 11 15.24 -60.86 21.56
C ILE B 11 14.85 -62.11 20.76
N LEU B 12 13.79 -62.80 21.21
CA LEU B 12 13.29 -63.96 20.48
C LEU B 12 12.57 -63.48 19.23
N GLU B 13 13.25 -63.61 18.09
CA GLU B 13 12.77 -63.11 16.82
C GLU B 13 13.39 -63.94 15.71
N SER B 14 12.55 -64.66 14.97
CA SER B 14 13.03 -65.54 13.90
C SER B 14 13.51 -64.74 12.70
N PRO B 15 14.60 -65.15 12.02
CA PRO B 15 15.47 -66.28 12.36
C PRO B 15 16.75 -65.82 13.11
N TYR B 16 16.63 -64.70 13.84
CA TYR B 16 17.76 -64.10 14.55
C TYR B 16 18.13 -64.90 15.82
N VAL B 17 17.14 -65.11 16.68
CA VAL B 17 17.29 -65.91 17.92
C VAL B 17 16.02 -66.71 18.10
N MET B 18 16.17 -68.03 18.10
CA MET B 18 15.07 -68.97 18.25
C MET B 18 15.48 -70.03 19.26
N MET B 19 14.49 -70.58 19.97
CA MET B 19 14.75 -71.75 20.81
CA MET B 19 14.67 -71.78 20.81
C MET B 19 14.89 -72.97 19.91
N LYS B 20 15.93 -73.76 20.17
CA LYS B 20 16.12 -75.01 19.43
C LYS B 20 14.96 -75.96 19.74
N LYS B 21 14.63 -76.83 18.78
CA LYS B 21 13.56 -77.83 18.95
C LYS B 21 13.67 -78.63 20.25
N ASN B 22 14.91 -78.95 20.65
CA ASN B 22 15.11 -79.77 21.85
C ASN B 22 15.65 -78.95 23.03
N HIS B 23 15.30 -77.67 23.08
CA HIS B 23 15.85 -76.69 24.04
C HIS B 23 15.65 -77.04 25.52
N GLU B 24 14.58 -77.75 25.83
CA GLU B 24 14.27 -78.15 27.22
C GLU B 24 15.37 -79.00 27.84
N MET B 25 16.02 -79.84 27.02
CA MET B 25 17.14 -80.71 27.46
C MET B 25 18.53 -80.03 27.33
N LEU B 26 18.53 -78.72 27.04
CA LEU B 26 19.76 -77.92 26.85
C LEU B 26 19.89 -76.78 27.87
N GLU B 27 21.12 -76.25 28.00
CA GLU B 27 21.43 -75.25 29.03
C GLU B 27 22.23 -74.05 28.47
N GLY B 28 22.05 -72.89 29.10
CA GLY B 28 22.76 -71.66 28.76
C GLY B 28 22.62 -71.27 27.31
N ASN B 29 23.72 -70.86 26.69
CA ASN B 29 23.73 -70.39 25.30
C ASN B 29 23.30 -71.46 24.30
N GLU B 30 23.48 -72.73 24.67
CA GLU B 30 23.10 -73.87 23.80
C GLU B 30 21.61 -74.01 23.50
N ARG B 31 20.75 -73.34 24.29
CA ARG B 31 19.29 -73.38 24.10
C ARG B 31 18.84 -72.72 22.78
N TYR B 32 19.67 -71.79 22.30
CA TYR B 32 19.31 -70.85 21.23
C TYR B 32 20.07 -71.13 19.94
N GLU B 33 19.42 -70.80 18.82
CA GLU B 33 20.04 -70.84 17.50
C GLU B 33 19.53 -69.69 16.66
N GLY B 34 20.30 -69.31 15.65
CA GLY B 34 19.86 -68.28 14.73
C GLY B 34 20.99 -67.41 14.28
N TYR B 35 20.66 -66.48 13.39
CA TYR B 35 21.63 -65.54 12.84
C TYR B 35 22.41 -64.79 13.92
N CYS B 36 21.70 -64.25 14.92
CA CYS B 36 22.35 -63.46 15.97
C CYS B 36 23.08 -64.31 17.00
N VAL B 37 22.65 -65.57 17.16
CA VAL B 37 23.37 -66.56 17.98
C VAL B 37 24.74 -66.81 17.34
N ASP B 38 24.75 -67.02 16.02
CA ASP B 38 26.00 -67.21 15.27
C ASP B 38 26.86 -65.95 15.26
N LEU B 39 26.24 -64.81 15.02
CA LEU B 39 26.94 -63.52 15.08
C LEU B 39 27.58 -63.27 16.46
N ALA B 40 26.86 -63.55 17.55
CA ALA B 40 27.40 -63.31 18.89
C ALA B 40 28.64 -64.15 19.12
N ALA B 41 28.58 -65.42 18.71
CA ALA B 41 29.72 -66.32 18.82
C ALA B 41 30.96 -65.78 18.08
N GLU B 42 30.73 -65.23 16.89
CA GLU B 42 31.82 -64.68 16.07
C GLU B 42 32.41 -63.40 16.63
N ILE B 43 31.54 -62.49 17.07
CA ILE B 43 31.96 -61.24 17.68
C ILE B 43 32.75 -61.50 18.96
N ALA B 44 32.24 -62.41 19.80
CA ALA B 44 32.94 -62.84 21.03
C ALA B 44 34.34 -63.39 20.73
N LYS B 45 34.44 -64.22 19.69
CA LYS B 45 35.71 -64.85 19.30
C LYS B 45 36.77 -63.80 18.89
N HIS B 46 36.38 -62.89 17.99
CA HIS B 46 37.26 -61.81 17.49
C HIS B 46 37.62 -60.77 18.56
N CYS B 47 36.70 -60.50 19.49
CA CYS B 47 36.93 -59.53 20.57
C CYS B 47 37.50 -60.16 21.84
N GLY B 48 37.55 -61.50 21.86
CA GLY B 48 38.11 -62.26 22.97
C GLY B 48 37.38 -62.16 24.30
N PHE B 49 36.04 -62.25 24.28
CA PHE B 49 35.26 -62.35 25.52
C PHE B 49 34.40 -63.61 25.62
N LYS B 50 34.13 -64.03 26.85
CA LYS B 50 33.07 -64.99 27.15
C LYS B 50 31.76 -64.22 27.41
N TYR B 51 30.63 -64.87 27.17
CA TYR B 51 29.32 -64.18 27.18
C TYR B 51 28.17 -65.09 27.59
N LYS B 52 27.10 -64.47 28.08
CA LYS B 52 25.85 -65.15 28.39
C LYS B 52 24.73 -64.47 27.62
N LEU B 53 24.04 -65.24 26.78
CA LEU B 53 22.86 -64.74 26.08
C LEU B 53 21.69 -64.69 27.04
N THR B 54 21.03 -63.52 27.11
CA THR B 54 19.88 -63.32 27.97
C THR B 54 18.78 -62.67 27.16
N ILE B 55 17.58 -63.23 27.25
CA ILE B 55 16.46 -62.69 26.48
C ILE B 55 15.90 -61.50 27.24
N VAL B 56 15.75 -60.38 26.54
CA VAL B 56 15.19 -59.13 27.07
C VAL B 56 13.90 -59.42 27.85
N GLY B 57 13.89 -58.92 29.08
CA GLY B 57 12.85 -59.22 30.07
C GLY B 57 11.46 -58.84 29.61
N ASP B 58 11.33 -57.63 29.06
CA ASP B 58 10.03 -57.11 28.66
C ASP B 58 9.63 -57.44 27.20
N GLY B 59 10.50 -58.18 26.50
CA GLY B 59 10.26 -58.65 25.13
C GLY B 59 10.21 -57.57 24.04
N LYS B 60 10.75 -56.40 24.34
CA LYS B 60 10.73 -55.22 23.46
C LYS B 60 12.08 -54.81 22.88
N TYR B 61 12.04 -54.11 21.74
CA TYR B 61 13.24 -53.55 21.13
C TYR B 61 13.71 -52.32 21.93
N GLY B 62 12.84 -51.33 22.05
CA GLY B 62 13.14 -50.18 22.91
C GLY B 62 12.63 -48.85 22.41
N ALA B 63 11.88 -48.18 23.27
CA ALA B 63 11.41 -46.84 23.01
C ALA B 63 11.39 -46.09 24.33
N ARG B 64 11.35 -44.77 24.24
CA ARG B 64 11.37 -43.90 25.41
C ARG B 64 9.93 -43.44 25.70
N ASP B 65 9.46 -43.69 26.92
CA ASP B 65 8.16 -43.17 27.38
C ASP B 65 8.20 -41.63 27.32
N ALA B 66 7.27 -41.03 26.57
CA ALA B 66 7.22 -39.57 26.38
C ALA B 66 7.05 -38.77 27.67
N ASP B 67 6.44 -39.39 28.68
CA ASP B 67 6.13 -38.72 29.96
C ASP B 67 7.19 -38.90 31.04
N THR B 68 7.67 -40.12 31.23
CA THR B 68 8.66 -40.42 32.27
C THR B 68 10.11 -40.32 31.75
N LYS B 69 10.25 -40.34 30.42
CA LYS B 69 11.56 -40.37 29.72
C LYS B 69 12.37 -41.65 29.98
N ILE B 70 11.70 -42.70 30.44
CA ILE B 70 12.34 -44.00 30.71
C ILE B 70 12.32 -44.88 29.44
N TRP B 71 13.50 -45.42 29.11
CA TRP B 71 13.65 -46.39 28.02
C TRP B 71 13.26 -47.81 28.44
N ASN B 72 12.57 -48.51 27.55
CA ASN B 72 12.29 -49.92 27.75
C ASN B 72 13.07 -50.79 26.77
N GLY B 73 12.77 -52.10 26.77
CA GLY B 73 13.36 -53.02 25.79
C GLY B 73 14.86 -53.21 25.96
N MET B 74 15.49 -53.70 24.90
CA MET B 74 16.95 -53.89 24.88
C MET B 74 17.70 -52.57 25.10
N VAL B 75 17.18 -51.49 24.53
CA VAL B 75 17.78 -50.16 24.73
C VAL B 75 17.83 -49.81 26.21
N GLY B 76 16.71 -49.97 26.93
CA GLY B 76 16.67 -49.74 28.37
C GLY B 76 17.65 -50.61 29.14
N GLU B 77 17.75 -51.87 28.75
CA GLU B 77 18.68 -52.77 29.42
C GLU B 77 20.14 -52.30 29.32
N LEU B 78 20.50 -51.72 28.17
CA LEU B 78 21.82 -51.08 28.04
C LEU B 78 21.95 -49.78 28.83
N VAL B 79 20.97 -48.91 28.69
CA VAL B 79 20.97 -47.57 29.33
C VAL B 79 21.07 -47.68 30.87
N TYR B 80 20.34 -48.62 31.47
CA TYR B 80 20.29 -48.74 32.94
C TYR B 80 21.28 -49.76 33.54
N GLY B 81 22.16 -50.29 32.70
CA GLY B 81 23.28 -51.14 33.15
C GLY B 81 22.94 -52.61 33.40
N LYS B 82 21.84 -53.09 32.81
CA LYS B 82 21.39 -54.47 33.00
C LYS B 82 22.07 -55.49 32.07
N ALA B 83 22.62 -55.00 30.96
CA ALA B 83 23.32 -55.80 29.98
C ALA B 83 24.49 -55.01 29.44
N ASP B 84 25.48 -55.72 28.90
CA ASP B 84 26.72 -55.11 28.43
C ASP B 84 26.72 -54.79 26.94
N ILE B 85 25.86 -55.49 26.19
CA ILE B 85 25.86 -55.43 24.73
C ILE B 85 24.52 -55.98 24.26
N ALA B 86 24.00 -55.42 23.16
CA ALA B 86 22.80 -55.97 22.52
C ALA B 86 23.19 -56.51 21.15
N ILE B 87 22.93 -57.80 20.94
CA ILE B 87 23.21 -58.45 19.65
C ILE B 87 21.88 -59.00 19.14
N ALA B 88 21.23 -58.20 18.30
CA ALA B 88 19.85 -58.42 17.91
C ALA B 88 19.57 -57.67 16.61
N PRO B 89 18.41 -57.92 15.96
CA PRO B 89 17.99 -57.06 14.84
C PRO B 89 17.51 -55.69 15.35
N LEU B 90 18.46 -54.89 15.84
CA LEU B 90 18.15 -53.62 16.50
C LEU B 90 18.52 -52.49 15.56
N THR B 91 17.50 -51.75 15.16
CA THR B 91 17.64 -50.71 14.14
C THR B 91 18.40 -49.49 14.65
N ILE B 92 19.39 -49.05 13.87
CA ILE B 92 20.16 -47.86 14.16
C ILE B 92 19.26 -46.65 13.91
N THR B 93 18.99 -45.88 14.96
CA THR B 93 18.15 -44.68 14.86
C THR B 93 18.81 -43.52 15.59
N LEU B 94 18.43 -42.30 15.17
CA LEU B 94 18.94 -41.09 15.80
C LEU B 94 18.65 -41.05 17.29
N VAL B 95 17.39 -41.27 17.69
CA VAL B 95 17.05 -41.19 19.11
C VAL B 95 17.81 -42.21 19.95
N ARG B 96 18.09 -43.39 19.37
CA ARG B 96 18.88 -44.41 20.08
C ARG B 96 20.38 -44.09 20.12
N GLU B 97 20.92 -43.62 18.99
CA GLU B 97 22.33 -43.22 18.92
C GLU B 97 22.68 -42.09 19.87
N GLU B 98 21.67 -41.32 20.28
CA GLU B 98 21.86 -40.29 21.31
C GLU B 98 22.12 -40.85 22.71
N VAL B 99 21.66 -42.08 22.98
CA VAL B 99 21.78 -42.67 24.32
C VAL B 99 22.64 -43.94 24.43
N ILE B 100 22.81 -44.66 23.31
CA ILE B 100 23.71 -45.82 23.25
C ILE B 100 24.62 -45.66 22.02
N ASP B 101 25.67 -46.49 21.92
CA ASP B 101 26.47 -46.55 20.69
C ASP B 101 26.12 -47.76 19.85
N PHE B 102 26.21 -47.61 18.53
CA PHE B 102 25.99 -48.70 17.57
C PHE B 102 27.26 -48.92 16.77
N SER B 103 27.57 -50.19 16.55
CA SER B 103 28.55 -50.57 15.53
C SER B 103 28.07 -50.13 14.14
N LYS B 104 28.99 -50.10 13.17
CA LYS B 104 28.56 -50.13 11.79
C LYS B 104 27.50 -51.24 11.56
N PRO B 105 26.57 -51.01 10.63
CA PRO B 105 25.51 -52.00 10.39
C PRO B 105 26.03 -53.37 9.92
N PHE B 106 25.39 -54.42 10.40
CA PHE B 106 25.72 -55.79 9.96
C PHE B 106 24.72 -56.32 8.91
N MET B 107 23.60 -55.62 8.73
CA MET B 107 22.55 -56.04 7.81
C MET B 107 21.70 -54.84 7.41
N SER B 108 21.34 -54.78 6.13
CA SER B 108 20.46 -53.72 5.63
C SER B 108 19.00 -54.16 5.70
N LEU B 109 18.09 -53.21 5.91
CA LEU B 109 16.65 -53.49 5.85
C LEU B 109 15.87 -52.24 5.44
N GLY B 110 14.60 -52.42 5.13
CA GLY B 110 13.67 -51.28 5.02
C GLY B 110 12.29 -51.68 5.48
N ILE B 111 11.48 -50.71 5.89
CA ILE B 111 10.08 -51.03 6.25
C ILE B 111 9.35 -51.51 4.98
N SER B 112 8.50 -52.52 5.15
CA SER B 112 7.82 -53.17 4.04
C SER B 112 6.42 -53.60 4.47
N ILE B 113 5.61 -54.00 3.48
CA ILE B 113 4.24 -54.41 3.72
C ILE B 113 4.08 -55.93 3.58
N MET B 114 3.49 -56.56 4.60
CA MET B 114 3.09 -57.96 4.53
C MET B 114 1.58 -58.10 4.35
N ILE B 115 1.20 -58.83 3.31
CA ILE B 115 -0.22 -59.16 3.07
C ILE B 115 -0.47 -60.66 3.06
N LYS B 116 -1.70 -61.05 3.36
CA LYS B 116 -2.15 -62.40 3.04
C LYS B 116 -2.25 -62.48 1.50
N LYS B 117 -1.82 -63.59 0.92
CA LYS B 117 -1.81 -63.79 -0.53
C LYS B 117 -3.18 -63.48 -1.12
N GLY B 118 -3.19 -62.59 -2.12
CA GLY B 118 -4.41 -62.22 -2.84
C GLY B 118 -5.08 -60.94 -2.38
N THR B 119 -4.55 -60.34 -1.31
CA THR B 119 -5.02 -59.06 -0.79
C THR B 119 -4.79 -58.00 -1.86
N PRO B 120 -5.82 -57.24 -2.22
CA PRO B 120 -5.68 -56.26 -3.30
C PRO B 120 -4.97 -54.98 -2.84
N ILE B 121 -3.67 -55.11 -2.52
CA ILE B 121 -2.82 -54.02 -2.05
C ILE B 121 -1.44 -54.19 -2.70
N GLU B 122 -0.88 -53.11 -3.26
CA GLU B 122 0.43 -53.14 -3.92
C GLU B 122 1.47 -52.18 -3.33
N SER B 123 1.02 -51.18 -2.57
CA SER B 123 1.90 -50.13 -2.05
C SER B 123 1.35 -49.52 -0.77
N ALA B 124 2.19 -48.70 -0.12
CA ALA B 124 1.77 -47.88 1.03
C ALA B 124 0.66 -46.92 0.60
N GLU B 125 0.84 -46.26 -0.55
CA GLU B 125 -0.20 -45.42 -1.16
C GLU B 125 -1.55 -46.14 -1.22
N ASP B 126 -1.56 -47.38 -1.72
CA ASP B 126 -2.76 -48.24 -1.77
C ASP B 126 -3.44 -48.42 -0.41
N LEU B 127 -2.66 -48.73 0.63
CA LEU B 127 -3.19 -48.90 1.99
C LEU B 127 -3.89 -47.64 2.53
N SER B 128 -3.25 -46.49 2.34
CA SER B 128 -3.71 -45.20 2.82
C SER B 128 -5.02 -44.73 2.17
N LYS B 129 -5.25 -45.15 0.93
CA LYS B 129 -6.41 -44.72 0.12
C LYS B 129 -7.70 -45.54 0.36
N GLN B 130 -7.70 -46.38 1.40
CA GLN B 130 -8.85 -47.25 1.73
C GLN B 130 -8.97 -47.51 3.23
N THR B 131 -10.06 -48.17 3.63
CA THR B 131 -10.35 -48.45 5.05
C THR B 131 -10.84 -49.88 5.36
N GLU B 132 -11.20 -50.65 4.33
CA GLU B 132 -11.67 -52.03 4.53
C GLU B 132 -10.56 -52.96 5.02
N ILE B 133 -9.34 -52.71 4.55
CA ILE B 133 -8.15 -53.44 5.05
C ILE B 133 -7.43 -52.63 6.14
N ALA B 134 -7.44 -53.19 7.35
CA ALA B 134 -6.72 -52.62 8.50
C ALA B 134 -5.22 -52.81 8.33
N TYR B 135 -4.43 -51.95 8.98
CA TYR B 135 -2.95 -52.08 8.97
C TYR B 135 -2.27 -51.44 10.17
N GLY B 136 -1.22 -52.10 10.66
CA GLY B 136 -0.49 -51.63 11.84
C GLY B 136 0.98 -51.99 11.86
N THR B 137 1.62 -51.73 13.01
CA THR B 137 3.05 -51.99 13.21
C THR B 137 3.29 -52.62 14.58
N LEU B 138 4.55 -53.01 14.80
CA LEU B 138 5.00 -53.43 16.14
C LEU B 138 5.05 -52.25 17.14
N ASP B 139 4.62 -52.49 18.38
CA ASP B 139 4.83 -51.54 19.48
C ASP B 139 6.30 -51.46 19.91
N SER B 140 6.71 -50.27 20.37
CA SER B 140 8.02 -50.04 21.02
C SER B 140 9.23 -50.35 20.12
N GLY B 141 9.04 -50.13 18.83
CA GLY B 141 10.07 -50.34 17.82
C GLY B 141 10.26 -49.16 16.90
N SER B 142 11.20 -49.33 15.97
CA SER B 142 11.60 -48.28 15.06
C SER B 142 10.58 -48.04 13.95
N THR B 143 9.80 -49.06 13.59
CA THR B 143 8.79 -48.91 12.54
C THR B 143 7.67 -47.99 13.02
N LYS B 144 7.20 -48.20 14.26
CA LYS B 144 6.19 -47.31 14.84
C LYS B 144 6.66 -45.85 14.83
N GLU B 145 7.91 -45.64 15.24
CA GLU B 145 8.48 -44.29 15.33
C GLU B 145 8.55 -43.63 13.98
N PHE B 146 8.90 -44.42 12.96
CA PHE B 146 8.91 -43.96 11.58
C PHE B 146 7.59 -43.30 11.20
N PHE B 147 6.48 -43.98 11.47
CA PHE B 147 5.16 -43.49 11.10
C PHE B 147 4.69 -42.33 11.97
N ARG B 148 5.03 -42.37 13.26
CA ARG B 148 4.74 -41.27 14.19
C ARG B 148 5.39 -39.95 13.74
N ARG B 149 6.64 -40.05 13.26
CA ARG B 149 7.47 -38.89 12.91
C ARG B 149 7.38 -38.41 11.46
N SER B 150 6.94 -39.29 10.54
CA SER B 150 6.93 -38.99 9.10
C SER B 150 6.06 -37.80 8.69
N LYS B 151 6.60 -36.98 7.80
CA LYS B 151 5.93 -35.81 7.23
C LYS B 151 5.53 -36.05 5.76
N ILE B 152 6.00 -37.17 5.20
CA ILE B 152 5.60 -37.63 3.86
C ILE B 152 4.11 -37.94 3.94
N ALA B 153 3.35 -37.35 3.00
CA ALA B 153 1.88 -37.31 3.05
C ALA B 153 1.18 -38.68 3.16
N VAL B 154 1.68 -39.66 2.42
CA VAL B 154 1.13 -41.03 2.46
C VAL B 154 1.32 -41.61 3.87
N PHE B 155 2.52 -41.47 4.39
CA PHE B 155 2.88 -42.06 5.70
C PHE B 155 2.22 -41.31 6.85
N ASP B 156 2.03 -40.00 6.71
CA ASP B 156 1.33 -39.15 7.70
C ASP B 156 -0.14 -39.55 7.82
N LYS B 157 -0.80 -39.76 6.68
CA LYS B 157 -2.17 -40.24 6.61
C LYS B 157 -2.31 -41.65 7.20
N MET B 158 -1.30 -42.50 6.95
CA MET B 158 -1.27 -43.86 7.50
C MET B 158 -1.26 -43.85 9.03
N TRP B 159 -0.40 -43.01 9.60
CA TRP B 159 -0.29 -42.85 11.06
C TRP B 159 -1.53 -42.28 11.70
N THR B 160 -2.13 -41.28 11.05
CA THR B 160 -3.36 -40.65 11.54
C THR B 160 -4.44 -41.72 11.69
N TYR B 161 -4.55 -42.60 10.68
CA TYR B 161 -5.43 -43.76 10.77
C TYR B 161 -4.99 -44.71 11.88
N MET B 162 -3.69 -45.03 11.92
CA MET B 162 -3.17 -46.09 12.80
C MET B 162 -3.29 -45.75 14.28
N ARG B 163 -2.90 -44.54 14.65
CA ARG B 163 -2.90 -44.10 16.04
C ARG B 163 -4.29 -44.08 16.70
N SER B 164 -5.34 -43.95 15.89
CA SER B 164 -6.72 -43.78 16.38
CA SER B 164 -6.72 -43.79 16.37
C SER B 164 -7.62 -45.01 16.13
N ALA B 165 -7.20 -45.88 15.21
CA ALA B 165 -7.97 -47.06 14.78
C ALA B 165 -8.54 -47.91 15.92
N GLU B 166 -9.78 -48.37 15.73
CA GLU B 166 -10.46 -49.21 16.72
C GLU B 166 -11.05 -50.48 16.07
N PRO B 167 -10.69 -51.68 16.55
CA PRO B 167 -9.73 -51.86 17.65
C PRO B 167 -8.27 -51.67 17.22
N SER B 168 -7.38 -51.51 18.20
CA SER B 168 -5.95 -51.25 17.99
C SER B 168 -5.31 -52.09 16.90
N VAL B 169 -4.50 -51.43 16.08
CA VAL B 169 -3.81 -52.07 14.96
C VAL B 169 -2.37 -52.47 15.33
N PHE B 170 -1.90 -52.00 16.48
CA PHE B 170 -0.53 -52.30 16.93
C PHE B 170 -0.47 -53.62 17.64
N VAL B 171 0.68 -54.29 17.53
CA VAL B 171 0.88 -55.61 18.13
C VAL B 171 2.09 -55.62 19.06
N ARG B 172 2.14 -56.58 19.99
CA ARG B 172 3.26 -56.73 20.95
C ARG B 172 4.53 -57.37 20.41
N THR B 173 4.35 -58.31 19.48
CA THR B 173 5.45 -59.11 18.89
C THR B 173 5.21 -59.28 17.41
N THR B 174 6.29 -59.49 16.66
CA THR B 174 6.19 -59.83 15.25
C THR B 174 5.28 -61.03 15.03
N ALA B 175 5.44 -62.07 15.85
CA ALA B 175 4.61 -63.28 15.77
C ALA B 175 3.12 -62.93 15.81
N GLU B 176 2.75 -61.97 16.66
CA GLU B 176 1.35 -61.50 16.77
C GLU B 176 0.86 -60.80 15.50
N GLY B 177 1.73 -59.97 14.92
CA GLY B 177 1.43 -59.28 13.65
C GLY B 177 1.19 -60.27 12.52
N VAL B 178 2.08 -61.26 12.43
CA VAL B 178 2.05 -62.28 11.37
C VAL B 178 0.80 -63.15 11.51
N ALA B 179 0.50 -63.59 12.74
CA ALA B 179 -0.71 -64.37 13.02
C ALA B 179 -1.99 -63.63 12.65
N ARG B 180 -2.04 -62.34 12.97
CA ARG B 180 -3.14 -61.44 12.61
C ARG B 180 -3.37 -61.37 11.10
N VAL B 181 -2.29 -61.21 10.33
CA VAL B 181 -2.41 -61.26 8.86
C VAL B 181 -3.03 -62.58 8.39
N ARG B 182 -2.52 -63.68 8.94
CA ARG B 182 -2.85 -65.03 8.46
C ARG B 182 -4.28 -65.44 8.77
N LYS B 183 -4.84 -64.87 9.84
CA LYS B 183 -6.19 -65.19 10.33
C LYS B 183 -7.28 -64.19 9.92
N SER B 184 -6.88 -63.07 9.31
CA SER B 184 -7.84 -61.98 9.02
C SER B 184 -8.47 -62.01 7.62
N LYS B 185 -8.23 -63.09 6.88
CA LYS B 185 -8.82 -63.32 5.54
C LYS B 185 -8.59 -62.16 4.54
N GLY B 186 -7.41 -61.55 4.62
CA GLY B 186 -7.05 -60.41 3.78
C GLY B 186 -7.41 -59.03 4.29
N LYS B 187 -8.01 -58.96 5.48
CA LYS B 187 -8.49 -57.68 6.03
C LYS B 187 -7.48 -56.94 6.95
N TYR B 188 -6.31 -57.55 7.16
CA TYR B 188 -5.23 -56.92 7.90
C TYR B 188 -3.91 -57.04 7.13
N ALA B 189 -3.24 -55.91 6.96
CA ALA B 189 -1.87 -55.88 6.44
C ALA B 189 -0.92 -55.40 7.53
N TYR B 190 0.30 -55.94 7.53
CA TYR B 190 1.25 -55.66 8.59
C TYR B 190 2.50 -54.94 8.05
N LEU B 191 2.91 -53.88 8.74
CA LEU B 191 4.11 -53.11 8.39
C LEU B 191 5.26 -53.56 9.26
N LEU B 192 6.29 -54.12 8.63
CA LEU B 192 7.41 -54.74 9.32
C LEU B 192 8.64 -54.67 8.43
N GLU B 193 9.79 -54.95 9.03
CA GLU B 193 11.05 -54.87 8.33
C GLU B 193 11.20 -55.97 7.28
N SER B 194 11.78 -55.58 6.15
CA SER B 194 11.92 -56.43 4.97
C SER B 194 12.57 -57.78 5.26
N THR B 195 13.58 -57.76 6.12
CA THR B 195 14.28 -58.96 6.62
C THR B 195 13.31 -60.00 7.19
N MET B 196 12.42 -59.53 8.06
CA MET B 196 11.48 -60.42 8.75
C MET B 196 10.41 -60.87 7.77
N ASN B 197 9.96 -59.94 6.93
CA ASN B 197 8.92 -60.19 5.92
C ASN B 197 9.38 -61.27 4.93
N GLU B 198 10.60 -61.10 4.39
CA GLU B 198 11.19 -62.06 3.44
C GLU B 198 11.41 -63.45 4.05
N TYR B 199 11.80 -63.51 5.32
CA TYR B 199 11.94 -64.78 6.02
C TYR B 199 10.60 -65.53 6.10
N ILE B 200 9.58 -64.83 6.61
CA ILE B 200 8.24 -65.39 6.83
C ILE B 200 7.61 -65.85 5.51
N GLU B 201 7.87 -65.11 4.42
CA GLU B 201 7.41 -65.47 3.07
C GLU B 201 7.94 -66.84 2.60
N GLN B 202 9.11 -67.24 3.10
CA GLN B 202 9.71 -68.55 2.74
C GLN B 202 9.45 -69.67 3.76
N ARG B 203 8.45 -69.48 4.62
CA ARG B 203 8.08 -70.47 5.63
C ARG B 203 6.64 -70.93 5.47
N LYS B 204 6.39 -72.21 5.79
CA LYS B 204 5.04 -72.76 5.85
C LYS B 204 4.20 -71.93 6.86
N PRO B 205 2.93 -71.64 6.55
CA PRO B 205 2.19 -72.23 5.42
C PRO B 205 2.19 -71.46 4.10
N CYS B 206 3.22 -70.63 3.87
CA CYS B 206 3.45 -69.99 2.56
C CYS B 206 2.23 -69.19 2.08
N ASP B 207 1.62 -68.45 3.00
CA ASP B 207 0.36 -67.75 2.72
C ASP B 207 0.49 -66.23 2.86
N THR B 208 1.71 -65.75 3.00
CA THR B 208 1.95 -64.31 3.11
C THR B 208 2.90 -63.91 2.00
N MET B 209 2.95 -62.62 1.71
CA MET B 209 3.97 -62.08 0.82
C MET B 209 4.26 -60.60 1.03
N LYS B 210 5.49 -60.23 0.66
CA LYS B 210 5.94 -58.84 0.70
C LYS B 210 5.46 -58.20 -0.59
N VAL B 211 4.86 -57.02 -0.46
CA VAL B 211 4.40 -56.25 -1.63
C VAL B 211 4.95 -54.83 -1.62
N GLY B 212 5.25 -54.33 -2.81
CA GLY B 212 5.81 -52.99 -2.99
C GLY B 212 7.28 -52.90 -2.64
N GLY B 213 7.84 -51.71 -2.82
CA GLY B 213 9.24 -51.48 -2.46
C GLY B 213 9.34 -51.17 -0.99
N ASN B 214 10.56 -51.15 -0.47
CA ASN B 214 10.79 -50.73 0.92
C ASN B 214 10.53 -49.24 1.06
N LEU B 215 10.06 -48.84 2.24
CA LEU B 215 9.69 -47.46 2.52
CA LEU B 215 9.69 -47.45 2.49
C LEU B 215 10.89 -46.59 2.88
N ASP B 216 11.93 -47.24 3.39
CA ASP B 216 13.16 -46.56 3.81
C ASP B 216 14.34 -47.51 3.63
N SER B 217 15.54 -47.03 3.97
CA SER B 217 16.75 -47.84 3.90
C SER B 217 17.54 -47.58 5.16
N LYS B 218 17.81 -48.65 5.91
CA LYS B 218 18.56 -48.49 7.16
C LYS B 218 19.30 -49.76 7.52
N GLY B 219 19.81 -49.84 8.75
CA GLY B 219 20.62 -50.98 9.14
C GLY B 219 20.39 -51.40 10.57
N TYR B 220 20.71 -52.65 10.86
CA TYR B 220 20.81 -53.10 12.25
C TYR B 220 22.26 -52.97 12.68
N GLY B 221 22.46 -52.60 13.94
CA GLY B 221 23.80 -52.51 14.52
C GLY B 221 23.87 -53.21 15.87
N ILE B 222 25.09 -53.60 16.25
CA ILE B 222 25.37 -54.11 17.60
C ILE B 222 25.51 -52.89 18.52
N ALA B 223 24.77 -52.90 19.62
CA ALA B 223 24.74 -51.76 20.52
C ALA B 223 25.42 -51.99 21.86
N THR B 224 26.09 -50.95 22.34
CA THR B 224 26.77 -50.97 23.63
C THR B 224 26.41 -49.69 24.39
N PRO B 225 26.41 -49.74 25.74
CA PRO B 225 26.16 -48.51 26.50
C PRO B 225 27.30 -47.52 26.33
N LYS B 226 27.01 -46.22 26.46
CA LYS B 226 28.08 -45.23 26.38
CA LYS B 226 28.04 -45.17 26.44
C LYS B 226 29.12 -45.49 27.47
N GLY B 227 30.38 -45.31 27.10
CA GLY B 227 31.49 -45.58 28.00
C GLY B 227 32.03 -47.01 27.96
N SER B 228 31.37 -47.90 27.21
CA SER B 228 31.78 -49.32 27.10
C SER B 228 33.20 -49.52 26.52
N SER B 229 33.99 -50.37 27.19
CA SER B 229 35.32 -50.71 26.71
C SER B 229 35.30 -51.63 25.47
N LEU B 230 34.13 -52.21 25.17
CA LEU B 230 33.93 -53.07 24.03
C LEU B 230 33.67 -52.34 22.71
N ARG B 231 33.31 -51.05 22.78
CA ARG B 231 32.83 -50.28 21.61
C ARG B 231 33.69 -50.42 20.35
N ASN B 232 34.98 -50.08 20.45
CA ASN B 232 35.87 -50.08 19.28
C ASN B 232 36.05 -51.48 18.70
N ALA B 233 36.29 -52.47 19.56
CA ALA B 233 36.58 -53.83 19.11
C ALA B 233 35.38 -54.45 18.39
N VAL B 234 34.18 -54.19 18.92
CA VAL B 234 32.93 -54.68 18.34
C VAL B 234 32.71 -54.06 16.97
N ASN B 235 32.94 -52.76 16.87
CA ASN B 235 32.80 -52.05 15.61
C ASN B 235 33.73 -52.65 14.54
N LEU B 236 35.01 -52.79 14.89
CA LEU B 236 36.00 -53.37 13.97
C LEU B 236 35.67 -54.82 13.62
N ALA B 237 35.18 -55.59 14.59
CA ALA B 237 34.78 -56.99 14.35
C ALA B 237 33.62 -57.10 13.34
N VAL B 238 32.63 -56.23 13.44
CA VAL B 238 31.54 -56.21 12.45
C VAL B 238 32.08 -56.01 11.03
N LEU B 239 33.02 -55.08 10.87
CA LEU B 239 33.60 -54.83 9.56
C LEU B 239 34.44 -56.03 9.06
N LYS B 240 35.17 -56.66 9.98
CA LYS B 240 35.99 -57.86 9.69
C LYS B 240 35.07 -58.96 9.14
N LEU B 241 33.97 -59.24 9.85
CA LEU B 241 33.01 -60.27 9.45
C LEU B 241 32.33 -60.03 8.12
N ASN B 242 32.05 -58.76 7.81
CA ASN B 242 31.44 -58.45 6.53
C ASN B 242 32.41 -58.72 5.39
N GLU B 243 33.65 -58.27 5.57
CA GLU B 243 34.67 -58.38 4.53
C GLU B 243 35.13 -59.81 4.30
N GLN B 244 35.09 -60.64 5.35
CA GLN B 244 35.45 -62.06 5.29
C GLN B 244 34.39 -62.89 4.56
N GLY B 245 33.23 -62.28 4.33
CA GLY B 245 32.09 -62.93 3.69
C GLY B 245 31.16 -63.65 4.66
N LEU B 246 31.46 -63.55 5.95
CA LEU B 246 30.74 -64.33 6.98
C LEU B 246 29.29 -63.87 7.17
N LEU B 247 29.08 -62.55 7.17
CA LEU B 247 27.70 -62.03 7.24
C LEU B 247 26.82 -62.51 6.09
N ASP B 248 27.40 -62.57 4.89
CA ASP B 248 26.67 -63.07 3.72
C ASP B 248 26.36 -64.56 3.84
N LYS B 249 27.31 -65.33 4.36
CA LYS B 249 27.12 -66.76 4.61
C LYS B 249 26.01 -66.99 5.62
N LEU B 250 25.98 -66.17 6.68
CA LEU B 250 24.96 -66.28 7.72
C LEU B 250 23.55 -65.94 7.24
N LYS B 251 23.42 -64.94 6.37
CA LYS B 251 22.11 -64.63 5.79
C LYS B 251 21.62 -65.78 4.91
N ASN B 252 22.52 -66.34 4.09
CA ASN B 252 22.17 -67.48 3.25
C ASN B 252 21.76 -68.70 4.09
N LYS B 253 22.48 -68.90 5.21
CA LYS B 253 22.22 -70.01 6.14
C LYS B 253 20.81 -69.92 6.75
N TRP B 254 20.43 -68.72 7.19
CA TRP B 254 19.19 -68.54 7.98
C TRP B 254 17.96 -68.15 7.17
N TRP B 255 18.16 -67.63 5.96
CA TRP B 255 17.05 -67.22 5.10
C TRP B 255 16.82 -68.23 3.97
N TYR B 256 17.75 -68.27 3.01
CA TYR B 256 17.65 -69.10 1.80
C TYR B 256 17.60 -70.61 2.09
N ASP B 257 18.57 -71.10 2.87
CA ASP B 257 18.70 -72.52 3.22
C ASP B 257 17.56 -73.03 4.11
N LYS B 258 16.92 -72.11 4.84
CA LYS B 258 15.77 -72.45 5.69
C LYS B 258 14.42 -72.38 4.94
N GLY B 259 14.48 -72.14 3.62
CA GLY B 259 13.29 -71.99 2.77
C GLY B 259 12.44 -73.24 2.68
N GLU B 260 11.13 -73.06 2.91
CA GLU B 260 10.15 -74.18 2.95
C GLU B 260 9.12 -74.14 1.81
N CYS B 261 9.07 -73.01 1.10
CA CYS B 261 8.06 -72.76 0.06
C CYS B 261 8.59 -73.01 -1.35
N GLY B 262 9.51 -73.98 -1.47
CA GLY B 262 10.10 -74.38 -2.74
C GLY B 262 11.12 -73.38 -3.27
N ASN C 3 32.61 16.91 9.01
CA ASN C 3 33.68 16.32 9.85
C ASN C 3 34.13 14.94 9.32
N LYS C 4 33.51 13.86 9.81
CA LYS C 4 33.90 12.48 9.49
C LYS C 4 33.05 11.92 8.34
N THR C 5 33.70 11.19 7.45
CA THR C 5 33.02 10.44 6.37
C THR C 5 32.18 9.34 7.00
N VAL C 6 30.90 9.38 6.66
CA VAL C 6 29.92 8.43 7.16
C VAL C 6 30.04 7.10 6.44
N VAL C 7 30.21 6.02 7.20
CA VAL C 7 30.28 4.67 6.63
C VAL C 7 28.84 4.16 6.50
N VAL C 8 28.40 4.01 5.25
CA VAL C 8 27.06 3.46 4.91
C VAL C 8 27.20 1.95 4.70
N THR C 9 26.40 1.15 5.41
CA THR C 9 26.29 -0.28 5.11
C THR C 9 25.04 -0.50 4.28
N THR C 10 25.17 -1.33 3.26
CA THR C 10 24.05 -1.63 2.39
C THR C 10 24.24 -3.04 1.85
N ILE C 11 23.34 -3.48 0.97
CA ILE C 11 23.32 -4.89 0.56
C ILE C 11 23.08 -4.99 -0.94
N LEU C 12 23.75 -5.96 -1.59
CA LEU C 12 23.54 -6.17 -3.01
C LEU C 12 22.17 -6.81 -3.23
N GLU C 13 21.22 -5.99 -3.66
CA GLU C 13 19.83 -6.40 -3.80
C GLU C 13 19.15 -5.54 -4.86
N SER C 14 18.68 -6.17 -5.94
CA SER C 14 18.04 -5.44 -7.06
C SER C 14 16.61 -5.02 -6.72
N PRO C 15 16.18 -3.81 -7.10
CA PRO C 15 16.98 -2.78 -7.78
C PRO C 15 17.49 -1.71 -6.82
N TYR C 16 17.75 -2.09 -5.58
CA TYR C 16 18.17 -1.14 -4.55
C TYR C 16 19.65 -0.77 -4.69
N VAL C 17 20.53 -1.77 -4.77
CA VAL C 17 21.98 -1.54 -4.96
C VAL C 17 22.50 -2.65 -5.86
N MET C 18 23.10 -2.23 -6.96
CA MET C 18 23.60 -3.15 -7.97
C MET C 18 24.97 -2.68 -8.43
N MET C 19 25.85 -3.63 -8.74
CA MET C 19 27.12 -3.33 -9.38
C MET C 19 26.85 -2.93 -10.83
N LYS C 20 27.29 -1.72 -11.19
CA LYS C 20 27.17 -1.27 -12.58
C LYS C 20 27.97 -2.19 -13.47
N LYS C 21 27.41 -2.50 -14.64
CA LYS C 21 28.10 -3.28 -15.66
C LYS C 21 29.51 -2.74 -15.84
N ASN C 22 30.49 -3.65 -15.78
CA ASN C 22 31.91 -3.35 -16.03
C ASN C 22 32.57 -2.44 -15.00
N HIS C 23 31.99 -2.30 -13.81
CA HIS C 23 32.60 -1.47 -12.76
C HIS C 23 33.25 -2.26 -11.64
N GLU C 24 33.31 -3.58 -11.79
CA GLU C 24 33.79 -4.52 -10.74
C GLU C 24 35.23 -4.21 -10.31
N MET C 25 36.05 -3.86 -11.29
CA MET C 25 37.48 -3.58 -11.11
C MET C 25 37.79 -2.13 -10.72
N LEU C 26 36.74 -1.30 -10.61
CA LEU C 26 36.88 0.11 -10.24
C LEU C 26 36.79 0.34 -8.73
N GLU C 27 36.77 1.61 -8.33
CA GLU C 27 36.71 2.00 -6.89
C GLU C 27 35.68 3.11 -6.64
N GLY C 28 35.32 3.27 -5.36
CA GLY C 28 34.44 4.35 -4.90
C GLY C 28 32.94 4.14 -5.10
N ASN C 29 32.18 5.15 -4.69
CA ASN C 29 30.71 5.10 -4.71
C ASN C 29 30.12 4.94 -6.11
N GLU C 30 30.84 5.46 -7.10
CA GLU C 30 30.42 5.46 -8.50
C GLU C 30 30.18 4.05 -9.08
N ARG C 31 30.75 3.01 -8.45
CA ARG C 31 30.57 1.61 -8.87
C ARG C 31 29.12 1.15 -8.84
N TYR C 32 28.32 1.74 -7.96
CA TYR C 32 26.99 1.22 -7.64
C TYR C 32 25.87 2.07 -8.20
N GLU C 33 24.76 1.41 -8.51
CA GLU C 33 23.54 2.09 -8.95
C GLU C 33 22.32 1.45 -8.27
N GLY C 34 21.24 2.22 -8.19
CA GLY C 34 20.00 1.68 -7.68
C GLY C 34 19.19 2.66 -6.86
N TYR C 35 17.99 2.22 -6.46
CA TYR C 35 17.13 3.03 -5.64
C TYR C 35 17.84 3.54 -4.36
N CYS C 36 18.55 2.64 -3.66
CA CYS C 36 19.18 3.04 -2.41
C CYS C 36 20.46 3.83 -2.60
N VAL C 37 21.09 3.68 -3.77
CA VAL C 37 22.24 4.53 -4.13
C VAL C 37 21.75 5.97 -4.30
N ASP C 38 20.63 6.12 -5.00
CA ASP C 38 20.02 7.45 -5.21
C ASP C 38 19.50 8.01 -3.88
N LEU C 39 18.91 7.15 -3.06
CA LEU C 39 18.39 7.54 -1.75
C LEU C 39 19.55 8.04 -0.87
N ALA C 40 20.67 7.29 -0.84
CA ALA C 40 21.83 7.71 -0.07
C ALA C 40 22.35 9.08 -0.49
N ALA C 41 22.43 9.35 -1.79
CA ALA C 41 22.89 10.64 -2.25
C ALA C 41 21.99 11.79 -1.75
N GLU C 42 20.68 11.57 -1.79
CA GLU C 42 19.73 12.56 -1.31
C GLU C 42 19.82 12.78 0.21
N ILE C 43 19.86 11.70 0.98
CA ILE C 43 19.98 11.81 2.44
C ILE C 43 21.25 12.56 2.85
N ALA C 44 22.38 12.19 2.23
CA ALA C 44 23.66 12.86 2.49
C ALA C 44 23.62 14.35 2.15
N LYS C 45 22.95 14.68 1.04
CA LYS C 45 22.81 16.08 0.58
C LYS C 45 22.00 16.90 1.59
N HIS C 46 20.83 16.38 1.98
CA HIS C 46 19.96 17.07 2.93
C HIS C 46 20.56 17.16 4.35
N CYS C 47 21.32 16.15 4.75
CA CYS C 47 21.94 16.13 6.08
C CYS C 47 23.33 16.75 6.15
N GLY C 48 23.96 16.97 5.00
CA GLY C 48 25.27 17.62 4.92
C GLY C 48 26.45 16.77 5.35
N PHE C 49 26.48 15.54 4.88
CA PHE C 49 27.62 14.68 5.16
C PHE C 49 28.20 14.06 3.88
N LYS C 50 29.48 13.75 3.93
CA LYS C 50 30.10 12.89 2.93
C LYS C 50 30.04 11.44 3.41
N TYR C 51 30.04 10.49 2.47
CA TYR C 51 29.83 9.08 2.82
C TYR C 51 30.56 8.13 1.91
N LYS C 52 30.79 6.92 2.42
CA LYS C 52 31.36 5.80 1.67
C LYS C 52 30.34 4.65 1.72
N LEU C 53 29.93 4.19 0.54
CA LEU C 53 29.08 2.99 0.42
C LEU C 53 29.91 1.73 0.62
N THR C 54 29.45 0.86 1.53
CA THR C 54 30.10 -0.42 1.77
C THR C 54 29.04 -1.50 1.71
N ILE C 55 29.44 -2.68 1.25
CA ILE C 55 28.54 -3.82 1.19
C ILE C 55 28.75 -4.64 2.44
N VAL C 56 27.65 -4.86 3.16
CA VAL C 56 27.63 -5.67 4.39
C VAL C 56 28.47 -6.95 4.22
N GLY C 57 29.41 -7.15 5.14
CA GLY C 57 30.41 -8.22 5.00
C GLY C 57 29.83 -9.63 4.90
N ASP C 58 28.80 -9.92 5.69
CA ASP C 58 28.23 -11.27 5.70
C ASP C 58 27.05 -11.45 4.73
N GLY C 59 26.70 -10.36 4.03
CA GLY C 59 25.67 -10.40 2.99
C GLY C 59 24.26 -10.58 3.54
N LYS C 60 24.07 -10.29 4.82
CA LYS C 60 22.78 -10.52 5.51
C LYS C 60 22.09 -9.23 5.94
N TYR C 61 20.77 -9.31 6.10
CA TYR C 61 19.99 -8.17 6.60
C TYR C 61 20.18 -7.97 8.11
N GLY C 62 19.90 -9.02 8.89
CA GLY C 62 20.17 -8.93 10.31
C GLY C 62 19.21 -9.69 11.18
N ALA C 63 19.77 -10.63 11.93
CA ALA C 63 19.02 -11.36 12.95
C ALA C 63 19.94 -11.60 14.14
N ARG C 64 19.32 -11.85 15.29
CA ARG C 64 20.05 -12.15 16.52
C ARG C 64 20.13 -13.67 16.63
N ASP C 65 21.35 -14.21 16.72
CA ASP C 65 21.54 -15.65 16.96
C ASP C 65 20.92 -16.05 18.30
N ALA C 66 20.08 -17.08 18.27
CA ALA C 66 19.35 -17.52 19.48
C ALA C 66 20.27 -18.02 20.60
N ASP C 67 21.42 -18.58 20.22
CA ASP C 67 22.38 -19.15 21.18
C ASP C 67 23.42 -18.14 21.69
N THR C 68 24.04 -17.39 20.77
CA THR C 68 25.12 -16.43 21.11
C THR C 68 24.60 -15.04 21.51
N LYS C 69 23.38 -14.73 21.08
CA LYS C 69 22.73 -13.40 21.23
C LYS C 69 23.38 -12.29 20.38
N ILE C 70 24.23 -12.68 19.42
CA ILE C 70 24.95 -11.73 18.57
C ILE C 70 24.14 -11.43 17.32
N TRP C 71 24.02 -10.13 16.99
CA TRP C 71 23.40 -9.67 15.76
C TRP C 71 24.35 -9.82 14.57
N ASN C 72 23.82 -10.31 13.45
CA ASN C 72 24.56 -10.39 12.21
C ASN C 72 24.04 -9.36 11.20
N GLY C 73 24.56 -9.40 9.98
CA GLY C 73 24.08 -8.55 8.91
C GLY C 73 24.29 -7.07 9.13
N MET C 74 23.48 -6.27 8.42
CA MET C 74 23.57 -4.82 8.53
C MET C 74 23.23 -4.33 9.95
N VAL C 75 22.28 -5.00 10.61
CA VAL C 75 21.90 -4.61 11.96
C VAL C 75 23.12 -4.78 12.88
N GLY C 76 23.80 -5.91 12.76
CA GLY C 76 25.05 -6.14 13.51
C GLY C 76 26.11 -5.11 13.23
N GLU C 77 26.28 -4.74 11.96
CA GLU C 77 27.28 -3.72 11.65
C GLU C 77 27.01 -2.39 12.37
N LEU C 78 25.74 -2.04 12.52
CA LEU C 78 25.38 -0.85 13.30
C LEU C 78 25.57 -1.05 14.80
N VAL C 79 25.07 -2.17 15.32
CA VAL C 79 25.10 -2.48 16.75
C VAL C 79 26.54 -2.47 17.28
N TYR C 80 27.47 -3.03 16.51
CA TYR C 80 28.86 -3.17 16.97
C TYR C 80 29.80 -2.04 16.52
N GLY C 81 29.24 -1.05 15.85
CA GLY C 81 29.99 0.16 15.48
C GLY C 81 30.85 0.04 14.24
N LYS C 82 30.54 -0.92 13.37
CA LYS C 82 31.28 -1.13 12.13
C LYS C 82 30.82 -0.22 10.97
N ALA C 83 29.57 0.26 11.07
CA ALA C 83 29.03 1.24 10.14
C ALA C 83 28.23 2.29 10.90
N ASP C 84 28.04 3.44 10.27
CA ASP C 84 27.35 4.58 10.86
C ASP C 84 25.88 4.69 10.51
N ILE C 85 25.49 4.10 9.39
CA ILE C 85 24.11 4.17 8.92
C ILE C 85 23.88 3.02 7.96
N ALA C 86 22.64 2.52 7.92
CA ALA C 86 22.26 1.50 6.92
C ALA C 86 21.22 2.09 6.01
N ILE C 87 21.49 2.05 4.70
CA ILE C 87 20.58 2.61 3.71
C ILE C 87 20.32 1.49 2.71
N ALA C 88 19.21 0.78 2.94
CA ALA C 88 18.97 -0.52 2.33
C ALA C 88 17.48 -0.85 2.45
N PRO C 89 16.99 -1.90 1.75
CA PRO C 89 15.60 -2.34 1.96
C PRO C 89 15.49 -3.14 3.26
N LEU C 90 15.66 -2.42 4.37
CA LEU C 90 15.75 -2.98 5.70
C LEU C 90 14.41 -2.78 6.41
N THR C 91 13.78 -3.89 6.74
CA THR C 91 12.42 -3.82 7.30
C THR C 91 12.43 -3.36 8.75
N ILE C 92 11.53 -2.40 9.01
CA ILE C 92 11.28 -1.92 10.37
C ILE C 92 10.53 -3.00 11.17
N THR C 93 11.18 -3.49 12.22
CA THR C 93 10.60 -4.51 13.12
C THR C 93 10.83 -4.11 14.57
N LEU C 94 9.95 -4.60 15.44
CA LEU C 94 10.09 -4.37 16.87
C LEU C 94 11.47 -4.80 17.40
N VAL C 95 11.89 -6.05 17.10
CA VAL C 95 13.15 -6.54 17.66
C VAL C 95 14.34 -5.71 17.22
N ARG C 96 14.28 -5.19 15.98
CA ARG C 96 15.34 -4.30 15.51
C ARG C 96 15.28 -2.92 16.13
N GLU C 97 14.08 -2.35 16.26
CA GLU C 97 13.86 -1.00 16.85
CA GLU C 97 13.92 -1.00 16.82
C GLU C 97 14.29 -0.98 18.33
N GLU C 98 14.31 -2.14 18.96
CA GLU C 98 14.82 -2.25 20.33
C GLU C 98 16.34 -2.03 20.42
N VAL C 99 17.07 -2.27 19.30
CA VAL C 99 18.54 -2.18 19.33
C VAL C 99 19.18 -1.12 18.44
N ILE C 100 18.49 -0.73 17.37
CA ILE C 100 18.90 0.41 16.52
C ILE C 100 17.71 1.38 16.36
N ASP C 101 17.97 2.56 15.82
CA ASP C 101 16.90 3.50 15.49
C ASP C 101 16.54 3.47 14.02
N PHE C 102 15.26 3.58 13.69
CA PHE C 102 14.84 3.68 12.31
C PHE C 102 14.23 5.05 12.05
N SER C 103 14.50 5.60 10.86
CA SER C 103 13.70 6.72 10.34
C SER C 103 12.27 6.26 10.10
N LYS C 104 11.38 7.22 9.88
CA LYS C 104 10.07 6.91 9.32
C LYS C 104 10.31 6.16 8.02
N PRO C 105 9.38 5.29 7.61
CA PRO C 105 9.63 4.47 6.42
C PRO C 105 9.71 5.27 5.14
N PHE C 106 10.52 4.80 4.20
CA PHE C 106 10.58 5.42 2.89
C PHE C 106 9.85 4.62 1.82
N MET C 107 9.39 3.42 2.16
CA MET C 107 8.69 2.56 1.20
C MET C 107 7.81 1.60 1.96
N SER C 108 6.63 1.32 1.41
CA SER C 108 5.74 0.31 1.96
C SER C 108 5.93 -1.03 1.21
N LEU C 109 5.67 -2.13 1.92
CA LEU C 109 5.75 -3.48 1.33
C LEU C 109 4.96 -4.46 2.17
N GLY C 110 4.76 -5.66 1.62
CA GLY C 110 4.26 -6.78 2.41
C GLY C 110 4.83 -8.08 1.89
N ILE C 111 4.83 -9.10 2.73
CA ILE C 111 5.24 -10.46 2.30
C ILE C 111 4.28 -10.92 1.18
N SER C 112 4.85 -11.56 0.17
CA SER C 112 4.07 -12.01 -1.01
C SER C 112 4.62 -13.34 -1.54
N ILE C 113 3.88 -13.93 -2.48
CA ILE C 113 4.26 -15.24 -3.05
C ILE C 113 4.76 -15.09 -4.48
N MET C 114 5.94 -15.65 -4.76
CA MET C 114 6.44 -15.74 -6.12
C MET C 114 6.32 -17.18 -6.61
N ILE C 115 5.70 -17.35 -7.78
CA ILE C 115 5.65 -18.66 -8.44
C ILE C 115 6.27 -18.63 -9.83
N LYS C 116 6.71 -19.80 -10.31
CA LYS C 116 6.97 -19.97 -11.73
CA LYS C 116 6.97 -20.01 -11.73
C LYS C 116 5.62 -19.94 -12.43
N LYS C 117 5.55 -19.21 -13.54
CA LYS C 117 4.31 -19.13 -14.32
C LYS C 117 3.68 -20.51 -14.55
N GLY C 118 2.40 -20.59 -14.25
CA GLY C 118 1.60 -21.82 -14.43
C GLY C 118 1.49 -22.72 -13.20
N THR C 119 2.22 -22.39 -12.13
CA THR C 119 2.13 -23.13 -10.86
C THR C 119 0.69 -23.02 -10.28
N PRO C 120 0.06 -24.14 -9.94
CA PRO C 120 -1.32 -24.11 -9.43
C PRO C 120 -1.45 -23.64 -7.96
N ILE C 121 -1.06 -22.40 -7.72
CA ILE C 121 -1.09 -21.76 -6.41
C ILE C 121 -1.57 -20.33 -6.60
N GLU C 122 -2.54 -19.92 -5.79
CA GLU C 122 -3.05 -18.53 -5.82
C GLU C 122 -2.94 -17.80 -4.48
N SER C 123 -2.57 -18.51 -3.41
CA SER C 123 -2.63 -17.95 -2.06
C SER C 123 -1.77 -18.73 -1.08
N ALA C 124 -1.52 -18.13 0.08
CA ALA C 124 -0.81 -18.78 1.19
C ALA C 124 -1.59 -19.99 1.66
N GLU C 125 -2.92 -19.81 1.76
CA GLU C 125 -3.80 -20.92 2.10
C GLU C 125 -3.58 -22.10 1.15
N ASP C 126 -3.49 -21.83 -0.17
CA ASP C 126 -3.22 -22.90 -1.14
C ASP C 126 -1.93 -23.63 -0.85
N LEU C 127 -0.86 -22.88 -0.53
CA LEU C 127 0.43 -23.51 -0.24
C LEU C 127 0.31 -24.42 0.97
N SER C 128 -0.38 -23.92 2.00
CA SER C 128 -0.50 -24.62 3.28
C SER C 128 -1.29 -25.94 3.21
N LYS C 129 -2.16 -26.07 2.20
CA LYS C 129 -3.07 -27.22 2.07
C LYS C 129 -2.55 -28.32 1.15
N GLN C 130 -1.30 -28.21 0.74
CA GLN C 130 -0.68 -29.18 -0.17
C GLN C 130 0.78 -29.44 0.22
N THR C 131 1.38 -30.48 -0.38
CA THR C 131 2.77 -30.83 -0.11
C THR C 131 3.67 -31.06 -1.34
N GLU C 132 3.08 -31.04 -2.52
CA GLU C 132 3.80 -31.29 -3.77
C GLU C 132 4.81 -30.17 -4.08
N ILE C 133 4.41 -28.95 -3.78
CA ILE C 133 5.21 -27.75 -4.05
C ILE C 133 5.82 -27.28 -2.73
N ALA C 134 7.16 -27.25 -2.69
CA ALA C 134 7.88 -26.73 -1.54
C ALA C 134 7.86 -25.21 -1.55
N TYR C 135 8.18 -24.62 -0.40
CA TYR C 135 8.21 -23.16 -0.28
C TYR C 135 9.01 -22.71 0.92
N GLY C 136 9.66 -21.56 0.78
CA GLY C 136 10.52 -21.05 1.83
C GLY C 136 10.74 -19.56 1.73
N THR C 137 11.70 -19.08 2.52
CA THR C 137 11.96 -17.65 2.67
C THR C 137 13.46 -17.39 2.68
N LEU C 138 13.85 -16.12 2.66
CA LEU C 138 15.23 -15.72 2.92
C LEU C 138 15.62 -16.08 4.36
N ASP C 139 16.86 -16.56 4.56
CA ASP C 139 17.45 -16.69 5.91
C ASP C 139 17.82 -15.31 6.51
N SER C 140 17.78 -15.20 7.84
CA SER C 140 18.33 -14.03 8.56
C SER C 140 17.60 -12.73 8.24
N GLY C 141 16.32 -12.83 7.88
CA GLY C 141 15.52 -11.63 7.60
C GLY C 141 14.16 -11.61 8.25
N SER C 142 13.40 -10.58 7.93
CA SER C 142 12.11 -10.32 8.56
C SER C 142 11.00 -11.26 8.09
N THR C 143 11.08 -11.75 6.85
CA THR C 143 10.05 -12.69 6.37
C THR C 143 10.06 -13.99 7.19
N LYS C 144 11.26 -14.51 7.43
CA LYS C 144 11.43 -15.71 8.22
C LYS C 144 10.82 -15.48 9.62
N GLU C 145 11.16 -14.33 10.23
CA GLU C 145 10.62 -13.95 11.57
C GLU C 145 9.09 -13.90 11.59
N PHE C 146 8.48 -13.35 10.54
CA PHE C 146 7.03 -13.28 10.45
C PHE C 146 6.40 -14.67 10.61
N PHE C 147 6.96 -15.65 9.91
CA PHE C 147 6.43 -17.00 9.98
C PHE C 147 6.70 -17.67 11.31
N ARG C 148 7.91 -17.47 11.84
CA ARG C 148 8.34 -18.03 13.13
C ARG C 148 7.39 -17.60 14.25
N ARG C 149 6.93 -16.35 14.18
CA ARG C 149 6.14 -15.74 15.24
C ARG C 149 4.62 -15.85 15.07
N SER C 150 4.13 -16.14 13.86
CA SER C 150 2.69 -16.00 13.57
C SER C 150 1.78 -16.96 14.35
N LYS C 151 0.67 -16.41 14.83
CA LYS C 151 -0.42 -17.20 15.44
C LYS C 151 -1.62 -17.43 14.51
N ILE C 152 -1.56 -16.89 13.29
CA ILE C 152 -2.59 -17.09 12.28
C ILE C 152 -2.49 -18.54 11.77
N ALA C 153 -3.62 -19.26 11.72
CA ALA C 153 -3.62 -20.72 11.47
C ALA C 153 -2.84 -21.12 10.21
N VAL C 154 -3.14 -20.46 9.09
CA VAL C 154 -2.46 -20.73 7.80
C VAL C 154 -0.94 -20.51 7.90
N PHE C 155 -0.52 -19.39 8.49
CA PHE C 155 0.92 -19.06 8.57
C PHE C 155 1.66 -19.97 9.55
N ASP C 156 0.99 -20.31 10.66
CA ASP C 156 1.52 -21.28 11.62
C ASP C 156 1.77 -22.64 10.95
N LYS C 157 0.81 -23.09 10.14
CA LYS C 157 0.90 -24.37 9.43
C LYS C 157 2.11 -24.30 8.47
N MET C 158 2.27 -23.15 7.82
CA MET C 158 3.39 -22.95 6.89
C MET C 158 4.74 -23.02 7.59
N TRP C 159 4.85 -22.36 8.75
CA TRP C 159 6.09 -22.35 9.51
C TRP C 159 6.44 -23.75 10.04
N THR C 160 5.43 -24.44 10.57
CA THR C 160 5.61 -25.84 10.99
C THR C 160 6.21 -26.70 9.87
N TYR C 161 5.70 -26.55 8.65
CA TYR C 161 6.27 -27.24 7.49
C TYR C 161 7.70 -26.74 7.18
N MET C 162 7.87 -25.43 7.05
CA MET C 162 9.15 -24.89 6.58
C MET C 162 10.33 -25.20 7.51
N ARG C 163 10.10 -25.07 8.81
CA ARG C 163 11.16 -25.21 9.83
C ARG C 163 11.86 -26.58 9.85
N SER C 164 11.17 -27.62 9.35
CA SER C 164 11.69 -28.99 9.37
CA SER C 164 11.66 -28.99 9.37
C SER C 164 11.80 -29.63 7.98
N ALA C 165 11.52 -28.85 6.93
CA ALA C 165 11.55 -29.37 5.56
C ALA C 165 12.98 -29.72 5.16
N GLU C 166 13.11 -30.82 4.42
CA GLU C 166 14.42 -31.27 3.93
C GLU C 166 14.28 -31.55 2.44
N PRO C 167 15.22 -31.03 1.62
CA PRO C 167 16.30 -30.15 2.06
C PRO C 167 15.79 -28.76 2.50
N SER C 168 16.66 -27.97 3.13
CA SER C 168 16.29 -26.63 3.57
C SER C 168 15.51 -25.87 2.50
N VAL C 169 14.40 -25.29 2.92
CA VAL C 169 13.64 -24.42 2.03
C VAL C 169 14.13 -22.97 2.11
N PHE C 170 15.07 -22.69 3.01
CA PHE C 170 15.57 -21.33 3.17
C PHE C 170 16.72 -21.08 2.20
N VAL C 171 16.90 -19.82 1.83
CA VAL C 171 17.96 -19.41 0.88
C VAL C 171 18.84 -18.30 1.48
N ARG C 172 20.07 -18.18 0.98
CA ARG C 172 21.02 -17.18 1.51
C ARG C 172 20.77 -15.77 0.98
N THR C 173 20.28 -15.67 -0.25
CA THR C 173 20.06 -14.39 -0.93
C THR C 173 18.76 -14.47 -1.74
N THR C 174 18.17 -13.31 -2.01
CA THR C 174 16.98 -13.23 -2.86
C THR C 174 17.24 -13.86 -4.22
N ALA C 175 18.41 -13.60 -4.80
CA ALA C 175 18.77 -14.18 -6.11
C ALA C 175 18.70 -15.71 -6.09
N GLU C 176 19.13 -16.33 -4.97
CA GLU C 176 19.10 -17.78 -4.82
CA GLU C 176 19.10 -17.78 -4.87
C GLU C 176 17.67 -18.30 -4.81
N GLY C 177 16.80 -17.59 -4.08
CA GLY C 177 15.36 -17.91 -4.01
C GLY C 177 14.71 -17.87 -5.39
N VAL C 178 14.98 -16.78 -6.12
CA VAL C 178 14.44 -16.59 -7.47
C VAL C 178 14.97 -17.66 -8.42
N ALA C 179 16.26 -17.97 -8.35
CA ALA C 179 16.82 -18.99 -9.20
C ALA C 179 16.19 -20.36 -8.92
N ARG C 180 15.89 -20.62 -7.65
CA ARG C 180 15.28 -21.88 -7.25
C ARG C 180 13.86 -22.01 -7.78
N VAL C 181 13.08 -20.93 -7.70
CA VAL C 181 11.75 -20.88 -8.36
C VAL C 181 11.90 -21.21 -9.86
N ARG C 182 12.85 -20.55 -10.52
CA ARG C 182 13.03 -20.67 -11.99
C ARG C 182 13.46 -22.04 -12.48
N LYS C 183 14.28 -22.73 -11.69
CA LYS C 183 14.79 -24.07 -12.06
C LYS C 183 13.90 -25.22 -11.58
N SER C 184 12.86 -24.89 -10.81
CA SER C 184 12.04 -25.84 -10.06
C SER C 184 10.96 -26.56 -10.84
N LYS C 185 10.68 -26.12 -12.07
CA LYS C 185 9.53 -26.61 -12.87
C LYS C 185 8.19 -26.46 -12.12
N GLY C 186 8.09 -25.40 -11.32
CA GLY C 186 6.89 -25.11 -10.55
C GLY C 186 6.81 -25.79 -9.18
N LYS C 187 7.86 -26.51 -8.81
CA LYS C 187 7.85 -27.26 -7.55
C LYS C 187 8.44 -26.52 -6.34
N TYR C 188 8.86 -25.26 -6.53
CA TYR C 188 9.27 -24.38 -5.42
C TYR C 188 8.62 -23.04 -5.64
N ALA C 189 8.03 -22.50 -4.58
CA ALA C 189 7.47 -21.14 -4.55
C ALA C 189 8.26 -20.36 -3.49
N TYR C 190 8.43 -19.06 -3.69
CA TYR C 190 9.29 -18.28 -2.82
C TYR C 190 8.50 -17.17 -2.15
N LEU C 191 8.63 -17.06 -0.83
CA LEU C 191 7.96 -16.02 -0.06
C LEU C 191 8.96 -14.89 0.12
N LEU C 192 8.62 -13.71 -0.42
CA LEU C 192 9.52 -12.57 -0.40
C LEU C 192 8.71 -11.29 -0.41
N GLU C 193 9.39 -10.18 -0.16
CA GLU C 193 8.68 -8.89 -0.07
C GLU C 193 8.16 -8.45 -1.45
N SER C 194 6.97 -7.85 -1.42
CA SER C 194 6.25 -7.42 -2.63
C SER C 194 7.07 -6.55 -3.57
N THR C 195 7.87 -5.65 -3.00
CA THR C 195 8.80 -4.79 -3.73
C THR C 195 9.74 -5.58 -4.63
N MET C 196 10.38 -6.61 -4.04
CA MET C 196 11.32 -7.40 -4.81
CA MET C 196 11.33 -7.45 -4.79
C MET C 196 10.59 -8.29 -5.81
N ASN C 197 9.46 -8.85 -5.38
CA ASN C 197 8.63 -9.73 -6.23
C ASN C 197 8.18 -8.98 -7.50
N GLU C 198 7.64 -7.78 -7.29
CA GLU C 198 7.13 -6.95 -8.40
C GLU C 198 8.25 -6.48 -9.35
N TYR C 199 9.45 -6.23 -8.82
CA TYR C 199 10.60 -5.92 -9.67
C TYR C 199 10.93 -7.10 -10.60
N ILE C 200 11.07 -8.29 -10.00
CA ILE C 200 11.49 -9.49 -10.72
C ILE C 200 10.47 -9.91 -11.76
N GLU C 201 9.18 -9.71 -11.47
CA GLU C 201 8.11 -10.05 -12.41
C GLU C 201 8.25 -9.26 -13.72
N GLN C 202 8.86 -8.07 -13.65
CA GLN C 202 8.99 -7.24 -14.86
C GLN C 202 10.39 -7.27 -15.49
N ARG C 203 11.19 -8.28 -15.12
CA ARG C 203 12.50 -8.50 -15.73
C ARG C 203 12.54 -9.81 -16.51
N LYS C 204 13.27 -9.82 -17.62
CA LYS C 204 13.58 -11.05 -18.36
C LYS C 204 14.20 -12.09 -17.41
N PRO C 205 13.89 -13.38 -17.55
CA PRO C 205 13.11 -13.95 -18.67
C PRO C 205 11.58 -13.99 -18.52
N CYS C 206 11.01 -13.15 -17.63
CA CYS C 206 9.56 -12.96 -17.55
C CYS C 206 8.81 -14.28 -17.28
N ASP C 207 9.35 -15.09 -16.36
CA ASP C 207 8.83 -16.44 -16.10
C ASP C 207 8.30 -16.63 -14.69
N THR C 208 8.28 -15.55 -13.92
CA THR C 208 7.72 -15.57 -12.57
C THR C 208 6.55 -14.63 -12.45
N MET C 209 5.74 -14.85 -11.42
CA MET C 209 4.76 -13.85 -11.05
C MET C 209 4.37 -13.86 -9.59
N LYS C 210 3.87 -12.70 -9.17
CA LYS C 210 3.30 -12.50 -7.86
C LYS C 210 1.87 -13.02 -7.88
N VAL C 211 1.53 -13.85 -6.89
CA VAL C 211 0.15 -14.31 -6.71
C VAL C 211 -0.41 -14.01 -5.33
N GLY C 212 -1.71 -13.68 -5.29
CA GLY C 212 -2.41 -13.41 -4.02
C GLY C 212 -2.11 -12.04 -3.46
N GLY C 213 -2.78 -11.69 -2.39
CA GLY C 213 -2.55 -10.40 -1.74
C GLY C 213 -1.31 -10.49 -0.85
N ASN C 214 -0.85 -9.33 -0.40
CA ASN C 214 0.24 -9.28 0.59
C ASN C 214 -0.24 -9.86 1.90
N LEU C 215 0.65 -10.57 2.59
CA LEU C 215 0.31 -11.22 3.87
C LEU C 215 0.38 -10.29 5.07
N ASP C 216 1.09 -9.17 4.91
CA ASP C 216 1.21 -8.17 5.97
C ASP C 216 1.48 -6.79 5.35
N SER C 217 1.69 -5.79 6.19
CA SER C 217 1.93 -4.42 5.75
C SER C 217 2.99 -3.82 6.67
N LYS C 218 4.10 -3.39 6.08
CA LYS C 218 5.16 -2.74 6.86
C LYS C 218 6.01 -1.82 5.99
N GLY C 219 7.12 -1.36 6.53
CA GLY C 219 7.94 -0.41 5.78
C GLY C 219 9.42 -0.68 5.90
N TYR C 220 10.17 -0.11 4.97
CA TYR C 220 11.63 -0.05 5.09
C TYR C 220 12.02 1.27 5.70
N GLY C 221 13.04 1.27 6.56
CA GLY C 221 13.53 2.51 7.14
C GLY C 221 15.04 2.60 7.05
N ILE C 222 15.54 3.83 7.15
CA ILE C 222 16.99 4.07 7.28
C ILE C 222 17.37 3.89 8.75
N ALA C 223 18.40 3.07 9.02
CA ALA C 223 18.75 2.75 10.40
C ALA C 223 20.08 3.36 10.82
N THR C 224 20.10 3.80 12.08
CA THR C 224 21.29 4.36 12.70
C THR C 224 21.51 3.71 14.07
N PRO C 225 22.78 3.58 14.50
CA PRO C 225 23.03 3.03 15.86
C PRO C 225 22.47 3.95 16.93
N LYS C 226 22.03 3.38 18.06
CA LYS C 226 21.62 4.22 19.19
C LYS C 226 22.74 5.19 19.55
N GLY C 227 22.36 6.44 19.80
CA GLY C 227 23.31 7.49 20.17
C GLY C 227 23.82 8.34 19.02
N SER C 228 23.50 7.93 17.78
CA SER C 228 23.99 8.64 16.57
C SER C 228 23.55 10.11 16.50
N SER C 229 24.50 10.99 16.20
CA SER C 229 24.19 12.40 15.96
C SER C 229 23.37 12.63 14.67
N LEU C 230 23.26 11.58 13.84
CA LEU C 230 22.49 11.65 12.58
C LEU C 230 21.00 11.36 12.72
N ARG C 231 20.58 10.79 13.86
CA ARG C 231 19.22 10.25 13.96
C ARG C 231 18.12 11.24 13.56
N ASN C 232 18.12 12.42 14.18
CA ASN C 232 17.07 13.40 13.90
C ASN C 232 17.04 13.95 12.46
N ALA C 233 18.22 14.33 11.93
CA ALA C 233 18.29 14.88 10.57
C ALA C 233 17.88 13.85 9.53
N VAL C 234 18.28 12.60 9.76
CA VAL C 234 17.95 11.51 8.82
C VAL C 234 16.43 11.30 8.77
N ASN C 235 15.79 11.29 9.94
CA ASN C 235 14.36 11.11 10.03
C ASN C 235 13.59 12.23 9.30
N LEU C 236 13.96 13.47 9.57
CA LEU C 236 13.34 14.61 8.91
C LEU C 236 13.63 14.60 7.40
N ALA C 237 14.83 14.16 7.01
CA ALA C 237 15.17 14.07 5.60
C ALA C 237 14.30 13.09 4.83
N VAL C 238 14.03 11.92 5.42
CA VAL C 238 13.15 10.95 4.78
C VAL C 238 11.76 11.56 4.54
N LEU C 239 11.25 12.32 5.51
CA LEU C 239 9.95 12.96 5.36
C LEU C 239 9.97 14.05 4.27
N LYS C 240 11.05 14.84 4.24
CA LYS C 240 11.30 15.86 3.19
C LYS C 240 11.28 15.21 1.81
N LEU C 241 12.02 14.11 1.65
CA LEU C 241 12.04 13.35 0.39
CA LEU C 241 12.05 13.38 0.38
C LEU C 241 10.67 12.89 -0.06
N ASN C 242 9.86 12.38 0.86
CA ASN C 242 8.55 11.88 0.44
C ASN C 242 7.62 12.98 -0.10
N GLU C 243 7.61 14.07 0.61
CA GLU C 243 6.74 15.17 0.30
C GLU C 243 7.17 15.96 -0.92
N GLN C 244 8.48 16.14 -1.08
CA GLN C 244 9.02 16.80 -2.28
C GLN C 244 8.81 15.91 -3.51
N GLY C 245 8.25 14.71 -3.30
CA GLY C 245 7.88 13.77 -4.35
C GLY C 245 9.01 12.90 -4.89
N LEU C 246 10.16 12.98 -4.21
CA LEU C 246 11.38 12.30 -4.65
C LEU C 246 11.23 10.77 -4.54
N LEU C 247 10.64 10.29 -3.45
CA LEU C 247 10.51 8.83 -3.29
C LEU C 247 9.67 8.17 -4.39
N ASP C 248 8.57 8.82 -4.77
CA ASP C 248 7.77 8.36 -5.92
C ASP C 248 8.54 8.38 -7.24
N LYS C 249 9.32 9.43 -7.46
CA LYS C 249 10.21 9.51 -8.63
C LYS C 249 11.18 8.34 -8.69
N LEU C 250 11.78 8.03 -7.54
CA LEU C 250 12.75 6.94 -7.49
C LEU C 250 12.10 5.58 -7.69
N LYS C 251 10.89 5.39 -7.16
CA LYS C 251 10.14 4.15 -7.39
C LYS C 251 9.87 3.95 -8.89
N ASN C 252 9.39 5.00 -9.56
CA ASN C 252 9.14 4.92 -11.00
C ASN C 252 10.41 4.67 -11.81
N LYS C 253 11.51 5.30 -11.40
CA LYS C 253 12.82 5.12 -12.06
C LYS C 253 13.31 3.67 -12.04
N TRP C 254 13.15 3.02 -10.89
CA TRP C 254 13.80 1.74 -10.66
C TRP C 254 12.87 0.53 -10.87
N TRP C 255 11.55 0.78 -10.85
CA TRP C 255 10.56 -0.28 -11.11
C TRP C 255 9.96 -0.07 -12.51
N TYR C 256 9.02 0.88 -12.65
CA TYR C 256 8.29 1.11 -13.91
C TYR C 256 9.22 1.25 -15.13
N ASP C 257 10.18 2.16 -15.02
CA ASP C 257 11.09 2.47 -16.12
C ASP C 257 12.07 1.33 -16.44
N LYS C 258 12.26 0.41 -15.50
CA LYS C 258 13.20 -0.70 -15.69
C LYS C 258 12.48 -1.99 -16.18
N GLY C 259 11.17 -1.89 -16.41
CA GLY C 259 10.35 -2.99 -16.95
C GLY C 259 10.82 -3.50 -18.31
N GLU C 260 10.82 -4.82 -18.48
CA GLU C 260 11.33 -5.48 -19.70
C GLU C 260 10.29 -6.43 -20.29
N CYS C 261 9.27 -6.75 -19.50
CA CYS C 261 8.30 -7.77 -19.87
C CYS C 261 7.10 -7.22 -20.65
N GLY C 262 7.21 -5.97 -21.10
CA GLY C 262 6.22 -5.34 -21.99
C GLY C 262 4.89 -5.03 -21.33
N GLY D 1 6.51 10.80 39.32
CA GLY D 1 5.85 10.39 40.59
C GLY D 1 4.63 9.52 40.34
N SER D 2 3.46 10.04 40.74
CA SER D 2 2.18 9.35 40.59
C SER D 2 1.69 9.33 39.16
N ASN D 3 1.14 8.20 38.74
CA ASN D 3 0.61 8.02 37.38
C ASN D 3 -0.71 8.75 37.20
N LYS D 4 -0.77 9.65 36.21
CA LYS D 4 -2.00 10.37 35.92
C LYS D 4 -2.71 9.84 34.68
N THR D 5 -4.00 10.13 34.62
CA THR D 5 -4.86 9.80 33.48
C THR D 5 -4.41 10.58 32.25
N VAL D 6 -4.14 9.83 31.21
CA VAL D 6 -3.66 10.38 29.92
C VAL D 6 -4.83 10.98 29.15
N VAL D 7 -4.73 12.26 28.78
CA VAL D 7 -5.77 12.90 27.96
C VAL D 7 -5.48 12.60 26.49
N VAL D 8 -6.38 11.85 25.86
CA VAL D 8 -6.27 11.45 24.44
C VAL D 8 -7.12 12.41 23.62
N THR D 9 -6.52 13.11 22.65
CA THR D 9 -7.30 13.88 21.68
C THR D 9 -7.51 13.02 20.43
N THR D 10 -8.74 13.04 19.92
CA THR D 10 -9.07 12.31 18.71
C THR D 10 -10.17 13.08 17.98
N ILE D 11 -10.68 12.51 16.88
CA ILE D 11 -11.60 13.24 16.01
C ILE D 11 -12.75 12.34 15.56
N LEU D 12 -13.95 12.91 15.45
CA LEU D 12 -15.08 12.15 14.92
C LEU D 12 -14.92 11.94 13.44
N GLU D 13 -14.54 10.72 13.06
CA GLU D 13 -14.20 10.38 11.69
C GLU D 13 -14.40 8.87 11.51
N SER D 14 -15.34 8.48 10.63
CA SER D 14 -15.65 7.06 10.43
C SER D 14 -14.61 6.37 9.56
N PRO D 15 -14.24 5.11 9.86
CA PRO D 15 -14.70 4.31 11.00
C PRO D 15 -13.70 4.34 12.15
N TYR D 16 -12.98 5.45 12.30
CA TYR D 16 -11.93 5.56 13.33
C TYR D 16 -12.51 5.83 14.73
N VAL D 17 -13.35 6.85 14.84
CA VAL D 17 -14.03 7.18 16.10
C VAL D 17 -15.45 7.63 15.77
N MET D 18 -16.42 6.90 16.31
CA MET D 18 -17.83 7.18 16.08
C MET D 18 -18.60 7.15 17.39
N MET D 19 -19.63 8.00 17.48
CA MET D 19 -20.56 7.96 18.60
C MET D 19 -21.45 6.73 18.42
N LYS D 20 -21.44 5.83 19.41
CA LYS D 20 -22.30 4.65 19.38
C LYS D 20 -23.73 5.11 19.38
N LYS D 21 -24.56 4.40 18.63
CA LYS D 21 -25.99 4.66 18.59
C LYS D 21 -26.56 4.75 20.01
N ASN D 22 -27.29 5.84 20.26
CA ASN D 22 -27.97 6.11 21.52
C ASN D 22 -27.07 6.31 22.73
N HIS D 23 -25.80 6.68 22.50
CA HIS D 23 -24.88 6.92 23.62
C HIS D 23 -24.61 8.40 23.89
N GLU D 24 -25.31 9.28 23.17
CA GLU D 24 -25.02 10.74 23.15
C GLU D 24 -25.21 11.39 24.52
N MET D 25 -26.24 10.93 25.23
CA MET D 25 -26.61 11.41 26.56
C MET D 25 -25.82 10.73 27.69
N LEU D 26 -24.91 9.84 27.33
CA LEU D 26 -24.10 9.09 28.30
C LEU D 26 -22.74 9.73 28.56
N GLU D 27 -21.89 9.04 29.34
CA GLU D 27 -20.56 9.55 29.71
C GLU D 27 -19.46 8.49 29.60
N GLY D 28 -18.20 8.96 29.54
CA GLY D 28 -17.02 8.11 29.51
C GLY D 28 -16.59 7.54 28.15
N ASN D 29 -15.49 6.80 28.18
CA ASN D 29 -14.91 6.20 26.97
C ASN D 29 -15.85 5.25 26.22
N GLU D 30 -16.75 4.61 26.97
CA GLU D 30 -17.68 3.61 26.45
C GLU D 30 -18.63 4.18 25.38
N ARG D 31 -18.79 5.51 25.32
CA ARG D 31 -19.62 6.16 24.30
C ARG D 31 -19.16 5.92 22.88
N TYR D 32 -17.85 5.70 22.70
CA TYR D 32 -17.24 5.69 21.39
C TYR D 32 -16.86 4.30 20.89
N GLU D 33 -16.88 4.14 19.58
CA GLU D 33 -16.43 2.91 18.92
C GLU D 33 -15.64 3.27 17.67
N GLY D 34 -14.80 2.33 17.24
CA GLY D 34 -14.08 2.50 15.99
C GLY D 34 -12.67 1.97 16.05
N TYR D 35 -12.00 2.06 14.91
CA TYR D 35 -10.64 1.54 14.77
C TYR D 35 -9.71 2.22 15.80
N CYS D 36 -9.83 3.53 15.93
CA CYS D 36 -8.93 4.25 16.85
C CYS D 36 -9.30 4.11 18.31
N VAL D 37 -10.56 3.80 18.60
CA VAL D 37 -10.99 3.47 19.95
C VAL D 37 -10.34 2.14 20.37
N ASP D 38 -10.38 1.15 19.47
CA ASP D 38 -9.75 -0.14 19.73
C ASP D 38 -8.22 0.01 19.81
N LEU D 39 -7.66 0.86 18.94
CA LEU D 39 -6.23 1.13 18.95
C LEU D 39 -5.79 1.77 20.29
N ALA D 40 -6.56 2.77 20.75
CA ALA D 40 -6.25 3.42 22.04
C ALA D 40 -6.24 2.41 23.19
N ALA D 41 -7.22 1.50 23.21
CA ALA D 41 -7.28 0.52 24.28
C ALA D 41 -6.03 -0.38 24.29
N GLU D 42 -5.60 -0.79 23.11
CA GLU D 42 -4.40 -1.62 22.96
C GLU D 42 -3.12 -0.86 23.35
N ILE D 43 -2.98 0.37 22.86
CA ILE D 43 -1.81 1.20 23.24
C ILE D 43 -1.73 1.43 24.76
N ALA D 44 -2.86 1.78 25.38
CA ALA D 44 -2.91 2.00 26.83
C ALA D 44 -2.54 0.74 27.61
N LYS D 45 -2.99 -0.43 27.12
CA LYS D 45 -2.74 -1.72 27.77
C LYS D 45 -1.24 -2.04 27.73
N HIS D 46 -0.65 -1.95 26.54
CA HIS D 46 0.77 -2.24 26.36
C HIS D 46 1.68 -1.23 27.06
N CYS D 47 1.25 0.03 27.16
CA CYS D 47 2.05 1.06 27.82
C CYS D 47 1.77 1.24 29.30
N GLY D 48 0.66 0.69 29.77
CA GLY D 48 0.32 0.70 31.19
C GLY D 48 -0.20 2.02 31.71
N PHE D 49 -1.09 2.65 30.96
CA PHE D 49 -1.71 3.89 31.40
C PHE D 49 -3.23 3.84 31.35
N LYS D 50 -3.87 4.62 32.21
CA LYS D 50 -5.30 4.89 32.13
C LYS D 50 -5.48 6.15 31.27
N TYR D 51 -6.63 6.28 30.62
CA TYR D 51 -6.84 7.38 29.67
C TYR D 51 -8.30 7.83 29.57
N LYS D 52 -8.48 9.06 29.07
CA LYS D 52 -9.78 9.64 28.80
C LYS D 52 -9.79 10.06 27.33
N LEU D 53 -10.75 9.54 26.56
CA LEU D 53 -10.97 9.98 25.18
C LEU D 53 -11.68 11.32 25.13
N THR D 54 -11.11 12.26 24.39
CA THR D 54 -11.70 13.58 24.20
C THR D 54 -11.74 13.86 22.70
N ILE D 55 -12.75 14.59 22.26
CA ILE D 55 -12.86 14.98 20.88
C ILE D 55 -12.30 16.39 20.75
N VAL D 56 -11.32 16.51 19.86
CA VAL D 56 -10.65 17.79 19.54
C VAL D 56 -11.67 18.94 19.44
N GLY D 57 -11.40 20.02 20.19
CA GLY D 57 -12.37 21.09 20.37
C GLY D 57 -12.80 21.82 19.10
N ASP D 58 -11.86 22.04 18.19
CA ASP D 58 -12.18 22.75 16.94
C ASP D 58 -12.54 21.82 15.77
N GLY D 59 -12.50 20.52 16.01
CA GLY D 59 -12.91 19.51 15.02
C GLY D 59 -11.95 19.38 13.84
N LYS D 60 -10.70 19.83 14.03
CA LYS D 60 -9.69 19.87 12.95
C LYS D 60 -8.52 18.92 13.21
N TYR D 61 -7.84 18.53 12.13
CA TYR D 61 -6.64 17.70 12.24
C TYR D 61 -5.44 18.51 12.72
N GLY D 62 -5.10 19.58 12.01
CA GLY D 62 -4.04 20.46 12.47
C GLY D 62 -3.26 21.11 11.36
N ALA D 63 -3.26 22.44 11.38
CA ALA D 63 -2.41 23.24 10.50
C ALA D 63 -1.96 24.48 11.26
N ARG D 64 -0.86 25.07 10.79
CA ARG D 64 -0.28 26.28 11.35
C ARG D 64 -0.80 27.46 10.54
N ASP D 65 -1.49 28.39 11.22
CA ASP D 65 -1.98 29.61 10.57
C ASP D 65 -0.79 30.43 10.03
N ALA D 66 -0.86 30.79 8.75
CA ALA D 66 0.21 31.52 8.08
C ALA D 66 0.50 32.89 8.70
N ASP D 67 -0.54 33.53 9.25
CA ASP D 67 -0.41 34.87 9.85
C ASP D 67 -0.06 34.85 11.35
N THR D 68 -0.81 34.09 12.14
CA THR D 68 -0.58 34.03 13.59
C THR D 68 0.51 33.04 14.01
N LYS D 69 0.84 32.09 13.13
CA LYS D 69 1.79 30.98 13.37
C LYS D 69 1.30 29.97 14.42
N ILE D 70 0.00 30.01 14.74
CA ILE D 70 -0.58 29.18 15.79
C ILE D 70 -1.15 27.90 15.16
N TRP D 71 -0.84 26.76 15.79
CA TRP D 71 -1.37 25.48 15.36
C TRP D 71 -2.78 25.26 15.89
N ASN D 72 -3.65 24.75 15.02
CA ASN D 72 -4.99 24.37 15.42
C ASN D 72 -5.15 22.85 15.45
N GLY D 73 -6.40 22.39 15.59
CA GLY D 73 -6.70 20.97 15.60
C GLY D 73 -6.02 20.14 16.67
N MET D 74 -5.89 18.83 16.38
CA MET D 74 -5.24 17.91 17.31
C MET D 74 -3.77 18.25 17.53
N VAL D 75 -3.10 18.69 16.47
CA VAL D 75 -1.70 19.07 16.56
C VAL D 75 -1.57 20.22 17.57
N GLY D 76 -2.42 21.23 17.45
CA GLY D 76 -2.42 22.34 18.41
C GLY D 76 -2.69 21.91 19.85
N GLU D 77 -3.61 20.96 20.03
CA GLU D 77 -3.89 20.47 21.37
C GLU D 77 -2.66 19.84 22.03
N LEU D 78 -1.85 19.11 21.26
CA LEU D 78 -0.57 18.61 21.74
C LEU D 78 0.46 19.70 21.95
N VAL D 79 0.64 20.56 20.95
CA VAL D 79 1.66 21.65 21.02
C VAL D 79 1.46 22.54 22.27
N TYR D 80 0.21 22.88 22.59
CA TYR D 80 -0.08 23.82 23.69
C TYR D 80 -0.37 23.15 25.04
N GLY D 81 -0.24 21.82 25.10
CA GLY D 81 -0.39 21.07 26.34
C GLY D 81 -1.81 20.79 26.79
N LYS D 82 -2.76 20.80 25.85
CA LYS D 82 -4.18 20.56 26.15
C LYS D 82 -4.53 19.07 26.16
N ALA D 83 -3.71 18.28 25.46
CA ALA D 83 -3.84 16.82 25.45
C ALA D 83 -2.47 16.19 25.48
N ASP D 84 -2.41 14.93 25.91
CA ASP D 84 -1.16 14.22 26.14
C ASP D 84 -0.75 13.32 24.96
N ILE D 85 -1.73 12.94 24.15
CA ILE D 85 -1.48 12.02 23.04
C ILE D 85 -2.63 12.18 22.05
N ALA D 86 -2.34 12.02 20.76
CA ALA D 86 -3.37 12.01 19.71
C ALA D 86 -3.41 10.63 19.09
N ILE D 87 -4.60 10.01 19.12
CA ILE D 87 -4.79 8.67 18.57
C ILE D 87 -5.93 8.79 17.58
N ALA D 88 -5.55 8.96 16.31
CA ALA D 88 -6.48 9.40 15.26
C ALA D 88 -5.90 9.09 13.89
N PRO D 89 -6.70 9.23 12.80
CA PRO D 89 -6.09 9.11 11.47
C PRO D 89 -5.31 10.37 11.10
N LEU D 90 -4.20 10.57 11.81
CA LEU D 90 -3.40 11.76 11.73
C LEU D 90 -2.17 11.49 10.87
N THR D 91 -2.09 12.21 9.77
CA THR D 91 -1.04 11.94 8.78
C THR D 91 0.32 12.45 9.25
N ILE D 92 1.31 11.58 9.10
CA ILE D 92 2.69 11.92 9.38
C ILE D 92 3.21 12.84 8.26
N THR D 93 3.58 14.05 8.65
CA THR D 93 4.14 15.04 7.72
C THR D 93 5.36 15.71 8.32
N LEU D 94 6.25 16.20 7.45
CA LEU D 94 7.42 16.92 7.92
C LEU D 94 7.10 18.10 8.83
N VAL D 95 6.21 18.99 8.38
CA VAL D 95 5.90 20.17 9.21
C VAL D 95 5.35 19.80 10.57
N ARG D 96 4.60 18.70 10.65
CA ARG D 96 4.12 18.22 11.96
C ARG D 96 5.22 17.60 12.82
N GLU D 97 6.05 16.77 12.19
CA GLU D 97 7.14 16.08 12.89
C GLU D 97 8.18 17.06 13.42
N GLU D 98 8.21 18.27 12.87
CA GLU D 98 9.05 19.34 13.41
C GLU D 98 8.55 19.87 14.77
N VAL D 99 7.25 19.70 15.06
CA VAL D 99 6.66 20.27 16.29
C VAL D 99 6.12 19.26 17.30
N ILE D 100 5.75 18.08 16.83
CA ILE D 100 5.33 16.95 17.69
CA ILE D 100 5.37 16.97 17.71
C ILE D 100 6.12 15.70 17.28
N ASP D 101 6.06 14.65 18.10
CA ASP D 101 6.64 13.35 17.74
C ASP D 101 5.60 12.38 17.24
N PHE D 102 5.94 11.59 16.23
CA PHE D 102 5.05 10.54 15.74
C PHE D 102 5.67 9.18 16.00
N SER D 103 4.84 8.21 16.37
CA SER D 103 5.22 6.79 16.34
C SER D 103 5.44 6.39 14.89
N LYS D 104 6.06 5.23 14.68
CA LYS D 104 6.03 4.59 13.38
C LYS D 104 4.56 4.46 12.96
N PRO D 105 4.28 4.44 11.65
CA PRO D 105 2.89 4.44 11.20
C PRO D 105 2.15 3.16 11.56
N PHE D 106 0.85 3.30 11.79
CA PHE D 106 0.02 2.11 12.01
C PHE D 106 -0.86 1.76 10.82
N MET D 107 -0.90 2.63 9.81
CA MET D 107 -1.73 2.39 8.62
C MET D 107 -1.13 3.15 7.45
N SER D 108 -1.14 2.52 6.28
CA SER D 108 -0.71 3.17 5.05
C SER D 108 -1.94 3.78 4.34
N LEU D 109 -1.71 4.84 3.57
CA LEU D 109 -2.78 5.49 2.79
C LEU D 109 -2.18 6.36 1.70
N GLY D 110 -3.02 6.80 0.78
CA GLY D 110 -2.64 7.84 -0.16
C GLY D 110 -3.84 8.70 -0.52
N ILE D 111 -3.58 9.91 -1.00
CA ILE D 111 -4.68 10.78 -1.49
C ILE D 111 -5.32 10.08 -2.69
N SER D 112 -6.66 10.15 -2.77
CA SER D 112 -7.45 9.47 -3.83
C SER D 112 -8.65 10.33 -4.23
N ILE D 113 -9.34 9.89 -5.29
CA ILE D 113 -10.50 10.64 -5.83
C ILE D 113 -11.79 9.91 -5.51
N MET D 114 -12.75 10.62 -4.91
CA MET D 114 -14.11 10.12 -4.75
C MET D 114 -15.04 10.79 -5.76
N ILE D 115 -15.77 9.99 -6.53
CA ILE D 115 -16.82 10.49 -7.42
C ILE D 115 -18.20 9.91 -7.08
N LYS D 116 -19.24 10.65 -7.46
CA LYS D 116 -20.58 10.08 -7.55
CA LYS D 116 -20.60 10.11 -7.57
C LYS D 116 -20.55 9.11 -8.71
N LYS D 117 -21.14 7.93 -8.51
CA LYS D 117 -21.15 6.89 -9.56
C LYS D 117 -21.63 7.45 -10.89
N GLY D 118 -20.85 7.19 -11.94
CA GLY D 118 -21.17 7.63 -13.31
C GLY D 118 -20.51 8.94 -13.75
N THR D 119 -19.82 9.60 -12.83
CA THR D 119 -19.06 10.84 -13.16
C THR D 119 -17.95 10.49 -14.18
N PRO D 120 -17.83 11.28 -15.27
CA PRO D 120 -16.83 10.95 -16.30
C PRO D 120 -15.40 11.38 -15.95
N ILE D 121 -14.86 10.78 -14.89
CA ILE D 121 -13.53 11.10 -14.35
C ILE D 121 -12.88 9.81 -13.91
N GLU D 122 -11.65 9.58 -14.37
CA GLU D 122 -10.88 8.38 -14.03
C GLU D 122 -9.57 8.68 -13.31
N SER D 123 -9.15 9.95 -13.29
CA SER D 123 -7.80 10.32 -12.81
C SER D 123 -7.72 11.79 -12.40
N ALA D 124 -6.64 12.14 -11.72
CA ALA D 124 -6.36 13.54 -11.38
C ALA D 124 -6.13 14.32 -12.66
N GLU D 125 -5.44 13.70 -13.62
CA GLU D 125 -5.23 14.32 -14.92
C GLU D 125 -6.55 14.72 -15.54
N ASP D 126 -7.54 13.82 -15.48
CA ASP D 126 -8.88 14.09 -16.01
C ASP D 126 -9.50 15.31 -15.35
N LEU D 127 -9.42 15.38 -14.02
CA LEU D 127 -9.97 16.53 -13.28
C LEU D 127 -9.33 17.83 -13.73
N SER D 128 -8.01 17.80 -13.91
CA SER D 128 -7.20 18.98 -14.22
C SER D 128 -7.46 19.55 -15.61
N LYS D 129 -7.94 18.70 -16.52
CA LYS D 129 -8.13 19.05 -17.95
C LYS D 129 -9.55 19.50 -18.29
N GLN D 130 -10.36 19.72 -17.26
CA GLN D 130 -11.76 20.12 -17.45
C GLN D 130 -12.19 21.12 -16.37
N THR D 131 -13.35 21.74 -16.58
CA THR D 131 -13.87 22.74 -15.65
C THR D 131 -15.33 22.55 -15.24
N GLU D 132 -16.02 21.60 -15.88
CA GLU D 132 -17.44 21.33 -15.59
C GLU D 132 -17.67 20.80 -14.16
N ILE D 133 -16.73 19.97 -13.71
CA ILE D 133 -16.80 19.29 -12.42
C ILE D 133 -15.83 19.98 -11.48
N ALA D 134 -16.37 20.52 -10.38
CA ALA D 134 -15.56 21.13 -9.32
C ALA D 134 -14.93 20.04 -8.48
N TYR D 135 -13.89 20.40 -7.74
CA TYR D 135 -13.25 19.45 -6.85
C TYR D 135 -12.45 20.16 -5.77
N GLY D 136 -12.36 19.53 -4.61
CA GLY D 136 -11.66 20.13 -3.48
C GLY D 136 -11.22 19.12 -2.45
N THR D 137 -10.78 19.64 -1.30
CA THR D 137 -10.20 18.83 -0.24
C THR D 137 -10.75 19.27 1.12
N LEU D 138 -10.40 18.51 2.15
CA LEU D 138 -10.64 18.93 3.52
C LEU D 138 -9.81 20.19 3.85
N ASP D 139 -10.40 21.12 4.59
CA ASP D 139 -9.61 22.23 5.17
C ASP D 139 -8.74 21.76 6.36
N SER D 140 -7.61 22.44 6.59
CA SER D 140 -6.77 22.26 7.79
C SER D 140 -6.18 20.86 7.92
N GLY D 141 -5.91 20.23 6.77
CA GLY D 141 -5.36 18.87 6.75
C GLY D 141 -4.21 18.70 5.78
N SER D 142 -3.70 17.47 5.73
CA SER D 142 -2.52 17.13 4.93
C SER D 142 -2.82 17.05 3.43
N THR D 143 -4.05 16.74 3.05
CA THR D 143 -4.37 16.68 1.61
C THR D 143 -4.24 18.08 0.97
N LYS D 144 -4.77 19.07 1.68
CA LYS D 144 -4.72 20.44 1.20
C LYS D 144 -3.25 20.86 1.05
N GLU D 145 -2.45 20.54 2.07
CA GLU D 145 -1.02 20.89 2.05
C GLU D 145 -0.26 20.21 0.89
N PHE D 146 -0.62 18.96 0.57
CA PHE D 146 -0.03 18.25 -0.57
C PHE D 146 -0.21 19.05 -1.88
N PHE D 147 -1.42 19.56 -2.10
CA PHE D 147 -1.67 20.32 -3.30
C PHE D 147 -1.00 21.68 -3.32
N ARG D 148 -1.03 22.36 -2.18
CA ARG D 148 -0.40 23.68 -1.99
C ARG D 148 1.09 23.61 -2.31
N ARG D 149 1.71 22.49 -1.99
CA ARG D 149 3.17 22.35 -2.13
C ARG D 149 3.67 21.66 -3.40
N SER D 150 2.77 20.99 -4.13
CA SER D 150 3.20 20.16 -5.26
C SER D 150 3.82 20.94 -6.43
N LYS D 151 4.93 20.39 -6.93
CA LYS D 151 5.59 20.89 -8.14
C LYS D 151 5.28 20.02 -9.37
N ILE D 152 4.48 18.96 -9.18
CA ILE D 152 4.04 18.07 -10.26
C ILE D 152 2.99 18.82 -11.08
N ALA D 153 3.14 18.84 -12.42
CA ALA D 153 2.31 19.71 -13.29
C ALA D 153 0.81 19.58 -13.07
N VAL D 154 0.31 18.33 -13.07
CA VAL D 154 -1.13 18.09 -12.88
C VAL D 154 -1.62 18.60 -11.51
N PHE D 155 -0.86 18.34 -10.46
CA PHE D 155 -1.28 18.73 -9.11
C PHE D 155 -1.17 20.23 -8.88
N ASP D 156 -0.13 20.84 -9.46
CA ASP D 156 0.00 22.30 -9.49
C ASP D 156 -1.20 22.97 -10.19
N LYS D 157 -1.62 22.43 -11.33
CA LYS D 157 -2.77 22.95 -12.08
C LYS D 157 -4.03 22.82 -11.23
N MET D 158 -4.18 21.70 -10.52
CA MET D 158 -5.33 21.48 -9.64
C MET D 158 -5.36 22.48 -8.48
N TRP D 159 -4.19 22.74 -7.89
CA TRP D 159 -4.10 23.68 -6.77
C TRP D 159 -4.40 25.09 -7.23
N THR D 160 -3.86 25.46 -8.38
CA THR D 160 -4.14 26.79 -8.94
C THR D 160 -5.64 27.01 -9.11
N TYR D 161 -6.34 26.00 -9.62
CA TYR D 161 -7.81 26.06 -9.69
C TYR D 161 -8.45 26.12 -8.29
N MET D 162 -8.10 25.18 -7.42
CA MET D 162 -8.82 25.04 -6.14
C MET D 162 -8.70 26.27 -5.25
N ARG D 163 -7.50 26.85 -5.19
CA ARG D 163 -7.19 27.96 -4.27
C ARG D 163 -8.06 29.22 -4.50
N SER D 164 -8.55 29.39 -5.74
CA SER D 164 -9.32 30.57 -6.12
CA SER D 164 -9.32 30.57 -6.14
C SER D 164 -10.75 30.26 -6.59
N ALA D 165 -11.15 28.99 -6.48
CA ALA D 165 -12.49 28.56 -6.92
C ALA D 165 -13.57 29.19 -6.06
N GLU D 166 -14.66 29.59 -6.71
CA GLU D 166 -15.82 30.14 -6.02
C GLU D 166 -17.08 29.43 -6.49
N PRO D 167 -17.94 28.96 -5.56
CA PRO D 167 -17.69 29.04 -4.11
C PRO D 167 -16.57 28.11 -3.66
N SER D 168 -16.15 28.25 -2.40
CA SER D 168 -15.06 27.44 -1.86
C SER D 168 -15.25 25.97 -2.17
N VAL D 169 -14.20 25.36 -2.67
CA VAL D 169 -14.23 23.91 -2.88
C VAL D 169 -13.80 23.14 -1.65
N PHE D 170 -13.38 23.84 -0.60
CA PHE D 170 -12.89 23.17 0.61
C PHE D 170 -14.06 22.92 1.56
N VAL D 171 -13.93 21.89 2.37
CA VAL D 171 -14.98 21.49 3.34
C VAL D 171 -14.41 21.42 4.75
N ARG D 172 -15.28 21.55 5.75
CA ARG D 172 -14.84 21.54 7.15
C ARG D 172 -14.59 20.15 7.70
N THR D 173 -15.34 19.16 7.20
CA THR D 173 -15.25 17.77 7.68
C THR D 173 -15.36 16.83 6.49
N THR D 174 -14.83 15.62 6.63
CA THR D 174 -14.99 14.58 5.61
C THR D 174 -16.47 14.34 5.26
N ALA D 175 -17.33 14.30 6.27
CA ALA D 175 -18.75 14.08 6.03
C ALA D 175 -19.34 15.15 5.10
N GLU D 176 -18.88 16.40 5.26
CA GLU D 176 -19.38 17.49 4.40
C GLU D 176 -18.92 17.27 2.94
N GLY D 177 -17.67 16.85 2.75
CA GLY D 177 -17.16 16.53 1.42
C GLY D 177 -17.97 15.42 0.76
N VAL D 178 -18.20 14.34 1.50
CA VAL D 178 -18.99 13.21 1.00
C VAL D 178 -20.42 13.62 0.68
N ALA D 179 -21.04 14.41 1.55
CA ALA D 179 -22.40 14.88 1.29
C ALA D 179 -22.45 15.75 0.02
N ARG D 180 -21.41 16.56 -0.17
CA ARG D 180 -21.33 17.42 -1.36
C ARG D 180 -21.20 16.60 -2.64
N VAL D 181 -20.38 15.54 -2.63
CA VAL D 181 -20.32 14.62 -3.77
C VAL D 181 -21.72 14.04 -4.06
N ARG D 182 -22.37 13.55 -3.00
CA ARG D 182 -23.68 12.87 -3.12
C ARG D 182 -24.82 13.74 -3.62
N LYS D 183 -24.79 15.03 -3.29
CA LYS D 183 -25.86 15.97 -3.68
C LYS D 183 -25.57 16.73 -4.99
N SER D 184 -24.37 16.53 -5.51
CA SER D 184 -23.80 17.29 -6.64
C SER D 184 -24.27 16.91 -8.02
N LYS D 185 -24.98 15.78 -8.15
CA LYS D 185 -25.33 15.16 -9.46
C LYS D 185 -24.10 14.94 -10.35
N GLY D 186 -22.97 14.64 -9.71
CA GLY D 186 -21.71 14.38 -10.40
C GLY D 186 -20.86 15.61 -10.68
N LYS D 187 -21.32 16.78 -10.22
CA LYS D 187 -20.60 18.04 -10.49
C LYS D 187 -19.57 18.44 -9.44
N TYR D 188 -19.38 17.61 -8.41
CA TYR D 188 -18.30 17.79 -7.43
C TYR D 188 -17.65 16.44 -7.20
N ALA D 189 -16.31 16.42 -7.24
CA ALA D 189 -15.50 15.26 -6.88
C ALA D 189 -14.67 15.65 -5.63
N TYR D 190 -14.39 14.68 -4.76
CA TYR D 190 -13.74 15.00 -3.49
C TYR D 190 -12.41 14.29 -3.39
N LEU D 191 -11.36 15.04 -3.02
CA LEU D 191 -10.01 14.47 -2.86
C LEU D 191 -9.81 14.16 -1.39
N LEU D 192 -9.65 12.89 -1.07
CA LEU D 192 -9.54 12.46 0.32
C LEU D 192 -8.69 11.22 0.42
N GLU D 193 -8.33 10.85 1.65
CA GLU D 193 -7.43 9.70 1.81
C GLU D 193 -8.12 8.39 1.47
N SER D 194 -7.34 7.49 0.86
CA SER D 194 -7.82 6.19 0.37
C SER D 194 -8.56 5.38 1.42
N THR D 195 -8.08 5.42 2.66
CA THR D 195 -8.71 4.76 3.81
C THR D 195 -10.17 5.18 3.98
N MET D 196 -10.39 6.49 4.02
CA MET D 196 -11.75 7.01 4.19
CA MET D 196 -11.77 7.05 4.16
C MET D 196 -12.60 6.75 2.94
N ASN D 197 -11.99 6.94 1.76
CA ASN D 197 -12.68 6.72 0.47
C ASN D 197 -13.19 5.28 0.37
N GLU D 198 -12.30 4.33 0.68
CA GLU D 198 -12.61 2.90 0.57
C GLU D 198 -13.69 2.48 1.58
N TYR D 199 -13.68 3.08 2.77
CA TYR D 199 -14.73 2.85 3.76
C TYR D 199 -16.10 3.28 3.25
N ILE D 200 -16.18 4.53 2.77
CA ILE D 200 -17.43 5.13 2.29
C ILE D 200 -18.00 4.40 1.09
N GLU D 201 -17.11 3.91 0.21
CA GLU D 201 -17.52 3.15 -0.98
C GLU D 201 -18.34 1.90 -0.60
N GLN D 202 -18.08 1.36 0.60
CA GLN D 202 -18.75 0.13 1.02
C GLN D 202 -19.87 0.36 2.03
N ARG D 203 -20.34 1.61 2.11
CA ARG D 203 -21.49 1.96 2.94
C ARG D 203 -22.68 2.44 2.11
N LYS D 204 -23.88 2.07 2.54
CA LYS D 204 -25.12 2.67 2.02
C LYS D 204 -25.03 4.21 2.06
N PRO D 205 -25.52 4.91 1.03
CA PRO D 205 -26.31 4.36 -0.08
C PRO D 205 -25.53 3.83 -1.30
N CYS D 206 -24.24 3.53 -1.15
CA CYS D 206 -23.48 2.83 -2.21
C CYS D 206 -23.49 3.61 -3.54
N ASP D 207 -23.32 4.93 -3.44
CA ASP D 207 -23.46 5.81 -4.60
C ASP D 207 -22.16 6.54 -4.95
N THR D 208 -21.08 6.20 -4.24
CA THR D 208 -19.76 6.78 -4.53
C THR D 208 -18.77 5.71 -4.90
N MET D 209 -17.68 6.14 -5.53
CA MET D 209 -16.56 5.24 -5.67
C MET D 209 -15.23 5.93 -5.82
N LYS D 210 -14.20 5.15 -5.51
CA LYS D 210 -12.82 5.56 -5.67
C LYS D 210 -12.43 5.32 -7.11
N VAL D 211 -11.84 6.33 -7.73
CA VAL D 211 -11.27 6.20 -9.09
C VAL D 211 -9.79 6.56 -9.14
N GLY D 212 -9.05 5.85 -9.99
CA GLY D 212 -7.63 6.13 -10.21
C GLY D 212 -6.76 5.52 -9.13
N GLY D 213 -5.45 5.67 -9.29
CA GLY D 213 -4.50 5.20 -8.29
C GLY D 213 -4.39 6.26 -7.20
N ASN D 214 -3.72 5.92 -6.11
CA ASN D 214 -3.39 6.91 -5.09
C ASN D 214 -2.37 7.89 -5.65
N LEU D 215 -2.48 9.15 -5.23
CA LEU D 215 -1.58 10.20 -5.71
C LEU D 215 -0.27 10.26 -4.96
N ASP D 216 -0.24 9.68 -3.76
CA ASP D 216 0.98 9.63 -2.95
C ASP D 216 0.91 8.42 -2.01
N SER D 217 1.92 8.28 -1.17
CA SER D 217 2.01 7.18 -0.21
C SER D 217 2.53 7.71 1.10
N LYS D 218 1.77 7.48 2.18
CA LYS D 218 2.22 7.92 3.51
C LYS D 218 1.51 7.12 4.58
N GLY D 219 1.65 7.56 5.83
CA GLY D 219 1.10 6.80 6.94
C GLY D 219 0.45 7.68 7.99
N TYR D 220 -0.41 7.06 8.80
CA TYR D 220 -0.93 7.69 10.02
C TYR D 220 -0.07 7.27 11.18
N GLY D 221 0.17 8.19 12.10
CA GLY D 221 0.95 7.86 13.30
C GLY D 221 0.27 8.35 14.56
N ILE D 222 0.65 7.77 15.70
CA ILE D 222 0.20 8.25 17.01
C ILE D 222 1.17 9.38 17.44
N ALA D 223 0.60 10.53 17.81
CA ALA D 223 1.41 11.71 18.09
C ALA D 223 1.45 12.06 19.57
N THR D 224 2.64 12.44 20.03
CA THR D 224 2.86 12.93 21.40
C THR D 224 3.59 14.28 21.38
N PRO D 225 3.33 15.15 22.38
CA PRO D 225 4.06 16.44 22.46
C PRO D 225 5.55 16.17 22.66
N LYS D 226 6.40 17.06 22.15
CA LYS D 226 7.83 16.94 22.41
C LYS D 226 8.07 16.91 23.91
N GLY D 227 8.95 16.01 24.33
CA GLY D 227 9.30 15.81 25.74
C GLY D 227 8.45 14.82 26.53
N SER D 228 7.41 14.27 25.88
CA SER D 228 6.53 13.28 26.53
C SER D 228 7.27 12.02 27.03
N SER D 229 6.96 11.61 28.26
CA SER D 229 7.51 10.34 28.78
C SER D 229 6.92 9.10 28.09
N LEU D 230 5.88 9.31 27.28
CA LEU D 230 5.22 8.22 26.55
C LEU D 230 5.86 7.88 25.19
N ARG D 231 6.72 8.75 24.68
CA ARG D 231 7.18 8.64 23.29
C ARG D 231 7.73 7.24 22.93
N ASN D 232 8.72 6.78 23.69
CA ASN D 232 9.35 5.49 23.38
C ASN D 232 8.42 4.29 23.50
N ALA D 233 7.64 4.23 24.57
CA ALA D 233 6.75 3.08 24.78
C ALA D 233 5.67 3.03 23.71
N VAL D 234 5.14 4.20 23.34
CA VAL D 234 4.10 4.28 22.30
C VAL D 234 4.62 3.79 20.95
N ASN D 235 5.84 4.21 20.60
CA ASN D 235 6.46 3.80 19.35
C ASN D 235 6.63 2.27 19.28
N LEU D 236 7.21 1.70 20.34
CA LEU D 236 7.42 0.26 20.45
C LEU D 236 6.09 -0.49 20.46
N ALA D 237 5.07 0.07 21.13
CA ALA D 237 3.75 -0.55 21.15
C ALA D 237 3.10 -0.64 19.77
N VAL D 238 3.22 0.42 18.96
CA VAL D 238 2.70 0.36 17.61
C VAL D 238 3.36 -0.78 16.82
N LEU D 239 4.68 -0.94 16.98
CA LEU D 239 5.36 -2.02 16.26
C LEU D 239 4.92 -3.40 16.74
N LYS D 240 4.72 -3.52 18.06
CA LYS D 240 4.21 -4.75 18.73
C LYS D 240 2.84 -5.11 18.16
N LEU D 241 1.95 -4.11 18.08
CA LEU D 241 0.63 -4.32 17.51
C LEU D 241 0.65 -4.81 16.06
N ASN D 242 1.54 -4.26 15.24
CA ASN D 242 1.55 -4.69 13.84
C ASN D 242 1.95 -6.15 13.64
N GLU D 243 2.98 -6.52 14.36
CA GLU D 243 3.55 -7.83 14.26
C GLU D 243 2.79 -8.90 14.98
N GLN D 244 2.09 -8.54 16.07
CA GLN D 244 1.15 -9.49 16.69
C GLN D 244 -0.10 -9.70 15.82
N GLY D 245 -0.17 -8.99 14.69
CA GLY D 245 -1.27 -9.10 13.71
C GLY D 245 -2.53 -8.31 14.05
N LEU D 246 -2.44 -7.51 15.12
CA LEU D 246 -3.58 -6.76 15.64
C LEU D 246 -4.05 -5.68 14.67
N LEU D 247 -3.12 -4.95 14.06
CA LEU D 247 -3.55 -3.89 13.14
C LEU D 247 -4.33 -4.43 11.93
N ASP D 248 -3.87 -5.54 11.37
CA ASP D 248 -4.62 -6.21 10.31
C ASP D 248 -6.00 -6.66 10.73
N LYS D 249 -6.09 -7.24 11.94
CA LYS D 249 -7.39 -7.63 12.55
C LYS D 249 -8.34 -6.43 12.63
N LEU D 250 -7.83 -5.29 13.09
CA LEU D 250 -8.65 -4.08 13.24
C LEU D 250 -9.10 -3.50 11.91
N LYS D 251 -8.24 -3.54 10.90
CA LYS D 251 -8.60 -3.10 9.55
C LYS D 251 -9.77 -3.97 9.03
N ASN D 252 -9.66 -5.28 9.16
CA ASN D 252 -10.72 -6.20 8.72
C ASN D 252 -12.02 -5.98 9.48
N LYS D 253 -11.92 -5.70 10.79
CA LYS D 253 -13.09 -5.42 11.62
C LYS D 253 -13.89 -4.18 11.17
N TRP D 254 -13.16 -3.11 10.86
CA TRP D 254 -13.78 -1.83 10.66
C TRP D 254 -14.03 -1.46 9.20
N TRP D 255 -13.36 -2.15 8.27
CA TRP D 255 -13.56 -1.96 6.81
C TRP D 255 -14.34 -3.16 6.25
N TYR D 256 -13.68 -4.30 6.01
CA TYR D 256 -14.29 -5.47 5.37
C TYR D 256 -15.61 -5.91 6.04
N ASP D 257 -15.58 -6.03 7.37
CA ASP D 257 -16.72 -6.55 8.12
C ASP D 257 -17.88 -5.56 8.23
N LYS D 258 -17.59 -4.27 8.03
CA LYS D 258 -18.61 -3.21 8.06
C LYS D 258 -19.24 -2.93 6.68
N GLY D 259 -18.81 -3.69 5.66
CA GLY D 259 -19.31 -3.53 4.28
C GLY D 259 -20.81 -3.78 4.16
N GLU D 260 -21.48 -2.91 3.40
CA GLU D 260 -22.95 -2.95 3.25
C GLU D 260 -23.37 -3.02 1.80
N CYS D 261 -22.41 -2.83 0.89
CA CYS D 261 -22.71 -2.69 -0.53
C CYS D 261 -22.57 -3.99 -1.32
N GLY D 262 -22.49 -5.12 -0.61
CA GLY D 262 -22.46 -6.45 -1.21
C GLY D 262 -21.06 -7.00 -1.37
N ASN E 3 -11.84 37.71 16.86
CA ASN E 3 -11.93 37.84 18.34
C ASN E 3 -13.27 37.31 18.87
N LYS E 4 -14.37 37.81 18.31
CA LYS E 4 -15.73 37.48 18.77
C LYS E 4 -16.59 36.98 17.62
N THR E 5 -17.53 36.09 17.93
CA THR E 5 -18.51 35.61 16.95
C THR E 5 -19.44 36.76 16.52
N VAL E 6 -19.51 36.95 15.21
CA VAL E 6 -20.32 38.01 14.58
C VAL E 6 -21.79 37.57 14.53
N VAL E 7 -22.67 38.41 15.05
CA VAL E 7 -24.09 38.09 15.06
C VAL E 7 -24.70 38.63 13.78
N VAL E 8 -25.26 37.73 12.98
CA VAL E 8 -25.83 38.06 11.69
C VAL E 8 -27.34 38.10 11.83
N THR E 9 -27.95 39.25 11.52
CA THR E 9 -29.41 39.29 11.44
C THR E 9 -29.85 39.03 10.01
N THR E 10 -30.92 38.24 9.85
CA THR E 10 -31.47 37.93 8.55
C THR E 10 -32.96 37.65 8.70
N ILE E 11 -33.60 37.27 7.60
CA ILE E 11 -35.07 37.20 7.54
C ILE E 11 -35.50 35.93 6.80
N LEU E 12 -36.53 35.26 7.30
CA LEU E 12 -37.07 34.08 6.61
C LEU E 12 -37.88 34.55 5.39
N GLU E 13 -37.20 34.54 4.24
CA GLU E 13 -37.73 35.02 2.98
C GLU E 13 -37.15 34.12 1.90
N SER E 14 -38.01 33.36 1.22
CA SER E 14 -37.55 32.44 0.15
C SER E 14 -37.10 33.20 -1.12
N PRO E 15 -36.01 32.80 -1.79
CA PRO E 15 -35.14 31.67 -1.44
C PRO E 15 -33.86 32.12 -0.71
N TYR E 16 -33.91 33.26 -0.03
CA TYR E 16 -32.74 33.86 0.64
C TYR E 16 -32.39 33.08 1.90
N VAL E 17 -33.37 32.87 2.77
CA VAL E 17 -33.18 32.07 3.99
C VAL E 17 -34.46 31.28 4.21
N MET E 18 -34.28 29.97 4.37
CA MET E 18 -35.38 29.02 4.53
C MET E 18 -34.99 28.00 5.59
N MET E 19 -35.99 27.44 6.26
CA MET E 19 -35.72 26.34 7.18
C MET E 19 -35.46 25.06 6.39
N LYS E 20 -34.35 24.38 6.69
CA LYS E 20 -34.09 23.04 6.13
C LYS E 20 -35.14 22.08 6.65
N LYS E 21 -35.53 21.13 5.80
CA LYS E 21 -36.55 20.12 6.16
C LYS E 21 -36.25 19.37 7.46
N ASN E 22 -34.98 19.09 7.72
CA ASN E 22 -34.59 18.36 8.92
C ASN E 22 -33.97 19.25 10.02
N HIS E 23 -34.41 20.52 10.08
CA HIS E 23 -33.77 21.55 10.92
C HIS E 23 -33.75 21.26 12.43
N GLU E 24 -34.82 20.63 12.93
CA GLU E 24 -34.92 20.27 14.37
C GLU E 24 -33.83 19.28 14.80
N MET E 25 -33.27 18.55 13.84
CA MET E 25 -32.19 17.61 14.09
C MET E 25 -30.79 18.21 13.83
N LEU E 26 -30.76 19.49 13.48
CA LEU E 26 -29.52 20.21 13.19
C LEU E 26 -29.33 21.37 14.19
N GLU E 27 -28.12 21.93 14.23
CA GLU E 27 -27.85 23.01 15.17
C GLU E 27 -27.23 24.23 14.53
N GLY E 28 -27.49 25.39 15.14
CA GLY E 28 -26.88 26.65 14.74
C GLY E 28 -27.13 27.02 13.29
N ASN E 29 -26.06 27.42 12.61
CA ASN E 29 -26.16 27.84 11.21
C ASN E 29 -26.66 26.76 10.26
N GLU E 30 -26.47 25.49 10.65
CA GLU E 30 -26.83 24.34 9.83
C GLU E 30 -28.33 24.15 9.66
N ARG E 31 -29.13 24.85 10.48
CA ARG E 31 -30.60 24.78 10.40
C ARG E 31 -31.18 25.42 9.13
N TYR E 32 -30.38 26.27 8.48
CA TYR E 32 -30.88 27.17 7.45
C TYR E 32 -30.24 26.88 6.10
N GLU E 33 -30.96 27.22 5.02
CA GLU E 33 -30.40 27.16 3.67
C GLU E 33 -30.93 28.30 2.83
N GLY E 34 -30.25 28.59 1.72
CA GLY E 34 -30.67 29.63 0.80
C GLY E 34 -29.53 30.46 0.28
N TYR E 35 -29.88 31.36 -0.62
CA TYR E 35 -28.92 32.29 -1.22
C TYR E 35 -28.14 33.09 -0.16
N CYS E 36 -28.84 33.64 0.83
CA CYS E 36 -28.17 34.45 1.87
C CYS E 36 -27.38 33.62 2.86
N VAL E 37 -27.79 32.36 3.03
CA VAL E 37 -27.05 31.41 3.85
C VAL E 37 -25.70 31.11 3.18
N ASP E 38 -25.73 30.83 1.89
CA ASP E 38 -24.49 30.63 1.09
C ASP E 38 -23.63 31.88 1.05
N LEU E 39 -24.27 33.03 0.88
CA LEU E 39 -23.54 34.31 0.83
C LEU E 39 -22.87 34.63 2.18
N ALA E 40 -23.56 34.40 3.29
CA ALA E 40 -22.97 34.67 4.63
C ALA E 40 -21.74 33.84 4.87
N ALA E 41 -21.78 32.56 4.49
CA ALA E 41 -20.64 31.68 4.65
C ALA E 41 -19.41 32.22 3.90
N GLU E 42 -19.63 32.72 2.69
CA GLU E 42 -18.56 33.26 1.86
C GLU E 42 -18.05 34.60 2.38
N ILE E 43 -18.97 35.48 2.75
CA ILE E 43 -18.53 36.77 3.33
C ILE E 43 -17.66 36.53 4.56
N ALA E 44 -18.11 35.64 5.45
CA ALA E 44 -17.38 35.31 6.66
C ALA E 44 -15.99 34.73 6.38
N LYS E 45 -15.90 33.83 5.40
CA LYS E 45 -14.63 33.22 5.03
C LYS E 45 -13.64 34.24 4.46
N HIS E 46 -14.13 35.13 3.59
CA HIS E 46 -13.26 36.14 2.95
C HIS E 46 -12.84 37.23 3.92
N CYS E 47 -13.70 37.54 4.89
CA CYS E 47 -13.38 38.53 5.92
C CYS E 47 -12.71 37.95 7.17
N GLY E 48 -12.67 36.63 7.26
CA GLY E 48 -12.02 35.91 8.35
C GLY E 48 -12.70 36.04 9.69
N PHE E 49 -14.02 35.89 9.72
CA PHE E 49 -14.76 35.84 11.00
C PHE E 49 -15.67 34.64 11.18
N LYS E 50 -15.88 34.26 12.44
CA LYS E 50 -16.91 33.29 12.84
C LYS E 50 -18.22 34.04 13.02
N TYR E 51 -19.34 33.37 12.78
CA TYR E 51 -20.64 34.05 12.81
C TYR E 51 -21.78 33.13 13.26
N LYS E 52 -22.86 33.76 13.70
CA LYS E 52 -24.08 33.10 14.12
C LYS E 52 -25.25 33.75 13.38
N LEU E 53 -25.94 32.96 12.56
CA LEU E 53 -27.18 33.43 11.92
C LEU E 53 -28.32 33.50 12.94
N THR E 54 -29.02 34.64 12.93
CA THR E 54 -30.19 34.85 13.79
C THR E 54 -31.32 35.40 12.94
N ILE E 55 -32.54 34.95 13.18
CA ILE E 55 -33.68 35.46 12.41
C ILE E 55 -34.27 36.65 13.16
N VAL E 56 -34.41 37.79 12.46
CA VAL E 56 -34.94 39.03 13.03
C VAL E 56 -36.24 38.77 13.83
N GLY E 57 -36.25 39.22 15.09
CA GLY E 57 -37.33 38.90 16.03
C GLY E 57 -38.73 39.30 15.58
N ASP E 58 -38.86 40.47 14.95
CA ASP E 58 -40.18 40.96 14.55
C ASP E 58 -40.56 40.60 13.11
N GLY E 59 -39.66 39.90 12.42
CA GLY E 59 -39.88 39.44 11.03
C GLY E 59 -39.98 40.54 9.98
N LYS E 60 -39.46 41.71 10.32
CA LYS E 60 -39.54 42.88 9.43
C LYS E 60 -38.18 43.31 8.84
N TYR E 61 -38.24 44.08 7.76
CA TYR E 61 -37.03 44.56 7.10
C TYR E 61 -36.44 45.78 7.81
N GLY E 62 -37.27 46.81 8.01
CA GLY E 62 -36.80 47.98 8.72
C GLY E 62 -37.44 49.28 8.30
N ALA E 63 -38.20 49.86 9.23
CA ALA E 63 -38.79 51.18 9.05
C ALA E 63 -38.72 51.92 10.38
N ARG E 64 -38.70 53.25 10.30
CA ARG E 64 -38.74 54.12 11.47
C ARG E 64 -40.19 54.56 11.72
N ASP E 65 -40.69 54.24 12.91
CA ASP E 65 -42.02 54.72 13.35
C ASP E 65 -42.08 56.25 13.35
N ALA E 66 -43.14 56.79 12.75
CA ALA E 66 -43.34 58.25 12.63
C ALA E 66 -43.36 58.95 13.99
N ASP E 67 -44.02 58.31 14.97
CA ASP E 67 -44.23 58.87 16.31
C ASP E 67 -43.08 58.60 17.29
N THR E 68 -42.75 57.33 17.49
CA THR E 68 -41.72 56.92 18.47
C THR E 68 -40.28 57.13 17.98
N LYS E 69 -40.12 57.27 16.66
CA LYS E 69 -38.80 57.37 15.98
C LYS E 69 -37.93 56.11 16.15
N ILE E 70 -38.55 55.02 16.63
CA ILE E 70 -37.85 53.75 16.80
C ILE E 70 -37.82 52.99 15.47
N TRP E 71 -36.62 52.55 15.10
CA TRP E 71 -36.43 51.63 14.00
C TRP E 71 -36.80 50.19 14.38
N ASN E 72 -37.56 49.53 13.51
CA ASN E 72 -37.89 48.12 13.69
C ASN E 72 -37.07 47.25 12.71
N GLY E 73 -37.34 45.94 12.73
CA GLY E 73 -36.77 45.00 11.75
C GLY E 73 -35.27 44.84 11.86
N MET E 74 -34.67 44.38 10.77
CA MET E 74 -33.22 44.16 10.71
C MET E 74 -32.44 45.46 10.88
N VAL E 75 -32.94 46.56 10.32
CA VAL E 75 -32.30 47.87 10.51
C VAL E 75 -32.23 48.21 12.01
N GLY E 76 -33.36 48.06 12.73
CA GLY E 76 -33.41 48.26 14.17
C GLY E 76 -32.37 47.44 14.92
N GLU E 77 -32.28 46.14 14.59
CA GLU E 77 -31.28 45.28 15.24
C GLU E 77 -29.84 45.78 15.09
N LEU E 78 -29.53 46.37 13.93
CA LEU E 78 -28.23 47.02 13.74
C LEU E 78 -28.10 48.33 14.52
N VAL E 79 -29.10 49.20 14.39
CA VAL E 79 -29.09 50.53 14.99
C VAL E 79 -28.95 50.41 16.52
N TYR E 80 -29.67 49.46 17.12
CA TYR E 80 -29.73 49.31 18.59
C TYR E 80 -28.71 48.32 19.14
N GLY E 81 -27.84 47.79 18.27
CA GLY E 81 -26.71 46.97 18.72
C GLY E 81 -27.00 45.51 19.01
N LYS E 82 -28.17 45.05 18.58
CA LYS E 82 -28.57 43.64 18.77
C LYS E 82 -27.83 42.70 17.81
N ALA E 83 -27.42 43.22 16.66
CA ALA E 83 -26.70 42.44 15.64
C ALA E 83 -25.52 43.22 15.09
N ASP E 84 -24.52 42.49 14.58
CA ASP E 84 -23.31 43.10 14.06
C ASP E 84 -23.37 43.35 12.55
N ILE E 85 -24.24 42.60 11.87
CA ILE E 85 -24.30 42.63 10.41
C ILE E 85 -25.66 42.08 9.96
N ALA E 86 -26.17 42.61 8.86
CA ALA E 86 -27.37 42.08 8.22
C ALA E 86 -27.02 41.56 6.84
N ILE E 87 -27.31 40.28 6.63
CA ILE E 87 -27.09 39.62 5.35
C ILE E 87 -28.43 39.04 4.91
N ALA E 88 -29.10 39.81 4.07
CA ALA E 88 -30.51 39.61 3.75
C ALA E 88 -30.84 40.39 2.48
N PRO E 89 -32.05 40.16 1.90
CA PRO E 89 -32.47 40.99 0.76
C PRO E 89 -32.96 42.36 1.26
N LEU E 90 -32.02 43.13 1.81
CA LEU E 90 -32.28 44.42 2.41
C LEU E 90 -31.92 45.53 1.44
N THR E 91 -32.92 46.32 1.09
CA THR E 91 -32.79 47.31 0.02
C THR E 91 -32.02 48.52 0.51
N ILE E 92 -31.01 48.92 -0.26
CA ILE E 92 -30.29 50.17 -0.05
C ILE E 92 -31.22 51.37 -0.31
N THR E 93 -31.44 52.18 0.72
CA THR E 93 -32.25 53.41 0.62
C THR E 93 -31.57 54.56 1.34
N LEU E 94 -31.89 55.80 0.95
CA LEU E 94 -31.33 56.98 1.57
C LEU E 94 -31.58 57.02 3.09
N VAL E 95 -32.84 56.84 3.50
CA VAL E 95 -33.18 56.93 4.93
CA VAL E 95 -33.22 56.91 4.91
C VAL E 95 -32.42 55.88 5.74
N ARG E 96 -32.18 54.71 5.14
CA ARG E 96 -31.39 53.66 5.82
C ARG E 96 -29.90 53.99 5.85
N GLU E 97 -29.37 54.46 4.73
CA GLU E 97 -27.94 54.81 4.61
C GLU E 97 -27.54 55.96 5.55
N GLU E 98 -28.54 56.75 5.97
CA GLU E 98 -28.32 57.78 6.98
C GLU E 98 -28.02 57.23 8.37
N VAL E 99 -28.51 56.01 8.67
CA VAL E 99 -28.35 55.43 10.01
C VAL E 99 -27.48 54.18 10.07
N ILE E 100 -27.35 53.46 8.95
CA ILE E 100 -26.44 52.29 8.88
C ILE E 100 -25.57 52.40 7.63
N ASP E 101 -24.55 51.55 7.52
CA ASP E 101 -23.73 51.48 6.30
C ASP E 101 -24.11 50.26 5.48
N PHE E 102 -24.13 50.44 4.17
CA PHE E 102 -24.33 49.34 3.24
C PHE E 102 -23.06 49.14 2.41
N SER E 103 -22.74 47.88 2.17
CA SER E 103 -21.80 47.50 1.12
C SER E 103 -22.34 47.91 -0.25
N LYS E 104 -21.45 47.87 -1.25
CA LYS E 104 -21.90 47.93 -2.62
C LYS E 104 -22.93 46.82 -2.84
N PRO E 105 -23.87 47.02 -3.77
CA PRO E 105 -24.93 46.00 -3.90
C PRO E 105 -24.44 44.63 -4.36
N PHE E 106 -25.06 43.57 -3.83
CA PHE E 106 -24.76 42.21 -4.25
C PHE E 106 -25.81 41.67 -5.25
N MET E 107 -26.93 42.38 -5.40
CA MET E 107 -27.98 41.94 -6.33
C MET E 107 -28.76 43.16 -6.79
N SER E 108 -29.20 43.14 -8.04
CA SER E 108 -30.02 44.23 -8.60
C SER E 108 -31.50 43.86 -8.53
N LEU E 109 -32.34 44.87 -8.40
CA LEU E 109 -33.79 44.67 -8.41
C LEU E 109 -34.51 45.97 -8.69
N GLY E 110 -35.79 45.84 -9.00
CA GLY E 110 -36.71 46.96 -9.09
C GLY E 110 -38.09 46.48 -8.67
N ILE E 111 -38.93 47.42 -8.26
CA ILE E 111 -40.33 47.12 -7.95
C ILE E 111 -41.03 46.64 -9.23
N SER E 112 -41.91 45.66 -9.08
CA SER E 112 -42.52 44.97 -10.20
C SER E 112 -43.93 44.53 -9.82
N ILE E 113 -44.68 44.07 -10.82
CA ILE E 113 -46.06 43.65 -10.65
C ILE E 113 -46.18 42.15 -10.80
N MET E 114 -46.75 41.50 -9.79
CA MET E 114 -47.12 40.11 -9.84
C MET E 114 -48.61 40.00 -10.09
N ILE E 115 -48.97 39.25 -11.13
CA ILE E 115 -50.37 38.92 -11.40
C ILE E 115 -50.62 37.42 -11.36
N LYS E 116 -51.86 37.05 -11.07
CA LYS E 116 -52.35 35.72 -11.38
C LYS E 116 -52.43 35.66 -12.91
N LYS E 117 -51.93 34.57 -13.49
CA LYS E 117 -51.94 34.38 -14.94
C LYS E 117 -53.32 34.66 -15.54
N GLY E 118 -53.33 35.47 -16.60
CA GLY E 118 -54.55 35.87 -17.30
C GLY E 118 -55.21 37.16 -16.85
N THR E 119 -54.65 37.80 -15.81
CA THR E 119 -55.13 39.11 -15.32
C THR E 119 -54.87 40.16 -16.41
N PRO E 120 -55.90 40.92 -16.80
CA PRO E 120 -55.74 41.92 -17.86
C PRO E 120 -54.99 43.20 -17.42
N ILE E 121 -53.72 43.03 -17.04
CA ILE E 121 -52.84 44.09 -16.56
CA ILE E 121 -52.84 44.12 -16.59
C ILE E 121 -51.44 43.89 -17.16
N GLU E 122 -50.92 44.92 -17.82
CA GLU E 122 -49.58 44.89 -18.42
C GLU E 122 -48.59 45.83 -17.73
N SER E 123 -49.08 46.77 -16.92
CA SER E 123 -48.26 47.90 -16.44
C SER E 123 -48.84 48.55 -15.19
N ALA E 124 -48.02 49.41 -14.56
CA ALA E 124 -48.46 50.23 -13.42
C ALA E 124 -49.53 51.23 -13.84
N GLU E 125 -49.37 51.80 -15.03
CA GLU E 125 -50.39 52.67 -15.64
C GLU E 125 -51.75 51.97 -15.69
N ASP E 126 -51.77 50.72 -16.18
CA ASP E 126 -52.97 49.88 -16.22
C ASP E 126 -53.66 49.76 -14.86
N LEU E 127 -52.87 49.43 -13.83
CA LEU E 127 -53.37 49.33 -12.45
C LEU E 127 -53.98 50.65 -11.95
N SER E 128 -53.27 51.75 -12.19
CA SER E 128 -53.67 53.10 -11.79
C SER E 128 -54.98 53.61 -12.41
N LYS E 129 -55.32 53.10 -13.59
CA LYS E 129 -56.51 53.54 -14.34
C LYS E 129 -57.83 52.88 -13.89
N GLN E 130 -57.74 51.63 -13.42
CA GLN E 130 -58.92 50.80 -13.14
C GLN E 130 -59.14 50.57 -11.63
N THR E 131 -60.28 49.96 -11.28
CA THR E 131 -60.65 49.70 -9.87
C THR E 131 -61.05 48.25 -9.53
N GLU E 132 -61.40 47.45 -10.55
CA GLU E 132 -61.82 46.06 -10.33
C GLU E 132 -60.73 45.20 -9.70
N ILE E 133 -59.47 45.47 -10.07
CA ILE E 133 -58.33 44.72 -9.57
C ILE E 133 -57.64 45.54 -8.49
N ALA E 134 -57.71 45.02 -7.26
CA ALA E 134 -57.04 45.60 -6.12
C ALA E 134 -55.54 45.32 -6.21
N TYR E 135 -54.75 46.16 -5.56
CA TYR E 135 -53.30 45.97 -5.53
C TYR E 135 -52.67 46.61 -4.31
N GLY E 136 -51.56 46.01 -3.85
CA GLY E 136 -50.90 46.46 -2.63
C GLY E 136 -49.44 46.07 -2.53
N THR E 137 -48.86 46.33 -1.36
CA THR E 137 -47.41 46.08 -1.12
C THR E 137 -47.18 45.37 0.23
N LEU E 138 -45.94 44.98 0.49
CA LEU E 138 -45.53 44.57 1.84
C LEU E 138 -45.73 45.76 2.80
N ASP E 139 -46.41 45.50 3.92
CA ASP E 139 -46.92 46.53 4.89
C ASP E 139 -45.84 47.35 5.62
N SER E 140 -44.61 46.88 5.49
CA SER E 140 -43.44 47.54 6.04
C SER E 140 -42.32 47.15 5.09
N GLY E 141 -41.60 48.14 4.59
CA GLY E 141 -40.51 47.88 3.65
C GLY E 141 -40.30 49.00 2.65
N SER E 142 -39.32 48.81 1.77
CA SER E 142 -38.91 49.85 0.86
C SER E 142 -39.93 50.06 -0.26
N THR E 143 -40.68 49.00 -0.62
CA THR E 143 -41.69 49.15 -1.67
C THR E 143 -42.79 50.10 -1.20
N LYS E 144 -43.32 49.86 0.01
CA LYS E 144 -44.35 50.75 0.58
C LYS E 144 -43.85 52.20 0.60
N GLU E 145 -42.62 52.38 1.09
CA GLU E 145 -42.00 53.70 1.18
C GLU E 145 -41.83 54.40 -0.17
N PHE E 146 -41.50 53.63 -1.21
CA PHE E 146 -41.39 54.13 -2.57
C PHE E 146 -42.67 54.86 -2.99
N PHE E 147 -43.81 54.22 -2.77
CA PHE E 147 -45.11 54.78 -3.13
C PHE E 147 -45.48 55.96 -2.24
N ARG E 148 -45.26 55.81 -0.93
CA ARG E 148 -45.55 56.86 0.06
C ARG E 148 -44.82 58.18 -0.25
N ARG E 149 -43.56 58.07 -0.67
CA ARG E 149 -42.71 59.23 -0.92
C ARG E 149 -42.69 59.71 -2.39
N SER E 150 -43.33 58.97 -3.29
CA SER E 150 -43.24 59.23 -4.75
C SER E 150 -43.94 60.50 -5.25
N LYS E 151 -43.37 61.08 -6.31
CA LYS E 151 -43.87 62.34 -6.90
C LYS E 151 -44.29 62.16 -8.36
N ILE E 152 -44.02 60.99 -8.92
CA ILE E 152 -44.49 60.57 -10.24
C ILE E 152 -46.01 60.31 -10.15
N ALA E 153 -46.75 60.82 -11.14
CA ALA E 153 -48.22 60.87 -11.14
C ALA E 153 -48.92 59.50 -11.04
N VAL E 154 -48.44 58.53 -11.82
CA VAL E 154 -48.99 57.17 -11.82
C VAL E 154 -48.82 56.55 -10.43
N PHE E 155 -47.62 56.70 -9.84
CA PHE E 155 -47.33 56.12 -8.50
C PHE E 155 -47.99 56.85 -7.35
N ASP E 156 -48.08 58.19 -7.45
CA ASP E 156 -48.84 59.03 -6.50
C ASP E 156 -50.30 58.57 -6.47
N LYS E 157 -50.89 58.41 -7.66
CA LYS E 157 -52.29 57.96 -7.83
C LYS E 157 -52.48 56.56 -7.24
N MET E 158 -51.50 55.70 -7.45
CA MET E 158 -51.48 54.37 -6.86
C MET E 158 -51.43 54.40 -5.34
N TRP E 159 -50.57 55.26 -4.77
CA TRP E 159 -50.45 55.40 -3.32
C TRP E 159 -51.72 55.96 -2.68
N THR E 160 -52.34 56.92 -3.36
CA THR E 160 -53.59 57.52 -2.90
C THR E 160 -54.67 56.44 -2.82
N TYR E 161 -54.71 55.55 -3.81
CA TYR E 161 -55.62 54.41 -3.75
C TYR E 161 -55.26 53.46 -2.60
N MET E 162 -53.98 53.06 -2.54
CA MET E 162 -53.53 52.03 -1.60
C MET E 162 -53.70 52.38 -0.13
N ARG E 163 -53.39 53.64 0.24
CA ARG E 163 -53.43 54.05 1.62
C ARG E 163 -54.84 54.09 2.18
N SER E 164 -55.83 54.25 1.30
CA SER E 164 -57.24 54.38 1.70
C SER E 164 -58.10 53.15 1.37
N ALA E 165 -57.50 52.18 0.67
CA ALA E 165 -58.22 50.96 0.25
C ALA E 165 -58.72 50.13 1.43
N GLU E 166 -59.96 49.67 1.33
CA GLU E 166 -60.56 48.83 2.37
C GLU E 166 -61.26 47.60 1.75
N PRO E 167 -60.98 46.39 2.25
CA PRO E 167 -60.01 46.14 3.34
C PRO E 167 -58.56 46.39 2.90
N SER E 168 -57.66 46.43 3.88
CA SER E 168 -56.25 46.77 3.65
C SER E 168 -55.66 45.95 2.52
N VAL E 169 -54.94 46.64 1.65
CA VAL E 169 -54.25 45.97 0.54
C VAL E 169 -52.81 45.63 0.91
N PHE E 170 -52.40 45.98 2.13
CA PHE E 170 -51.04 45.69 2.58
C PHE E 170 -50.97 44.34 3.27
N VAL E 171 -49.82 43.69 3.16
CA VAL E 171 -49.59 42.35 3.70
C VAL E 171 -48.39 42.30 4.67
N ARG E 172 -48.42 41.35 5.61
CA ARG E 172 -47.35 41.22 6.62
C ARG E 172 -46.06 40.60 6.08
N THR E 173 -46.22 39.67 5.13
CA THR E 173 -45.10 38.92 4.56
C THR E 173 -45.28 38.75 3.05
N THR E 174 -44.18 38.53 2.33
CA THR E 174 -44.24 38.21 0.90
C THR E 174 -45.14 37.03 0.62
N ALA E 175 -44.96 35.95 1.39
CA ALA E 175 -45.82 34.76 1.27
C ALA E 175 -47.31 35.09 1.34
N GLU E 176 -47.69 36.03 2.21
CA GLU E 176 -49.08 36.44 2.32
C GLU E 176 -49.59 37.14 1.05
N GLY E 177 -48.76 38.01 0.48
CA GLY E 177 -49.09 38.69 -0.78
C GLY E 177 -49.25 37.71 -1.93
N VAL E 178 -48.34 36.73 -1.99
CA VAL E 178 -48.36 35.69 -3.03
C VAL E 178 -49.64 34.86 -2.91
N ALA E 179 -49.95 34.43 -1.68
CA ALA E 179 -51.18 33.68 -1.41
C ALA E 179 -52.43 34.47 -1.81
N ARG E 180 -52.44 35.77 -1.51
CA ARG E 180 -53.56 36.63 -1.87
C ARG E 180 -53.75 36.70 -3.39
N VAL E 181 -52.67 36.84 -4.15
CA VAL E 181 -52.75 36.80 -5.62
C VAL E 181 -53.36 35.47 -6.09
N ARG E 182 -52.85 34.36 -5.56
CA ARG E 182 -53.24 33.01 -6.00
C ARG E 182 -54.69 32.65 -5.67
N LYS E 183 -55.18 33.19 -4.54
CA LYS E 183 -56.56 32.94 -4.08
C LYS E 183 -57.62 33.91 -4.62
N SER E 184 -57.20 35.02 -5.24
CA SER E 184 -58.16 36.11 -5.52
C SER E 184 -58.72 36.18 -6.96
N LYS E 185 -58.49 35.13 -7.74
CA LYS E 185 -59.12 34.91 -9.06
C LYS E 185 -58.85 36.06 -10.04
N GLY E 186 -57.66 36.65 -9.93
CA GLY E 186 -57.25 37.76 -10.80
C GLY E 186 -57.63 39.15 -10.31
N LYS E 187 -58.23 39.23 -9.11
CA LYS E 187 -58.74 40.50 -8.55
C LYS E 187 -57.80 41.17 -7.53
N TYR E 188 -56.61 40.60 -7.36
CA TYR E 188 -55.55 41.21 -6.57
C TYR E 188 -54.24 41.04 -7.30
N ALA E 189 -53.52 42.15 -7.46
CA ALA E 189 -52.14 42.13 -7.97
C ALA E 189 -51.21 42.63 -6.88
N TYR E 190 -49.98 42.12 -6.87
CA TYR E 190 -49.05 42.43 -5.82
C TYR E 190 -47.80 43.17 -6.33
N LEU E 191 -47.43 44.23 -5.63
CA LEU E 191 -46.25 45.02 -5.94
CA LEU E 191 -46.25 45.03 -5.94
C LEU E 191 -45.10 44.58 -5.05
N LEU E 192 -44.07 44.01 -5.67
CA LEU E 192 -42.96 43.42 -4.95
C LEU E 192 -41.71 43.48 -5.80
N GLU E 193 -40.58 43.21 -5.18
CA GLU E 193 -39.31 43.34 -5.85
C GLU E 193 -39.17 42.24 -6.89
N SER E 194 -38.59 42.62 -8.02
CA SER E 194 -38.46 41.74 -9.19
C SER E 194 -37.80 40.39 -8.86
N THR E 195 -36.84 40.43 -7.94
CA THR E 195 -36.12 39.23 -7.46
C THR E 195 -37.07 38.21 -6.86
N MET E 196 -37.96 38.68 -5.99
CA MET E 196 -38.93 37.77 -5.38
CA MET E 196 -38.96 37.81 -5.36
C MET E 196 -39.98 37.34 -6.39
N ASN E 197 -40.40 38.29 -7.25
CA ASN E 197 -41.39 38.02 -8.31
C ASN E 197 -40.88 36.89 -9.21
N GLU E 198 -39.64 37.03 -9.68
CA GLU E 198 -38.98 36.07 -10.59
C GLU E 198 -38.82 34.69 -9.96
N TYR E 199 -38.53 34.67 -8.67
CA TYR E 199 -38.44 33.41 -7.93
C TYR E 199 -39.80 32.69 -7.89
N ILE E 200 -40.84 33.43 -7.49
CA ILE E 200 -42.18 32.85 -7.36
C ILE E 200 -42.71 32.34 -8.70
N GLU E 201 -42.38 33.05 -9.79
CA GLU E 201 -42.80 32.66 -11.14
C GLU E 201 -42.27 31.25 -11.50
N GLN E 202 -41.16 30.84 -10.86
CA GLN E 202 -40.58 29.52 -11.09
C GLN E 202 -40.97 28.47 -10.04
N ARG E 203 -41.99 28.76 -9.24
CA ARG E 203 -42.48 27.80 -8.24
C ARG E 203 -43.87 27.27 -8.59
N LYS E 204 -44.09 25.98 -8.32
CA LYS E 204 -45.45 25.41 -8.36
C LYS E 204 -46.37 26.22 -7.43
N PRO E 205 -47.63 26.46 -7.81
CA PRO E 205 -48.29 25.85 -8.99
C PRO E 205 -48.17 26.60 -10.32
N CYS E 206 -47.13 27.43 -10.47
CA CYS E 206 -46.80 28.12 -11.74
C CYS E 206 -47.96 28.95 -12.27
N ASP E 207 -48.70 29.58 -11.36
CA ASP E 207 -49.91 30.33 -11.68
C ASP E 207 -49.77 31.86 -11.59
N THR E 208 -48.56 32.33 -11.31
CA THR E 208 -48.26 33.75 -11.26
C THR E 208 -47.23 34.13 -12.31
N MET E 209 -47.19 35.43 -12.65
CA MET E 209 -46.10 35.96 -13.47
C MET E 209 -45.81 37.44 -13.22
N LYS E 210 -44.57 37.82 -13.50
CA LYS E 210 -44.16 39.21 -13.57
C LYS E 210 -44.65 39.82 -14.90
N VAL E 211 -45.32 40.97 -14.80
CA VAL E 211 -45.73 41.73 -16.00
C VAL E 211 -45.19 43.15 -16.00
N GLY E 212 -44.82 43.63 -17.18
CA GLY E 212 -44.31 44.99 -17.37
C GLY E 212 -42.89 45.23 -16.95
N GLY E 213 -42.46 46.48 -17.07
CA GLY E 213 -41.11 46.88 -16.69
C GLY E 213 -41.00 47.10 -15.19
N ASN E 214 -39.76 47.11 -14.68
CA ASN E 214 -39.56 47.51 -13.28
C ASN E 214 -39.82 49.00 -13.11
N LEU E 215 -40.33 49.38 -11.93
CA LEU E 215 -40.70 50.76 -11.66
C LEU E 215 -39.50 51.62 -11.23
N ASP E 216 -38.45 50.95 -10.73
CA ASP E 216 -37.22 51.62 -10.33
C ASP E 216 -36.05 50.65 -10.47
N SER E 217 -34.87 51.13 -10.09
CA SER E 217 -33.63 50.37 -10.18
C SER E 217 -32.81 50.59 -8.92
N LYS E 218 -32.55 49.52 -8.19
CA LYS E 218 -31.78 49.64 -6.96
C LYS E 218 -31.08 48.33 -6.64
N GLY E 219 -30.58 48.22 -5.41
CA GLY E 219 -29.78 47.07 -5.01
C GLY E 219 -30.05 46.64 -3.57
N TYR E 220 -29.75 45.38 -3.27
CA TYR E 220 -29.59 44.91 -1.89
C TYR E 220 -28.14 45.06 -1.51
N GLY E 221 -27.90 45.45 -0.26
CA GLY E 221 -26.56 45.57 0.27
C GLY E 221 -26.45 44.87 1.61
N ILE E 222 -25.22 44.53 1.98
CA ILE E 222 -24.94 43.96 3.29
C ILE E 222 -24.77 45.14 4.24
N ALA E 223 -25.51 45.15 5.36
CA ALA E 223 -25.51 46.32 6.21
C ALA E 223 -24.79 46.11 7.53
N THR E 224 -24.09 47.15 7.96
CA THR E 224 -23.35 47.14 9.23
C THR E 224 -23.72 48.41 10.02
N PRO E 225 -23.68 48.37 11.36
CA PRO E 225 -23.90 49.63 12.09
C PRO E 225 -22.75 50.60 11.85
N LYS E 226 -23.01 51.90 11.90
CA LYS E 226 -21.94 52.90 11.81
C LYS E 226 -20.81 52.59 12.79
N GLY E 227 -19.58 52.81 12.32
CA GLY E 227 -18.38 52.58 13.11
C GLY E 227 -17.93 51.14 13.19
N SER E 228 -18.64 50.22 12.50
CA SER E 228 -18.24 48.82 12.46
C SER E 228 -16.84 48.64 11.85
N SER E 229 -16.04 47.79 12.49
CA SER E 229 -14.71 47.42 11.96
C SER E 229 -14.80 46.48 10.74
N LEU E 230 -16.00 45.91 10.51
CA LEU E 230 -16.27 45.01 9.37
C LEU E 230 -16.53 45.73 8.05
N ARG E 231 -16.85 47.03 8.11
CA ARG E 231 -17.32 47.77 6.93
C ARG E 231 -16.48 47.59 5.65
N ASN E 232 -15.19 47.96 5.70
CA ASN E 232 -14.34 47.90 4.52
C ASN E 232 -14.21 46.48 3.97
N ALA E 233 -13.95 45.51 4.85
CA ALA E 233 -13.69 44.12 4.42
C ALA E 233 -14.94 43.52 3.76
N VAL E 234 -16.10 43.80 4.35
CA VAL E 234 -17.36 43.31 3.82
C VAL E 234 -17.61 43.90 2.42
N ASN E 235 -17.33 45.19 2.27
CA ASN E 235 -17.51 45.86 0.98
C ASN E 235 -16.61 45.25 -0.10
N LEU E 236 -15.33 45.08 0.22
CA LEU E 236 -14.39 44.45 -0.71
C LEU E 236 -14.72 43.01 -1.03
N ALA E 237 -15.23 42.27 -0.04
CA ALA E 237 -15.66 40.88 -0.26
C ALA E 237 -16.81 40.79 -1.27
N VAL E 238 -17.79 41.70 -1.17
CA VAL E 238 -18.91 41.69 -2.12
C VAL E 238 -18.38 41.91 -3.54
N LEU E 239 -17.46 42.86 -3.68
CA LEU E 239 -16.88 43.18 -5.00
C LEU E 239 -16.10 41.98 -5.56
N LYS E 240 -15.29 41.36 -4.70
CA LYS E 240 -14.55 40.14 -5.09
C LYS E 240 -15.49 39.03 -5.52
N LEU E 241 -16.55 38.79 -4.73
CA LEU E 241 -17.47 37.71 -5.04
C LEU E 241 -18.26 37.95 -6.31
N ASN E 242 -18.58 39.23 -6.60
CA ASN E 242 -19.21 39.53 -7.86
C ASN E 242 -18.26 39.31 -9.03
N GLU E 243 -17.03 39.80 -8.89
CA GLU E 243 -16.09 39.74 -10.00
C GLU E 243 -15.69 38.32 -10.34
N GLN E 244 -15.70 37.43 -9.35
CA GLN E 244 -15.34 36.01 -9.55
C GLN E 244 -16.52 35.14 -10.00
N GLY E 245 -17.68 35.76 -10.20
CA GLY E 245 -18.84 35.05 -10.73
C GLY E 245 -19.70 34.32 -9.70
N LEU E 246 -19.32 34.37 -8.42
CA LEU E 246 -20.09 33.71 -7.34
C LEU E 246 -21.54 34.19 -7.22
N LEU E 247 -21.75 35.50 -7.23
CA LEU E 247 -23.10 36.02 -7.06
C LEU E 247 -24.04 35.55 -8.17
N ASP E 248 -23.55 35.51 -9.41
CA ASP E 248 -24.37 35.02 -10.53
C ASP E 248 -24.68 33.53 -10.42
N LYS E 249 -23.69 32.77 -9.98
CA LYS E 249 -23.83 31.34 -9.69
C LYS E 249 -24.89 31.09 -8.63
N LEU E 250 -24.87 31.91 -7.56
CA LEU E 250 -25.83 31.72 -6.47
C LEU E 250 -27.25 32.06 -6.89
N LYS E 251 -27.41 33.07 -7.75
CA LYS E 251 -28.74 33.41 -8.24
C LYS E 251 -29.27 32.25 -9.09
N ASN E 252 -28.42 31.72 -9.97
CA ASN E 252 -28.84 30.59 -10.79
C ASN E 252 -29.23 29.40 -9.94
N LYS E 253 -28.41 29.10 -8.93
CA LYS E 253 -28.65 27.97 -8.02
C LYS E 253 -30.03 28.04 -7.38
N TRP E 254 -30.37 29.22 -6.85
CA TRP E 254 -31.56 29.35 -6.01
C TRP E 254 -32.82 29.76 -6.74
N TRP E 255 -32.68 30.32 -7.94
CA TRP E 255 -33.83 30.75 -8.74
C TRP E 255 -34.22 29.75 -9.83
N TYR E 256 -33.23 29.35 -10.62
CA TYR E 256 -33.50 28.71 -11.91
C TYR E 256 -33.07 27.25 -11.99
N ASP E 257 -31.90 26.90 -11.43
CA ASP E 257 -31.47 25.49 -11.38
C ASP E 257 -32.52 24.60 -10.67
N LYS E 258 -33.14 25.15 -9.63
CA LYS E 258 -34.17 24.46 -8.84
C LYS E 258 -35.61 24.86 -9.24
N GLY E 259 -35.75 25.50 -10.41
CA GLY E 259 -37.05 25.95 -10.93
C GLY E 259 -38.03 24.81 -11.18
N GLU E 260 -39.29 25.00 -10.79
CA GLU E 260 -40.32 23.95 -10.83
C GLU E 260 -41.31 24.09 -12.00
N CYS E 261 -41.08 25.08 -12.86
CA CYS E 261 -42.01 25.45 -13.93
C CYS E 261 -41.39 25.30 -15.31
N GLY E 262 -40.50 24.30 -15.43
CA GLY E 262 -39.82 24.00 -16.70
C GLY E 262 -38.76 25.02 -17.07
N ASN F 3 -16.29 76.31 -0.36
CA ASN F 3 -15.03 77.06 -0.06
C ASN F 3 -14.13 77.18 -1.30
N LYS F 4 -13.73 76.05 -1.88
CA LYS F 4 -12.93 76.03 -3.11
C LYS F 4 -13.65 75.33 -4.26
N THR F 5 -13.33 75.73 -5.49
CA THR F 5 -13.91 75.13 -6.70
C THR F 5 -13.40 73.70 -6.87
N VAL F 6 -14.36 72.78 -6.96
CA VAL F 6 -14.10 71.35 -7.06
C VAL F 6 -13.73 71.02 -8.50
N VAL F 7 -12.59 70.34 -8.67
CA VAL F 7 -12.14 69.92 -9.99
C VAL F 7 -12.74 68.56 -10.28
N VAL F 8 -13.60 68.50 -11.31
CA VAL F 8 -14.22 67.26 -11.72
C VAL F 8 -13.46 66.70 -12.90
N THR F 9 -12.93 65.48 -12.75
CA THR F 9 -12.43 64.76 -13.92
C THR F 9 -13.54 63.93 -14.56
N THR F 10 -13.57 63.91 -15.89
CA THR F 10 -14.56 63.16 -16.63
C THR F 10 -13.93 62.81 -17.97
N ILE F 11 -14.68 62.11 -18.81
CA ILE F 11 -14.16 61.57 -20.06
C ILE F 11 -15.14 61.84 -21.20
N LEU F 12 -14.61 62.15 -22.38
CA LEU F 12 -15.47 62.35 -23.56
C LEU F 12 -15.96 60.99 -24.06
N GLU F 13 -17.23 60.70 -23.75
CA GLU F 13 -17.82 59.41 -24.03
C GLU F 13 -19.32 59.61 -24.14
N SER F 14 -19.86 59.35 -25.32
CA SER F 14 -21.29 59.53 -25.61
C SER F 14 -22.15 58.47 -24.90
N PRO F 15 -23.32 58.82 -24.35
CA PRO F 15 -23.86 60.18 -24.27
C PRO F 15 -23.63 60.79 -22.87
N TYR F 16 -22.54 60.40 -22.21
CA TYR F 16 -22.24 60.85 -20.85
C TYR F 16 -21.69 62.29 -20.85
N VAL F 17 -20.66 62.51 -21.66
CA VAL F 17 -20.05 63.86 -21.83
C VAL F 17 -19.68 64.00 -23.29
N MET F 18 -20.27 65.01 -23.94
CA MET F 18 -20.06 65.30 -25.35
C MET F 18 -19.88 66.80 -25.50
N MET F 19 -19.10 67.20 -26.50
CA MET F 19 -19.04 68.60 -26.89
CA MET F 19 -19.05 68.60 -26.92
C MET F 19 -20.34 69.00 -27.59
N LYS F 20 -20.89 70.15 -27.19
CA LYS F 20 -22.08 70.68 -27.85
C LYS F 20 -21.71 71.05 -29.29
N LYS F 21 -22.68 70.99 -30.19
CA LYS F 21 -22.47 71.35 -31.61
C LYS F 21 -21.78 72.71 -31.79
N ASN F 22 -22.13 73.67 -30.95
CA ASN F 22 -21.60 75.03 -31.07
C ASN F 22 -20.56 75.36 -30.00
N HIS F 23 -19.84 74.32 -29.54
CA HIS F 23 -18.91 74.41 -28.40
C HIS F 23 -17.77 75.43 -28.55
N GLU F 24 -17.36 75.68 -29.79
CA GLU F 24 -16.28 76.65 -30.08
C GLU F 24 -16.59 78.07 -29.59
N MET F 25 -17.86 78.45 -29.62
CA MET F 25 -18.32 79.78 -29.17
C MET F 25 -18.74 79.77 -27.69
N LEU F 26 -18.44 78.68 -26.98
CA LEU F 26 -18.77 78.52 -25.55
C LEU F 26 -17.53 78.36 -24.63
N GLU F 27 -17.75 78.51 -23.33
CA GLU F 27 -16.68 78.57 -22.33
C GLU F 27 -17.00 77.71 -21.11
N GLY F 28 -15.93 77.16 -20.50
CA GLY F 28 -16.04 76.40 -19.25
C GLY F 28 -16.99 75.22 -19.36
N ASN F 29 -17.79 75.04 -18.30
CA ASN F 29 -18.74 73.91 -18.22
C ASN F 29 -19.78 73.92 -19.34
N GLU F 30 -20.06 75.10 -19.90
CA GLU F 30 -21.05 75.26 -20.97
C GLU F 30 -20.72 74.55 -22.29
N ARG F 31 -19.44 74.20 -22.50
CA ARG F 31 -18.98 73.51 -23.71
C ARG F 31 -19.58 72.11 -23.85
N TYR F 32 -19.96 71.52 -22.71
CA TYR F 32 -20.30 70.11 -22.59
C TYR F 32 -21.77 69.85 -22.33
N GLU F 33 -22.25 68.70 -22.81
CA GLU F 33 -23.58 68.22 -22.51
C GLU F 33 -23.55 66.70 -22.39
N GLY F 34 -24.55 66.17 -21.71
CA GLY F 34 -24.69 64.71 -21.58
C GLY F 34 -25.19 64.31 -20.23
N TYR F 35 -25.40 63.00 -20.09
CA TYR F 35 -25.86 62.43 -18.83
C TYR F 35 -25.02 62.87 -17.63
N CYS F 36 -23.69 62.77 -17.73
CA CYS F 36 -22.81 63.06 -16.59
C CYS F 36 -22.63 64.56 -16.36
N VAL F 37 -22.86 65.37 -17.41
CA VAL F 37 -22.88 66.82 -17.29
C VAL F 37 -24.11 67.20 -16.44
N ASP F 38 -25.25 66.58 -16.74
CA ASP F 38 -26.47 66.79 -15.93
C ASP F 38 -26.33 66.27 -14.51
N LEU F 39 -25.74 65.08 -14.37
CA LEU F 39 -25.47 64.49 -13.06
C LEU F 39 -24.55 65.36 -12.21
N ALA F 40 -23.47 65.90 -12.79
CA ALA F 40 -22.53 66.73 -12.06
C ALA F 40 -23.26 67.97 -11.51
N ALA F 41 -24.07 68.60 -12.35
CA ALA F 41 -24.87 69.75 -11.93
C ALA F 41 -25.77 69.44 -10.74
N GLU F 42 -26.42 68.28 -10.77
CA GLU F 42 -27.32 67.85 -9.69
C GLU F 42 -26.59 67.54 -8.39
N ILE F 43 -25.51 66.78 -8.49
CA ILE F 43 -24.68 66.44 -7.34
C ILE F 43 -24.12 67.69 -6.68
N ALA F 44 -23.58 68.60 -7.51
CA ALA F 44 -23.06 69.88 -7.03
C ALA F 44 -24.10 70.68 -6.28
N LYS F 45 -25.32 70.69 -6.82
CA LYS F 45 -26.45 71.44 -6.21
C LYS F 45 -26.77 70.89 -4.82
N HIS F 46 -26.98 69.57 -4.71
CA HIS F 46 -27.32 68.90 -3.45
C HIS F 46 -26.20 68.91 -2.41
N CYS F 47 -24.94 68.90 -2.87
CA CYS F 47 -23.78 68.93 -1.97
C CYS F 47 -23.26 70.35 -1.69
N GLY F 48 -23.76 71.32 -2.45
CA GLY F 48 -23.43 72.73 -2.27
C GLY F 48 -22.01 73.12 -2.61
N PHE F 49 -21.49 72.61 -3.74
CA PHE F 49 -20.20 73.09 -4.26
C PHE F 49 -20.28 73.65 -5.67
N LYS F 50 -19.35 74.56 -5.97
CA LYS F 50 -19.05 75.01 -7.33
C LYS F 50 -17.99 74.09 -7.92
N TYR F 51 -17.98 73.96 -9.25
CA TYR F 51 -17.13 72.95 -9.89
C TYR F 51 -16.68 73.34 -11.31
N LYS F 52 -15.58 72.71 -11.74
CA LYS F 52 -15.03 72.86 -13.08
C LYS F 52 -14.88 71.48 -13.72
N LEU F 53 -15.59 71.26 -14.83
CA LEU F 53 -15.43 70.03 -15.59
C LEU F 53 -14.12 70.07 -16.35
N THR F 54 -13.32 69.02 -16.18
CA THR F 54 -12.03 68.90 -16.87
CA THR F 54 -12.02 68.90 -16.84
C THR F 54 -11.95 67.52 -17.49
N ILE F 55 -11.57 67.48 -18.77
CA ILE F 55 -11.49 66.20 -19.45
C ILE F 55 -10.15 65.57 -19.11
N VAL F 56 -10.19 64.31 -18.65
CA VAL F 56 -9.01 63.51 -18.32
C VAL F 56 -7.94 63.65 -19.41
N GLY F 57 -6.74 63.98 -18.96
CA GLY F 57 -5.63 64.34 -19.86
C GLY F 57 -5.27 63.24 -20.82
N ASP F 58 -5.16 62.02 -20.30
CA ASP F 58 -4.73 60.90 -21.11
C ASP F 58 -5.87 60.14 -21.81
N GLY F 59 -7.11 60.61 -21.63
CA GLY F 59 -8.28 60.05 -22.29
C GLY F 59 -8.66 58.64 -21.86
N LYS F 60 -8.16 58.21 -20.69
CA LYS F 60 -8.39 56.85 -20.17
C LYS F 60 -9.27 56.80 -18.92
N TYR F 61 -9.90 55.63 -18.71
CA TYR F 61 -10.67 55.37 -17.48
C TYR F 61 -9.74 55.15 -16.29
N GLY F 62 -8.85 54.16 -16.40
CA GLY F 62 -7.81 53.97 -15.40
C GLY F 62 -7.44 52.55 -15.10
N ALA F 63 -6.15 52.27 -15.19
CA ALA F 63 -5.61 50.97 -14.83
C ALA F 63 -4.23 51.19 -14.22
N ARG F 64 -3.73 50.18 -13.53
CA ARG F 64 -2.45 50.25 -12.85
C ARG F 64 -1.42 49.49 -13.69
N ASP F 65 -0.34 50.16 -14.06
CA ASP F 65 0.79 49.52 -14.73
C ASP F 65 1.35 48.42 -13.81
N ALA F 66 1.38 47.18 -14.31
CA ALA F 66 1.84 46.02 -13.53
C ALA F 66 3.29 46.12 -13.04
N ASP F 67 4.11 46.88 -13.77
CA ASP F 67 5.54 47.03 -13.48
C ASP F 67 5.89 48.21 -12.59
N THR F 68 5.34 49.39 -12.88
CA THR F 68 5.63 50.59 -12.09
C THR F 68 4.62 50.82 -10.94
N LYS F 69 3.48 50.15 -11.01
CA LYS F 69 2.36 50.33 -10.05
C LYS F 69 1.69 51.72 -10.11
N ILE F 70 1.93 52.46 -11.19
CA ILE F 70 1.35 53.79 -11.38
C ILE F 70 -0.02 53.65 -12.06
N TRP F 71 -1.01 54.33 -11.49
CA TRP F 71 -2.36 54.45 -12.08
C TRP F 71 -2.42 55.54 -13.15
N ASN F 72 -3.12 55.22 -14.25
CA ASN F 72 -3.42 56.22 -15.26
C ASN F 72 -4.90 56.60 -15.24
N GLY F 73 -5.31 57.38 -16.24
CA GLY F 73 -6.73 57.72 -16.43
C GLY F 73 -7.31 58.56 -15.30
N MET F 74 -8.65 58.53 -15.22
CA MET F 74 -9.38 59.27 -14.17
C MET F 74 -8.99 58.78 -12.79
N VAL F 75 -8.75 57.48 -12.67
CA VAL F 75 -8.34 56.90 -11.40
C VAL F 75 -7.02 57.54 -10.94
N GLY F 76 -6.04 57.60 -11.85
CA GLY F 76 -4.76 58.25 -11.55
C GLY F 76 -4.92 59.71 -11.18
N GLU F 77 -5.78 60.42 -11.87
CA GLU F 77 -6.02 61.82 -11.52
C GLU F 77 -6.51 62.01 -10.08
N LEU F 78 -7.37 61.11 -9.60
CA LEU F 78 -7.78 61.16 -8.19
C LEU F 78 -6.67 60.74 -7.22
N VAL F 79 -6.02 59.62 -7.53
CA VAL F 79 -4.96 59.05 -6.71
C VAL F 79 -3.81 60.05 -6.49
N TYR F 80 -3.43 60.79 -7.54
CA TYR F 80 -2.27 61.71 -7.46
C TYR F 80 -2.63 63.18 -7.17
N GLY F 81 -3.92 63.42 -6.88
CA GLY F 81 -4.40 64.72 -6.41
C GLY F 81 -4.65 65.75 -7.49
N LYS F 82 -4.81 65.29 -8.74
CA LYS F 82 -5.01 66.20 -9.87
C LYS F 82 -6.47 66.66 -10.01
N ALA F 83 -7.40 65.87 -9.47
CA ALA F 83 -8.81 66.17 -9.50
C ALA F 83 -9.42 65.77 -8.16
N ASP F 84 -10.56 66.36 -7.85
CA ASP F 84 -11.23 66.17 -6.56
C ASP F 84 -12.31 65.11 -6.59
N ILE F 85 -12.82 64.81 -7.78
CA ILE F 85 -13.96 63.92 -7.97
C ILE F 85 -14.01 63.49 -9.43
N ALA F 86 -14.42 62.24 -9.67
CA ALA F 86 -14.67 61.77 -11.04
C ALA F 86 -16.15 61.51 -11.19
N ILE F 87 -16.75 62.19 -12.17
CA ILE F 87 -18.18 62.02 -12.51
C ILE F 87 -18.25 61.58 -13.98
N ALA F 88 -18.35 60.27 -14.16
CA ALA F 88 -18.11 59.61 -15.45
C ALA F 88 -18.72 58.21 -15.42
N PRO F 89 -18.83 57.52 -16.59
CA PRO F 89 -19.19 56.11 -16.58
C PRO F 89 -18.01 55.23 -16.11
N LEU F 90 -17.68 55.37 -14.82
CA LEU F 90 -16.50 54.72 -14.24
C LEU F 90 -16.97 53.52 -13.43
N THR F 91 -16.53 52.36 -13.86
CA THR F 91 -17.01 51.09 -13.29
C THR F 91 -16.43 50.85 -11.89
N ILE F 92 -17.30 50.50 -10.95
CA ILE F 92 -16.91 50.13 -9.61
C ILE F 92 -16.24 48.76 -9.66
N THR F 93 -14.97 48.71 -9.27
CA THR F 93 -14.21 47.45 -9.26
C THR F 93 -13.43 47.31 -7.96
N LEU F 94 -13.08 46.08 -7.63
CA LEU F 94 -12.30 45.79 -6.44
C LEU F 94 -10.96 46.51 -6.44
N VAL F 95 -10.18 46.39 -7.52
CA VAL F 95 -8.86 47.04 -7.53
C VAL F 95 -8.93 48.55 -7.42
N ARG F 96 -9.99 49.15 -7.94
CA ARG F 96 -10.20 50.60 -7.80
C ARG F 96 -10.67 51.00 -6.41
N GLU F 97 -11.62 50.25 -5.86
CA GLU F 97 -12.15 50.47 -4.51
CA GLU F 97 -12.13 50.54 -4.53
C GLU F 97 -11.05 50.39 -3.44
N GLU F 98 -9.96 49.68 -3.77
CA GLU F 98 -8.81 49.61 -2.88
C GLU F 98 -8.03 50.93 -2.79
N VAL F 99 -8.11 51.77 -3.82
CA VAL F 99 -7.33 53.02 -3.87
C VAL F 99 -8.15 54.33 -3.91
N ILE F 100 -9.41 54.25 -4.32
CA ILE F 100 -10.31 55.41 -4.30
C ILE F 100 -11.62 54.96 -3.67
N ASP F 101 -12.50 55.92 -3.34
CA ASP F 101 -13.85 55.60 -2.87
C ASP F 101 -14.87 55.81 -3.96
N PHE F 102 -15.89 54.94 -4.00
CA PHE F 102 -17.02 55.09 -4.91
C PHE F 102 -18.31 55.30 -4.14
N SER F 103 -19.14 56.20 -4.64
CA SER F 103 -20.54 56.27 -4.23
C SER F 103 -21.26 54.94 -4.54
N LYS F 104 -22.43 54.74 -3.95
CA LYS F 104 -23.37 53.78 -4.50
C LYS F 104 -23.56 53.99 -6.02
N PRO F 105 -23.83 52.90 -6.75
CA PRO F 105 -23.96 53.07 -8.21
C PRO F 105 -25.12 53.96 -8.63
N PHE F 106 -24.90 54.73 -9.69
CA PHE F 106 -25.96 55.54 -10.29
C PHE F 106 -26.56 54.92 -11.55
N MET F 107 -25.93 53.85 -12.04
CA MET F 107 -26.39 53.19 -13.27
C MET F 107 -25.86 51.76 -13.30
N SER F 108 -26.72 50.83 -13.72
CA SER F 108 -26.28 49.44 -13.91
C SER F 108 -25.79 49.21 -15.34
N LEU F 109 -24.87 48.25 -15.50
CA LEU F 109 -24.38 47.85 -16.81
C LEU F 109 -23.84 46.42 -16.74
N GLY F 110 -23.60 45.83 -17.90
CA GLY F 110 -22.78 44.61 -17.99
C GLY F 110 -22.03 44.58 -19.30
N ILE F 111 -20.96 43.79 -19.37
CA ILE F 111 -20.23 43.66 -20.63
C ILE F 111 -21.12 42.97 -21.67
N SER F 112 -21.02 43.42 -22.91
CA SER F 112 -21.90 42.96 -23.98
C SER F 112 -21.15 42.93 -25.28
N ILE F 113 -21.75 42.34 -26.30
CA ILE F 113 -21.14 42.20 -27.62
C ILE F 113 -21.81 43.10 -28.64
N MET F 114 -21.00 43.90 -29.35
CA MET F 114 -21.45 44.70 -30.48
C MET F 114 -21.00 44.07 -31.80
N ILE F 115 -21.97 43.80 -32.68
CA ILE F 115 -21.69 43.33 -34.04
C ILE F 115 -22.18 44.30 -35.10
N LYS F 116 -21.56 44.26 -36.28
CA LYS F 116 -22.19 44.84 -37.47
C LYS F 116 -23.39 43.94 -37.78
N LYS F 117 -24.52 44.56 -38.13
CA LYS F 117 -25.76 43.85 -38.48
C LYS F 117 -25.50 42.74 -39.50
N GLY F 118 -25.96 41.54 -39.15
CA GLY F 118 -25.86 40.35 -40.01
C GLY F 118 -24.68 39.45 -39.73
N THR F 119 -23.80 39.88 -38.82
CA THR F 119 -22.66 39.07 -38.36
C THR F 119 -23.20 37.80 -37.70
N PRO F 120 -22.71 36.64 -38.13
CA PRO F 120 -23.25 35.39 -37.61
C PRO F 120 -22.64 35.03 -36.24
N ILE F 121 -22.95 35.85 -35.24
CA ILE F 121 -22.52 35.67 -33.85
C ILE F 121 -23.70 36.03 -32.96
N GLU F 122 -24.02 35.17 -31.98
CA GLU F 122 -25.10 35.47 -31.02
C GLU F 122 -24.70 35.44 -29.52
N SER F 123 -23.48 35.01 -29.21
CA SER F 123 -23.02 34.89 -27.82
C SER F 123 -21.50 34.96 -27.71
N ALA F 124 -21.01 35.08 -26.48
CA ALA F 124 -19.58 34.98 -26.17
C ALA F 124 -19.06 33.59 -26.55
N GLU F 125 -19.82 32.54 -26.22
CA GLU F 125 -19.52 31.17 -26.66
C GLU F 125 -19.22 31.11 -28.17
N ASP F 126 -20.12 31.69 -28.99
CA ASP F 126 -19.95 31.81 -30.44
C ASP F 126 -18.62 32.44 -30.87
N LEU F 127 -18.26 33.58 -30.27
CA LEU F 127 -17.00 34.26 -30.59
C LEU F 127 -15.76 33.39 -30.36
N SER F 128 -15.73 32.73 -29.20
CA SER F 128 -14.62 31.91 -28.75
C SER F 128 -14.37 30.69 -29.62
N LYS F 129 -15.46 30.11 -30.14
CA LYS F 129 -15.42 28.86 -30.92
C LYS F 129 -15.11 29.04 -32.42
N GLN F 130 -14.59 30.22 -32.79
CA GLN F 130 -14.25 30.54 -34.18
C GLN F 130 -13.06 31.48 -34.30
N THR F 131 -12.70 31.83 -35.54
CA THR F 131 -11.46 32.56 -35.83
C THR F 131 -11.59 33.66 -36.91
N GLU F 132 -12.60 33.52 -37.79
CA GLU F 132 -12.80 34.43 -38.92
C GLU F 132 -13.17 35.86 -38.49
N ILE F 133 -13.90 35.95 -37.38
CA ILE F 133 -14.30 37.23 -36.80
C ILE F 133 -13.42 37.58 -35.60
N ALA F 134 -12.65 38.65 -35.75
CA ALA F 134 -11.78 39.21 -34.70
C ALA F 134 -12.64 39.88 -33.65
N TYR F 135 -12.13 39.96 -32.42
CA TYR F 135 -12.83 40.66 -31.32
C TYR F 135 -11.90 41.17 -30.25
N GLY F 136 -12.22 42.35 -29.71
CA GLY F 136 -11.38 42.97 -28.68
C GLY F 136 -12.13 43.88 -27.72
N THR F 137 -11.37 44.59 -26.90
CA THR F 137 -11.94 45.48 -25.87
C THR F 137 -11.23 46.85 -25.87
N LEU F 138 -11.73 47.76 -25.03
CA LEU F 138 -11.06 49.01 -24.74
C LEU F 138 -9.82 48.79 -23.86
N ASP F 139 -8.72 49.48 -24.19
CA ASP F 139 -7.53 49.52 -23.33
C ASP F 139 -7.79 50.30 -22.04
N SER F 140 -7.10 49.89 -20.96
CA SER F 140 -7.05 50.66 -19.69
C SER F 140 -8.40 50.84 -18.98
N GLY F 141 -9.28 49.86 -19.16
CA GLY F 141 -10.61 49.88 -18.59
C GLY F 141 -10.98 48.58 -17.90
N SER F 142 -12.21 48.53 -17.40
CA SER F 142 -12.67 47.42 -16.59
C SER F 142 -13.01 46.20 -17.43
N THR F 143 -13.39 46.41 -18.69
CA THR F 143 -13.74 45.28 -19.58
C THR F 143 -12.49 44.45 -19.87
N LYS F 144 -11.39 45.13 -20.21
CA LYS F 144 -10.13 44.42 -20.44
C LYS F 144 -9.73 43.60 -19.21
N GLU F 145 -9.83 44.21 -18.04
CA GLU F 145 -9.44 43.57 -16.77
C GLU F 145 -10.29 42.33 -16.52
N PHE F 146 -11.59 42.43 -16.84
CA PHE F 146 -12.51 41.31 -16.74
C PHE F 146 -12.00 40.07 -17.47
N PHE F 147 -11.57 40.25 -18.71
CA PHE F 147 -11.09 39.13 -19.51
C PHE F 147 -9.74 38.62 -19.06
N ARG F 148 -8.84 39.56 -18.69
CA ARG F 148 -7.52 39.23 -18.12
C ARG F 148 -7.63 38.31 -16.90
N ARG F 149 -8.62 38.59 -16.04
CA ARG F 149 -8.77 37.91 -14.74
C ARG F 149 -9.75 36.73 -14.70
N SER F 150 -10.49 36.51 -15.79
CA SER F 150 -11.58 35.52 -15.82
C SER F 150 -11.11 34.06 -15.76
N LYS F 151 -11.82 33.27 -14.94
CA LYS F 151 -11.61 31.82 -14.80
C LYS F 151 -12.64 30.99 -15.58
N ILE F 152 -13.76 31.63 -15.94
CA ILE F 152 -14.82 31.02 -16.75
C ILE F 152 -14.21 30.64 -18.09
N ALA F 153 -14.41 29.39 -18.51
CA ALA F 153 -13.71 28.78 -19.65
C ALA F 153 -13.85 29.52 -20.97
N VAL F 154 -15.07 29.99 -21.27
CA VAL F 154 -15.33 30.76 -22.49
C VAL F 154 -14.49 32.04 -22.48
N PHE F 155 -14.53 32.75 -21.37
CA PHE F 155 -13.89 34.07 -21.27
C PHE F 155 -12.36 33.95 -21.22
N ASP F 156 -11.87 32.87 -20.59
CA ASP F 156 -10.43 32.55 -20.52
C ASP F 156 -9.86 32.28 -21.92
N LYS F 157 -10.59 31.47 -22.69
CA LYS F 157 -10.28 31.19 -24.10
C LYS F 157 -10.32 32.48 -24.94
N MET F 158 -11.27 33.36 -24.64
CA MET F 158 -11.39 34.65 -25.33
C MET F 158 -10.16 35.54 -25.08
N TRP F 159 -9.75 35.61 -23.82
CA TRP F 159 -8.56 36.39 -23.44
C TRP F 159 -7.27 35.86 -24.06
N THR F 160 -7.10 34.53 -24.02
CA THR F 160 -5.94 33.86 -24.62
C THR F 160 -5.82 34.24 -26.10
N TYR F 161 -6.95 34.24 -26.81
CA TYR F 161 -6.97 34.75 -28.19
C TYR F 161 -6.62 36.26 -28.23
N MET F 162 -7.27 37.06 -27.38
CA MET F 162 -7.17 38.52 -27.46
C MET F 162 -5.79 39.06 -27.12
N ARG F 163 -5.20 38.57 -26.02
CA ARG F 163 -3.88 39.03 -25.57
C ARG F 163 -2.78 38.79 -26.61
N SER F 164 -2.94 37.76 -27.43
CA SER F 164 -1.90 37.31 -28.38
C SER F 164 -2.16 37.66 -29.85
N ALA F 165 -3.38 38.13 -30.15
CA ALA F 165 -3.84 38.38 -31.53
C ALA F 165 -3.02 39.41 -32.30
N GLU F 166 -2.83 39.16 -33.60
CA GLU F 166 -2.15 40.08 -34.51
C GLU F 166 -2.96 40.26 -35.82
N PRO F 167 -3.24 41.51 -36.23
CA PRO F 167 -2.88 42.73 -35.48
C PRO F 167 -3.78 42.97 -34.27
N SER F 168 -3.31 43.81 -33.36
CA SER F 168 -3.96 44.08 -32.06
C SER F 168 -5.47 44.28 -32.15
N VAL F 169 -6.17 43.67 -31.22
CA VAL F 169 -7.64 43.72 -31.17
C VAL F 169 -8.14 44.78 -30.17
N PHE F 170 -7.22 45.35 -29.40
CA PHE F 170 -7.57 46.35 -28.39
C PHE F 170 -7.56 47.74 -28.99
N VAL F 171 -8.43 48.61 -28.48
CA VAL F 171 -8.58 49.98 -29.00
C VAL F 171 -8.36 51.02 -27.90
N ARG F 172 -8.00 52.24 -28.31
CA ARG F 172 -7.72 53.35 -27.38
C ARG F 172 -8.99 54.04 -26.83
N THR F 173 -10.05 54.07 -27.63
CA THR F 173 -11.33 54.73 -27.28
C THR F 173 -12.52 53.92 -27.76
N THR F 174 -13.67 54.11 -27.13
CA THR F 174 -14.91 53.49 -27.61
C THR F 174 -15.18 53.84 -29.07
N ALA F 175 -15.01 55.12 -29.43
CA ALA F 175 -15.23 55.57 -30.81
C ALA F 175 -14.41 54.75 -31.80
N GLU F 176 -13.16 54.45 -31.44
CA GLU F 176 -12.28 53.58 -32.24
C GLU F 176 -12.81 52.16 -32.41
N GLY F 177 -13.30 51.57 -31.31
CA GLY F 177 -13.90 50.24 -31.32
C GLY F 177 -15.11 50.18 -32.22
N VAL F 178 -15.99 51.19 -32.08
CA VAL F 178 -17.23 51.28 -32.86
C VAL F 178 -16.94 51.43 -34.38
N ALA F 179 -16.03 52.35 -34.71
CA ALA F 179 -15.62 52.57 -36.11
C ALA F 179 -15.06 51.31 -36.76
N ARG F 180 -14.23 50.57 -36.00
CA ARG F 180 -13.68 49.28 -36.43
C ARG F 180 -14.77 48.27 -36.78
N VAL F 181 -15.74 48.06 -35.87
CA VAL F 181 -16.91 47.22 -36.18
C VAL F 181 -17.56 47.62 -37.52
N ARG F 182 -17.81 48.93 -37.66
CA ARG F 182 -18.59 49.47 -38.78
C ARG F 182 -17.90 49.32 -40.12
N LYS F 183 -16.56 49.39 -40.12
CA LYS F 183 -15.76 49.37 -41.34
C LYS F 183 -15.18 48.00 -41.70
N SER F 184 -15.34 47.02 -40.82
CA SER F 184 -14.69 45.71 -41.00
C SER F 184 -15.56 44.63 -41.66
N LYS F 185 -16.69 45.06 -42.24
CA LYS F 185 -17.58 44.19 -43.05
C LYS F 185 -18.05 42.91 -42.33
N GLY F 186 -18.24 43.01 -41.02
CA GLY F 186 -18.65 41.87 -40.20
C GLY F 186 -17.53 41.04 -39.58
N LYS F 187 -16.27 41.42 -39.86
CA LYS F 187 -15.12 40.63 -39.40
C LYS F 187 -14.51 41.06 -38.05
N TYR F 188 -15.08 42.10 -37.44
CA TYR F 188 -14.69 42.53 -36.09
C TYR F 188 -15.93 42.72 -35.22
N ALA F 189 -15.89 42.12 -34.04
CA ALA F 189 -16.91 42.31 -33.00
C ALA F 189 -16.27 42.99 -31.81
N TYR F 190 -17.01 43.90 -31.18
CA TYR F 190 -16.46 44.69 -30.08
C TYR F 190 -17.12 44.38 -28.75
N LEU F 191 -16.31 44.19 -27.71
CA LEU F 191 -16.78 43.93 -26.35
C LEU F 191 -16.76 45.22 -25.57
N LEU F 192 -17.95 45.67 -25.15
CA LEU F 192 -18.12 46.95 -24.49
C LEU F 192 -19.34 46.90 -23.58
N GLU F 193 -19.45 47.90 -22.71
CA GLU F 193 -20.53 47.96 -21.76
C GLU F 193 -21.88 48.19 -22.44
N SER F 194 -22.88 47.50 -21.90
CA SER F 194 -24.24 47.46 -22.44
C SER F 194 -24.86 48.85 -22.63
N THR F 195 -24.58 49.75 -21.69
CA THR F 195 -24.97 51.16 -21.74
C THR F 195 -24.53 51.83 -23.05
N MET F 196 -23.25 51.67 -23.38
CA MET F 196 -22.69 52.31 -24.56
CA MET F 196 -22.67 52.30 -24.59
C MET F 196 -23.19 51.60 -25.82
N ASN F 197 -23.24 50.27 -25.76
CA ASN F 197 -23.72 49.43 -26.85
C ASN F 197 -25.16 49.83 -27.24
N GLU F 198 -26.03 49.91 -26.24
CA GLU F 198 -27.46 50.27 -26.42
C GLU F 198 -27.62 51.68 -27.01
N TYR F 199 -26.80 52.63 -26.55
CA TYR F 199 -26.82 53.99 -27.11
C TYR F 199 -26.49 53.99 -28.60
N ILE F 200 -25.36 53.37 -28.95
CA ILE F 200 -24.85 53.35 -30.33
C ILE F 200 -25.83 52.66 -31.27
N GLU F 201 -26.50 51.60 -30.79
CA GLU F 201 -27.46 50.89 -31.65
C GLU F 201 -28.68 51.76 -32.04
N GLN F 202 -28.96 52.80 -31.24
CA GLN F 202 -30.04 53.77 -31.57
C GLN F 202 -29.58 55.05 -32.28
N ARG F 203 -28.36 55.02 -32.83
CA ARG F 203 -27.82 56.16 -33.58
C ARG F 203 -27.50 55.79 -35.02
N LYS F 204 -27.67 56.77 -35.93
CA LYS F 204 -27.28 56.64 -37.33
C LYS F 204 -25.77 56.33 -37.40
N PRO F 205 -25.33 55.43 -38.28
CA PRO F 205 -26.13 54.89 -39.40
C PRO F 205 -26.92 53.61 -39.12
N CYS F 206 -27.19 53.30 -37.84
CA CYS F 206 -28.08 52.20 -37.46
C CYS F 206 -27.62 50.85 -38.02
N ASP F 207 -26.31 50.60 -37.98
CA ASP F 207 -25.71 49.43 -38.62
C ASP F 207 -25.05 48.48 -37.62
N THR F 208 -25.26 48.76 -36.33
CA THR F 208 -24.71 47.89 -35.29
C THR F 208 -25.84 47.35 -34.43
N MET F 209 -25.54 46.29 -33.69
CA MET F 209 -26.46 45.81 -32.66
C MET F 209 -25.80 45.02 -31.54
N LYS F 210 -26.49 45.02 -30.41
CA LYS F 210 -26.10 44.26 -29.23
C LYS F 210 -26.66 42.87 -29.40
N VAL F 211 -25.81 41.86 -29.23
CA VAL F 211 -26.26 40.45 -29.31
C VAL F 211 -25.92 39.68 -28.04
N GLY F 212 -26.82 38.77 -27.65
CA GLY F 212 -26.67 37.94 -26.46
C GLY F 212 -26.93 38.67 -25.15
N GLY F 213 -26.79 37.93 -24.05
CA GLY F 213 -27.02 38.49 -22.72
C GLY F 213 -25.76 39.23 -22.26
N ASN F 214 -25.90 40.03 -21.21
CA ASN F 214 -24.72 40.65 -20.60
C ASN F 214 -23.85 39.59 -19.92
N LEU F 215 -22.54 39.80 -19.93
CA LEU F 215 -21.61 38.83 -19.35
C LEU F 215 -21.46 38.93 -17.84
N ASP F 216 -21.78 40.11 -17.31
CA ASP F 216 -21.69 40.36 -15.87
C ASP F 216 -22.71 41.40 -15.48
N SER F 217 -22.75 41.76 -14.20
CA SER F 217 -23.64 42.76 -13.66
C SER F 217 -22.88 43.64 -12.72
N LYS F 218 -22.83 44.93 -13.02
CA LYS F 218 -22.07 45.86 -12.17
C LYS F 218 -22.64 47.25 -12.28
N GLY F 219 -21.92 48.24 -11.76
CA GLY F 219 -22.46 49.60 -11.71
C GLY F 219 -21.38 50.63 -11.95
N TYR F 220 -21.81 51.81 -12.35
CA TYR F 220 -20.92 52.98 -12.37
C TYR F 220 -21.11 53.71 -11.06
N GLY F 221 -20.03 54.29 -10.52
CA GLY F 221 -20.11 55.11 -9.33
C GLY F 221 -19.35 56.41 -9.47
N ILE F 222 -19.71 57.38 -8.65
CA ILE F 222 -18.96 58.64 -8.55
C ILE F 222 -17.79 58.39 -7.61
N ALA F 223 -16.59 58.71 -8.08
CA ALA F 223 -15.39 58.41 -7.30
C ALA F 223 -14.70 59.63 -6.69
N THR F 224 -14.19 59.48 -5.46
CA THR F 224 -13.42 60.52 -4.77
C THR F 224 -12.13 59.90 -4.23
N PRO F 225 -11.07 60.70 -4.08
CA PRO F 225 -9.83 60.21 -3.44
C PRO F 225 -10.07 59.88 -1.97
N LYS F 226 -9.32 58.91 -1.43
CA LYS F 226 -9.37 58.56 0.00
CA LYS F 226 -9.48 58.60 -0.01
C LYS F 226 -9.13 59.83 0.82
N GLY F 227 -9.88 60.00 1.90
CA GLY F 227 -9.74 61.18 2.75
C GLY F 227 -10.61 62.37 2.35
N SER F 228 -11.30 62.30 1.20
CA SER F 228 -12.15 63.40 0.71
C SER F 228 -13.31 63.81 1.64
N SER F 229 -13.42 65.11 1.90
CA SER F 229 -14.54 65.64 2.68
C SER F 229 -15.89 65.54 1.96
N LEU F 230 -15.86 65.26 0.65
CA LEU F 230 -17.07 65.13 -0.17
C LEU F 230 -17.72 63.74 -0.15
N ARG F 231 -16.98 62.73 0.31
CA ARG F 231 -17.40 61.31 0.22
C ARG F 231 -18.83 61.03 0.68
N ASN F 232 -19.17 61.37 1.92
CA ASN F 232 -20.49 61.07 2.48
C ASN F 232 -21.61 61.80 1.72
N ALA F 233 -21.43 63.11 1.48
CA ALA F 233 -22.47 63.91 0.85
C ALA F 233 -22.76 63.43 -0.56
N VAL F 234 -21.71 63.09 -1.30
CA VAL F 234 -21.85 62.58 -2.67
C VAL F 234 -22.61 61.25 -2.68
N ASN F 235 -22.27 60.36 -1.75
CA ASN F 235 -22.92 59.08 -1.64
C ASN F 235 -24.42 59.26 -1.39
N LEU F 236 -24.75 60.08 -0.40
CA LEU F 236 -26.15 60.36 -0.08
C LEU F 236 -26.89 61.06 -1.23
N ALA F 237 -26.21 61.95 -1.94
CA ALA F 237 -26.80 62.64 -3.10
C ALA F 237 -27.17 61.68 -4.22
N VAL F 238 -26.31 60.70 -4.52
CA VAL F 238 -26.62 59.70 -5.52
C VAL F 238 -27.90 58.95 -5.14
N LEU F 239 -28.04 58.59 -3.87
CA LEU F 239 -29.26 57.90 -3.42
C LEU F 239 -30.51 58.77 -3.52
N LYS F 240 -30.37 60.04 -3.17
CA LYS F 240 -31.45 61.06 -3.27
C LYS F 240 -31.94 61.13 -4.71
N LEU F 241 -30.99 61.26 -5.66
CA LEU F 241 -31.32 61.41 -7.08
C LEU F 241 -32.00 60.19 -7.67
N ASN F 242 -31.61 59.00 -7.23
CA ASN F 242 -32.25 57.78 -7.70
C ASN F 242 -33.70 57.73 -7.22
N GLU F 243 -33.90 58.01 -5.94
CA GLU F 243 -35.22 57.90 -5.32
C GLU F 243 -36.21 58.96 -5.80
N GLN F 244 -35.70 60.11 -6.24
CA GLN F 244 -36.53 61.20 -6.75
C GLN F 244 -36.93 60.96 -8.20
N GLY F 245 -36.40 59.90 -8.80
CA GLY F 245 -36.66 59.54 -10.18
C GLY F 245 -35.76 60.26 -11.19
N LEU F 246 -34.82 61.07 -10.70
CA LEU F 246 -33.98 61.91 -11.57
C LEU F 246 -33.04 61.10 -12.46
N LEU F 247 -32.41 60.07 -11.89
CA LEU F 247 -31.53 59.21 -12.66
C LEU F 247 -32.26 58.53 -13.81
N ASP F 248 -33.50 58.07 -13.55
CA ASP F 248 -34.31 57.46 -14.59
C ASP F 248 -34.71 58.43 -15.69
N LYS F 249 -35.06 59.67 -15.30
CA LYS F 249 -35.36 60.73 -16.25
C LYS F 249 -34.16 61.01 -17.16
N LEU F 250 -32.97 61.08 -16.55
CA LEU F 250 -31.73 61.35 -17.29
C LEU F 250 -31.36 60.25 -18.29
N LYS F 251 -31.58 58.99 -17.92
CA LYS F 251 -31.36 57.87 -18.84
C LYS F 251 -32.31 57.97 -20.03
N ASN F 252 -33.59 58.26 -19.75
CA ASN F 252 -34.58 58.48 -20.81
C ASN F 252 -34.20 59.66 -21.73
N LYS F 253 -33.70 60.74 -21.12
CA LYS F 253 -33.30 61.95 -21.86
C LYS F 253 -32.17 61.65 -22.85
N TRP F 254 -31.19 60.89 -22.40
CA TRP F 254 -29.95 60.72 -23.18
C TRP F 254 -29.88 59.48 -24.07
N TRP F 255 -30.70 58.48 -23.76
CA TRP F 255 -30.77 57.23 -24.55
C TRP F 255 -32.01 57.21 -25.46
N TYR F 256 -33.19 57.08 -24.84
CA TYR F 256 -34.47 56.90 -25.54
C TYR F 256 -34.84 58.09 -26.43
N ASP F 257 -34.87 59.29 -25.83
CA ASP F 257 -35.19 60.53 -26.54
C ASP F 257 -34.02 60.92 -27.46
N LYS F 258 -34.38 61.60 -28.56
CA LYS F 258 -33.44 61.94 -29.66
C LYS F 258 -32.78 60.70 -30.33
N GLY F 259 -33.34 59.51 -30.05
CA GLY F 259 -32.96 58.25 -30.71
C GLY F 259 -33.27 58.34 -32.20
N GLU F 260 -32.37 57.79 -33.02
CA GLU F 260 -32.35 58.07 -34.46
C GLU F 260 -32.81 56.93 -35.37
N CYS F 261 -32.90 55.72 -34.82
CA CYS F 261 -33.16 54.51 -35.61
C CYS F 261 -34.62 54.06 -35.54
N GLY F 262 -35.51 54.98 -35.17
CA GLY F 262 -36.95 54.71 -35.04
C GLY F 262 -37.42 54.75 -33.60
N GLU G . 34.15 -46.05 -3.37
CA GLU G . 35.47 -46.71 -3.65
C GLU G . 36.48 -46.39 -2.55
O GLU G . 37.64 -46.83 -2.60
CB GLU G . 36.00 -46.30 -5.02
CG GLU G . 35.34 -47.00 -6.20
CD GLU G . 35.69 -48.48 -6.35
OE1 GLU G . 34.96 -49.17 -7.09
OE2 GLU G . 36.71 -48.93 -5.77
OXT GLU G . 36.14 -45.70 -1.58
ZN ZN H . 18.41 -29.97 6.51
C4 9C3 I . 24.08 -48.89 4.14
C4 9C3 I . 23.49 -51.48 5.82
C5 9C3 I . 24.52 -50.96 5.24
C5 9C3 I . 23.27 -49.20 5.15
C6 9C3 I . 22.87 -48.86 4.78
C6 9C3 I . 24.61 -51.57 5.03
C7 9C3 I . 25.51 -54.52 5.63
C7 9C3 I . 21.62 -46.15 3.83
C8 9C3 I . 24.78 -53.31 5.41
C8 9C3 I . 22.29 -47.39 3.97
C10 9C3 I . 25.35 -52.11 5.50
C10 9C3 I . 22.59 -47.93 5.17
C13 9C3 I . 29.20 -52.10 7.23
C13 9C3 I . 22.27 -45.26 8.42
C15 9C3 I . 21.73 -46.39 6.38
C15 9C3 I . 27.30 -51.94 5.93
C1 9C3 I . 23.30 -50.92 5.87
C1 9C3 I . 24.38 -49.32 4.36
C2 9C3 I . 24.92 -49.95 4.38
C2 9C3 I . 22.82 -50.27 5.88
C3 9C3 I . 22.47 -49.85 5.64
C3 9C3 I . 25.05 -50.51 4.29
C9 9C3 I . 26.80 -54.43 5.92
C9 9C3 I . 21.30 -45.48 4.92
C11 9C3 I . 26.79 -52.04 5.85
C11 9C3 I . 22.21 -47.15 6.38
C12 9C3 I . 28.87 -53.25 6.33
C12 9C3 I . 21.27 -45.09 7.31
C14 9C3 I . 21.93 -45.62 4.09
C14 9C3 I . 26.67 -54.32 5.99
C16 9C3 I . 22.45 -46.62 5.08
C16 9C3 I . 26.14 -52.89 6.05
N17 9C3 I . 27.27 -50.84 5.97
N17 9C3 I . 22.48 -47.70 7.52
N18 9C3 I . 27.47 -53.23 6.02
N18 9C3 I . 21.60 -45.93 6.19
O19 9C3 I . 29.70 -50.57 5.20
O19 9C3 I . 20.80 -47.13 9.47
O20 9C3 I . 28.93 -49.57 7.36
O20 9C3 I . 23.31 -47.11 9.80
O21 9C3 I . 21.98 -47.84 4.57
O21 9C3 I . 25.30 -52.76 4.93
S22 9C3 I . 28.83 -50.61 6.37
S22 9C3 I . 22.16 -46.95 8.95
N GLU J . 14.23 -53.67 14.36
CA GLU J . 13.16 -52.87 15.04
C GLU J . 13.73 -52.08 16.20
O GLU J . 12.98 -51.41 16.94
CB GLU J . 12.00 -53.76 15.50
CG GLU J . 11.06 -54.21 14.39
CD GLU J . 10.12 -53.12 13.88
OE1 GLU J . 9.55 -53.32 12.78
OE2 GLU J . 9.94 -52.07 14.55
OXT GLU J . 14.94 -52.10 16.39
ZN ZN K . 35.56 -65.12 12.12
ZN ZN L . 39.67 -60.54 14.61
C4 9C3 M . 2.73 2.83 6.47
C4 9C3 M . 5.20 2.84 4.73
C5 9C3 M . 4.49 3.67 5.10
C5 9C3 M . 3.69 2.13 6.45
C6 9C3 M . 3.35 1.61 6.50
C6 9C3 M . 4.45 3.96 4.55
C7 9C3 M . 6.17 5.38 2.23
C7 9C3 M . 1.38 -0.07 8.37
C8 9C3 M . 5.53 4.44 3.09
C8 9C3 M . 1.96 0.84 7.45
C10 9C3 M . 5.13 4.74 4.33
C10 9C3 M . 3.25 1.19 7.47
C13 9C3 M . 6.76 8.30 5.83
C13 9C3 M . 5.23 0.26 11.03
C15 9C3 M . 4.19 0.37 9.05
C15 9C3 M . 5.70 6.72 4.71
C1 9C3 M . 5.11 2.45 5.13
C1 9C3 M . 2.94 3.26 6.25
C2 9C3 M . 3.31 3.86 5.77
C2 9C3 M . 4.83 1.92 5.70
C3 9C3 M . 4.54 1.42 5.83
C3 9C3 M . 3.31 4.17 5.30
C9 9C3 M . 6.40 6.60 2.68
C9 9C3 M . 2.15 -0.58 9.34
C11 9C3 M . 5.41 6.11 4.80
C11 9C3 M . 4.07 0.63 8.55
C12 9C3 M . 6.39 8.33 4.37
C12 9C3 M . 4.21 -0.77 10.59
C14 9C3 M . 1.77 -0.09 9.16
C14 9C3 M . 6.58 5.91 2.57
C16 9C3 M . 2.83 0.79 8.55
C16 9C3 M . 6.00 5.49 3.89
N17 9C3 M . 5.04 6.34 6.03
N17 9C3 M . 5.31 1.02 8.56
N18 9C3 M . 6.05 6.99 3.95
N18 9C3 M . 3.47 -0.24 9.46
O19 9C3 M . 4.24 8.76 6.44
O19 9C3 M . 7.05 -0.72 9.37
O20 9C3 M . 5.77 7.62 8.09
O20 9C3 M . 7.17 1.66 10.13
O21 9C3 M . 2.81 0.53 7.17
O21 9C3 M . 4.75 4.91 3.60
S22 9C3 M . 5.31 7.80 6.72
S22 9C3 M . 6.37 0.55 9.70
N GLU N . 13.82 -6.66 4.02
CA GLU N . 14.09 -7.93 4.78
C GLU N . 14.81 -7.64 6.08
O GLU N . 15.13 -8.56 6.86
CB GLU N . 14.87 -8.95 3.93
CG GLU N . 14.05 -9.70 2.89
CD GLU N . 13.09 -10.71 3.48
OE1 GLU N . 12.18 -11.11 2.72
OE2 GLU N . 13.21 -11.10 4.67
OXT GLU N . 15.07 -6.47 6.39
ZN ZN O . 16.19 16.37 -2.02
C ACT P . 12.79 -27.49 -4.10
O ACT P . 13.46 -26.64 -4.74
OXT ACT P . 12.98 -27.75 -2.89
CH3 ACT P . 11.69 -28.24 -4.82
C ACT Q . 8.07 19.88 2.94
O ACT Q . 7.67 19.03 2.13
OXT ACT Q . 7.49 20.10 4.03
CH3 ACT Q . 9.28 20.68 2.57
N GLU R . -5.40 12.65 7.77
CA GLU R . -5.43 14.06 7.37
C GLU R . -4.57 14.90 8.31
O GLU R . -4.47 16.12 8.11
CB GLU R . -6.87 14.61 7.35
CG GLU R . -7.67 14.21 6.12
CD GLU R . -7.20 14.88 4.84
OE1 GLU R . -7.57 14.32 3.79
OE2 GLU R . -6.46 15.90 4.86
OXT GLU R . -4.01 14.35 9.26
ZN ZN S . -22.68 0.95 25.26
ZN ZN T . -1.87 -6.12 22.22
ZN ZN U . 2.18 26.68 -8.30
C ACT V . -19.99 22.29 -6.24
O ACT V . -20.47 21.62 -5.29
OXT ACT V . -19.23 23.29 -6.07
CH3 ACT V . -20.30 21.87 -7.64
C ACT W . -22.94 -0.99 23.22
O ACT W . -24.03 -0.53 23.62
OXT ACT W . -21.86 -0.60 23.72
CH3 ACT W . -22.92 -2.01 22.12
C ACT X . 6.95 -9.01 18.45
O ACT X . 6.13 -9.12 17.52
OXT ACT X . 8.15 -8.74 18.26
CH3 ACT X . 6.44 -9.24 19.84
C4 9C3 Y . -27.04 46.58 -8.46
C4 9C3 Y . -26.50 49.27 -10.04
C5 9C3 Y . -27.21 48.87 -9.12
C5 9C3 Y . -26.07 47.14 -9.07
C6 9C3 Y . -25.96 46.45 -9.30
C6 9C3 Y . -27.63 49.36 -9.27
C7 9C3 Y . -28.77 52.01 -10.34
C7 9C3 Y . -25.19 43.51 -8.96
C8 9C3 Y . -28.15 50.74 -10.26
C8 9C3 Y . -25.88 44.75 -9.07
C10 9C3 Y . -27.84 50.18 -9.08
C10 9C3 Y . -25.27 45.94 -8.95
C13 9C3 Y . -28.17 52.80 -5.76
C13 9C3 Y . -21.41 45.85 -7.22
C15 9C3 Y . -23.18 45.34 -8.46
C15 9C3 Y . -28.04 50.30 -6.98
C1 9C3 Y . -26.13 48.73 -9.96
C1 9C3 Y . -27.21 47.24 -8.32
C2 9C3 Y . -27.67 47.81 -8.38
C2 9C3 Y . -25.70 48.14 -9.93
C3 9C3 Y . -25.50 47.51 -10.04
C3 9C3 Y . -27.99 48.35 -8.41
C9 9C3 Y . -29.06 52.66 -9.21
C9 9C3 Y . -23.89 43.55 -8.65
C11 9C3 Y . -28.15 50.93 -7.84
C11 9C3 Y . -23.82 45.93 -8.63
C12 9C3 Y . -29.21 52.90 -6.83
C12 9C3 Y . -21.82 44.63 -8.02
C14 9C3 Y . -24.65 43.41 -8.26
C14 9C3 Y . -29.12 52.29 -7.97
C16 9C3 Y . -24.61 44.92 -8.28
C16 9C3 Y . -28.09 51.22 -8.18
N17 9C3 Y . -27.78 50.37 -6.73
N17 9C3 Y . -23.24 47.10 -8.57
N18 9C3 Y . -28.79 52.14 -7.98
N18 9C3 Y . -23.20 44.72 -8.43
O19 9C3 Y . -29.36 50.73 -4.77
O19 9C3 Y . -20.70 47.18 -9.32
O20 9C3 Y . -26.89 51.00 -4.48
O20 9C3 Y . -21.54 48.36 -7.25
O21 9C3 Y . -25.30 45.26 -9.45
O21 9C3 Y . -28.44 50.48 -9.34
S22 9C3 Y . -28.05 51.09 -5.30
S22 9C3 Y . -21.65 47.29 -8.21
N GLU Z . -36.28 44.48 0.26
CA GLU Z . -37.34 45.27 0.94
C GLU Z . -36.78 46.09 2.09
O GLU Z . -37.51 46.82 2.78
CB GLU Z . -38.49 44.38 1.42
CG GLU Z . -39.47 43.95 0.34
CD GLU Z . -40.35 45.07 -0.24
OE1 GLU Z . -40.92 44.83 -1.33
OE2 GLU Z . -40.52 46.14 0.40
OXT GLU Z . -35.56 46.01 2.32
ZN ZN AA . -14.98 32.39 -1.66
ZN ZN BA . -39.90 23.64 10.89
N GLU CA . -16.58 51.86 -17.72
CA GLU CA . -15.26 51.28 -17.99
C GLU CA . -14.24 51.65 -16.91
O GLU CA . -13.06 51.29 -17.00
CB GLU CA . -14.74 51.72 -19.37
CG GLU CA . -15.40 50.99 -20.54
CD GLU CA . -14.97 49.54 -20.72
OE1 GLU CA . -15.68 48.83 -21.46
OE2 GLU CA . -13.92 49.10 -20.18
OXT GLU CA . -14.60 52.29 -15.92
ZN ZN DA . -32.29 67.47 -7.53
ZN ZN EA . 4.54 49.59 -18.07
ZN ZN FA . -13.96 71.93 -31.34
C ACT GA . -12.76 74.07 -30.00
O ACT GA . -12.83 73.73 -31.20
OXT ACT GA . -13.02 73.25 -29.11
CH3 ACT GA . -12.34 75.47 -29.64
C ACT HA . 7.19 50.51 -17.53
O ACT HA . 5.98 50.87 -17.56
OXT ACT HA . 7.50 49.31 -17.51
CH3 ACT HA . 8.28 51.54 -17.54
#